data_6SAP
#
_entry.id   6SAP
#
_entity_poly.entity_id   1
_entity_poly.type   'polypeptide(L)'
_entity_poly.pdbx_seq_one_letter_code
;GSHMSTDPVAASIMKIYTFNKDQDRVKLGVDTIAKYLDNIHLHPEEEKYRKIKLQNKVFQERINCLEGTHEFFEAIGFQK
VLLPAQDQEDPEEFYVLSETTLAQPQSLERHKEQLLAAE
;
_entity_poly.pdbx_strand_id   A
#
# COMPACT_ATOMS: atom_id res chain seq x y z
N GLY A 1 -9.51 -13.43 1.71
CA GLY A 1 -8.18 -14.00 1.45
C GLY A 1 -8.14 -15.46 1.77
N SER A 2 -7.12 -15.92 2.48
CA SER A 2 -7.03 -17.32 2.88
C SER A 2 -7.91 -17.55 4.09
N HIS A 3 -8.06 -16.49 4.88
CA HIS A 3 -8.82 -16.49 6.14
C HIS A 3 -8.13 -17.37 7.17
N MET A 4 -8.73 -17.46 8.36
CA MET A 4 -8.19 -18.15 9.54
C MET A 4 -6.94 -17.45 10.08
N SER A 5 -6.88 -17.29 11.40
CA SER A 5 -5.77 -16.59 12.09
C SER A 5 -5.56 -15.16 11.55
N THR A 6 -6.66 -14.56 11.09
CA THR A 6 -6.69 -13.21 10.49
C THR A 6 -5.94 -13.10 9.16
N ASP A 7 -6.66 -12.64 8.16
CA ASP A 7 -6.11 -12.43 6.83
C ASP A 7 -4.99 -11.40 6.93
N PRO A 8 -4.00 -11.45 6.04
CA PRO A 8 -2.84 -10.55 6.00
C PRO A 8 -3.05 -9.08 6.06
N VAL A 9 -4.02 -8.58 5.31
CA VAL A 9 -4.08 -7.20 5.12
C VAL A 9 -4.66 -6.80 6.43
N ALA A 10 -5.65 -7.59 6.84
CA ALA A 10 -6.43 -7.29 8.00
C ALA A 10 -5.49 -7.28 9.22
N ALA A 11 -4.59 -8.27 9.24
CA ALA A 11 -3.59 -8.42 10.29
C ALA A 11 -2.67 -7.20 10.29
N SER A 12 -2.25 -6.76 9.13
CA SER A 12 -1.45 -5.53 9.11
C SER A 12 -2.24 -4.27 9.48
N ILE A 13 -3.53 -4.17 9.21
CA ILE A 13 -4.27 -2.99 9.67
C ILE A 13 -4.18 -2.97 11.20
N MET A 14 -4.33 -4.14 11.80
CA MET A 14 -4.25 -4.25 13.25
C MET A 14 -2.90 -3.79 13.82
N LYS A 15 -1.76 -4.22 13.28
CA LYS A 15 -0.51 -3.87 13.87
C LYS A 15 -0.28 -2.39 13.74
N ILE A 16 -0.75 -1.79 12.65
CA ILE A 16 -0.44 -0.39 12.45
C ILE A 16 -1.01 0.47 13.58
N TYR A 17 -2.28 0.25 13.88
CA TYR A 17 -2.96 1.04 14.93
C TYR A 17 -2.50 0.68 16.34
N THR A 18 -2.15 -0.57 16.58
CA THR A 18 -1.77 -1.00 17.94
C THR A 18 -0.34 -0.66 18.33
N PHE A 19 0.62 -0.81 17.43
CA PHE A 19 1.99 -0.53 17.73
C PHE A 19 2.27 0.96 17.66
N ASN A 20 1.63 1.65 16.72
CA ASN A 20 1.83 3.09 16.59
C ASN A 20 0.69 3.88 17.21
N LYS A 21 0.88 4.22 18.47
CA LYS A 21 -0.09 5.03 19.23
C LYS A 21 -0.29 6.43 18.62
N ASP A 22 0.64 6.87 17.79
CA ASP A 22 0.55 8.20 17.18
C ASP A 22 -0.39 8.18 16.00
N GLN A 23 -1.65 8.45 16.29
CA GLN A 23 -2.71 8.44 15.29
C GLN A 23 -2.51 9.46 14.17
N ASP A 24 -1.73 10.51 14.41
CA ASP A 24 -1.45 11.47 13.34
C ASP A 24 -0.73 10.74 12.23
N ARG A 25 0.32 10.01 12.60
CA ARG A 25 1.09 9.26 11.62
C ARG A 25 0.32 8.08 11.04
N VAL A 26 -0.54 7.45 11.83
CA VAL A 26 -1.38 6.38 11.28
C VAL A 26 -2.23 6.97 10.17
N LYS A 27 -2.90 8.08 10.46
CA LYS A 27 -3.76 8.75 9.49
C LYS A 27 -2.97 9.27 8.29
N LEU A 28 -1.71 9.66 8.49
CA LEU A 28 -0.89 10.17 7.45
C LEU A 28 -0.60 9.06 6.45
N GLY A 29 -0.46 7.85 6.98
CA GLY A 29 -0.28 6.68 6.14
C GLY A 29 -1.54 6.44 5.35
N VAL A 30 -2.66 6.33 6.05
CA VAL A 30 -3.97 6.14 5.41
C VAL A 30 -4.27 7.16 4.33
N ASP A 31 -4.02 8.43 4.60
CA ASP A 31 -4.27 9.49 3.63
C ASP A 31 -3.48 9.21 2.36
N THR A 32 -2.19 8.96 2.52
CA THR A 32 -1.32 8.71 1.37
C THR A 32 -1.78 7.49 0.56
N ILE A 33 -2.08 6.40 1.23
CA ILE A 33 -2.49 5.17 0.54
C ILE A 33 -3.85 5.34 -0.13
N ALA A 34 -4.82 5.89 0.58
CA ALA A 34 -6.17 6.06 0.03
C ALA A 34 -6.11 6.96 -1.19
N LYS A 35 -5.29 7.99 -1.13
CA LYS A 35 -5.10 8.92 -2.24
C LYS A 35 -4.52 8.26 -3.47
N TYR A 36 -3.49 7.45 -3.28
CA TYR A 36 -2.89 6.71 -4.36
C TYR A 36 -3.92 5.78 -4.99
N LEU A 37 -4.69 5.11 -4.15
CA LEU A 37 -5.71 4.19 -4.64
C LEU A 37 -6.85 4.91 -5.32
N ASP A 38 -7.12 6.15 -4.94
CA ASP A 38 -8.20 6.92 -5.53
C ASP A 38 -7.98 7.09 -7.02
N ASN A 39 -6.79 7.54 -7.43
CA ASN A 39 -6.53 7.75 -8.85
C ASN A 39 -6.73 6.47 -9.66
N ILE A 40 -6.42 5.34 -9.04
CA ILE A 40 -6.58 4.03 -9.68
C ILE A 40 -8.07 3.61 -9.70
N HIS A 41 -8.78 3.94 -8.63
CA HIS A 41 -10.20 3.58 -8.49
C HIS A 41 -11.14 4.47 -9.33
N LEU A 42 -10.91 5.78 -9.31
CA LEU A 42 -11.76 6.71 -10.03
C LEU A 42 -11.55 6.60 -11.54
N HIS A 43 -10.33 6.34 -11.97
CA HIS A 43 -10.02 6.15 -13.36
C HIS A 43 -9.36 4.76 -13.52
N PRO A 44 -10.18 3.69 -13.55
CA PRO A 44 -9.59 2.35 -13.64
C PRO A 44 -8.91 2.07 -14.97
N GLU A 45 -9.25 2.86 -16.00
CA GLU A 45 -8.67 2.69 -17.32
C GLU A 45 -7.26 3.28 -17.36
N GLU A 46 -6.96 4.19 -16.45
CA GLU A 46 -5.65 4.80 -16.40
C GLU A 46 -4.69 3.95 -15.56
N GLU A 47 -4.35 2.79 -16.10
CA GLU A 47 -3.42 1.86 -15.52
C GLU A 47 -2.08 2.54 -15.21
N LYS A 48 -1.80 3.57 -15.98
CA LYS A 48 -0.63 4.43 -15.82
C LYS A 48 -0.44 5.02 -14.43
N TYR A 49 -1.45 4.99 -13.58
CA TYR A 49 -1.28 5.52 -12.21
C TYR A 49 -0.77 4.50 -11.20
N ARG A 50 -0.82 3.22 -11.54
CA ARG A 50 -0.55 2.12 -10.59
C ARG A 50 0.92 1.90 -10.29
N LYS A 51 1.67 2.98 -10.31
CA LYS A 51 3.11 2.97 -10.14
C LYS A 51 3.57 3.93 -9.03
N ILE A 52 4.24 3.38 -8.01
CA ILE A 52 4.72 4.20 -6.89
C ILE A 52 6.16 3.83 -6.51
N LYS A 53 7.14 4.66 -6.87
CA LYS A 53 8.53 4.39 -6.48
C LYS A 53 8.62 4.62 -4.97
N LEU A 54 9.46 3.86 -4.28
CA LEU A 54 9.60 4.00 -2.83
C LEU A 54 10.54 5.14 -2.43
N GLN A 55 11.48 5.47 -3.30
CA GLN A 55 12.49 6.51 -3.02
C GLN A 55 12.00 7.95 -3.14
N ASN A 56 10.99 8.27 -2.35
CA ASN A 56 10.31 9.56 -2.47
C ASN A 56 9.97 10.13 -1.11
N LYS A 57 10.01 11.46 -1.01
CA LYS A 57 9.79 12.15 0.28
C LYS A 57 8.55 11.71 1.05
N VAL A 58 7.40 11.62 0.39
CA VAL A 58 6.17 11.25 1.10
C VAL A 58 6.31 9.85 1.70
N PHE A 59 6.84 8.92 0.92
CA PHE A 59 7.10 7.57 1.39
C PHE A 59 8.15 7.53 2.50
N GLN A 60 9.32 8.07 2.25
CA GLN A 60 10.45 8.03 3.19
C GLN A 60 10.17 8.72 4.53
N GLU A 61 9.54 9.89 4.50
CA GLU A 61 9.30 10.65 5.73
C GLU A 61 8.10 10.12 6.51
N ARG A 62 7.24 9.34 5.86
CA ARG A 62 6.04 8.82 6.53
C ARG A 62 5.93 7.31 6.54
N ILE A 63 5.56 6.69 5.43
CA ILE A 63 5.29 5.24 5.37
C ILE A 63 6.51 4.37 5.74
N ASN A 64 7.69 4.84 5.38
CA ASN A 64 8.95 4.15 5.64
C ASN A 64 9.35 4.34 7.11
N CYS A 65 8.75 5.33 7.76
CA CYS A 65 9.09 5.71 9.12
C CYS A 65 7.85 5.42 9.97
N LEU A 66 7.09 4.44 9.51
CA LEU A 66 5.84 4.06 10.11
C LEU A 66 5.85 2.56 10.41
N GLU A 67 4.70 2.08 10.85
CA GLU A 67 4.47 0.67 11.16
C GLU A 67 4.38 -0.20 9.90
N GLY A 68 3.74 -1.37 10.03
CA GLY A 68 3.53 -2.29 8.92
C GLY A 68 2.56 -1.79 7.86
N THR A 69 2.59 -0.48 7.64
CA THR A 69 1.82 0.15 6.59
C THR A 69 2.35 -0.31 5.24
N HIS A 70 3.63 -0.65 5.20
CA HIS A 70 4.23 -1.14 3.96
C HIS A 70 3.70 -2.54 3.64
N GLU A 71 3.57 -3.38 4.66
CA GLU A 71 3.09 -4.70 4.54
C GLU A 71 1.64 -4.69 4.07
N PHE A 72 0.85 -3.75 4.57
CA PHE A 72 -0.54 -3.57 4.12
C PHE A 72 -0.58 -3.37 2.61
N PHE A 73 0.20 -2.42 2.12
CA PHE A 73 0.29 -2.11 0.70
C PHE A 73 0.62 -3.34 -0.15
N GLU A 74 1.59 -4.14 0.24
CA GLU A 74 1.93 -5.32 -0.55
C GLU A 74 0.83 -6.37 -0.40
N ALA A 75 0.26 -6.50 0.78
CA ALA A 75 -0.82 -7.44 1.03
C ALA A 75 -2.10 -7.12 0.24
N ILE A 76 -2.35 -5.85 -0.08
CA ILE A 76 -3.53 -5.51 -0.87
C ILE A 76 -3.36 -5.97 -2.32
N GLY A 77 -2.12 -6.30 -2.70
CA GLY A 77 -1.86 -6.80 -4.05
C GLY A 77 -0.76 -6.08 -4.81
N PHE A 78 0.10 -5.36 -4.12
CA PHE A 78 1.18 -4.66 -4.77
C PHE A 78 2.44 -5.49 -4.67
N GLN A 79 3.28 -5.33 -5.65
CA GLN A 79 4.56 -6.02 -5.67
C GLN A 79 5.62 -4.98 -5.86
N LYS A 80 6.79 -5.27 -5.34
CA LYS A 80 7.94 -4.43 -5.48
C LYS A 80 8.69 -4.96 -6.68
N VAL A 81 9.31 -4.10 -7.45
CA VAL A 81 10.08 -4.53 -8.62
C VAL A 81 11.34 -3.73 -8.40
N LEU A 82 12.39 -4.06 -9.10
CA LEU A 82 13.55 -3.22 -9.25
C LEU A 82 13.45 -2.89 -10.73
N LEU A 83 13.73 -1.66 -11.12
CA LEU A 83 13.54 -1.26 -12.49
C LEU A 83 14.51 -1.94 -13.50
N PRO A 84 14.10 -2.00 -14.78
CA PRO A 84 14.82 -2.61 -15.90
C PRO A 84 15.63 -1.55 -16.65
N ALA A 85 16.63 -1.00 -15.98
CA ALA A 85 17.42 0.09 -16.52
C ALA A 85 18.84 -0.08 -16.24
N GLN A 86 19.52 0.75 -16.98
CA GLN A 86 20.88 0.63 -17.28
C GLN A 86 21.58 1.91 -16.92
N ASP A 87 20.84 2.67 -16.13
CA ASP A 87 21.23 4.00 -15.67
C ASP A 87 21.55 3.92 -14.19
N GLN A 88 21.13 2.81 -13.60
CA GLN A 88 21.11 2.58 -12.17
C GLN A 88 21.52 1.13 -11.92
N GLU A 89 22.78 0.92 -11.61
CA GLU A 89 23.28 -0.43 -11.29
C GLU A 89 22.96 -0.83 -9.85
N ASP A 90 21.92 -0.21 -9.30
CA ASP A 90 21.42 -0.54 -7.99
C ASP A 90 19.89 -0.64 -8.05
N PRO A 91 19.28 -1.36 -7.10
CA PRO A 91 17.83 -1.57 -7.17
C PRO A 91 16.93 -0.42 -6.72
N GLU A 92 16.46 0.32 -7.71
CA GLU A 92 15.45 1.33 -7.48
C GLU A 92 14.10 0.61 -7.42
N GLU A 93 13.53 0.45 -6.23
CA GLU A 93 12.28 -0.28 -6.14
C GLU A 93 11.03 0.54 -6.46
N PHE A 94 10.09 -0.14 -7.07
CA PHE A 94 8.81 0.44 -7.47
C PHE A 94 7.71 -0.47 -6.99
N TYR A 95 6.69 0.11 -6.37
CA TYR A 95 5.51 -0.63 -6.00
C TYR A 95 4.60 -0.50 -7.19
N VAL A 96 4.01 -1.61 -7.59
CA VAL A 96 3.06 -1.61 -8.68
C VAL A 96 1.91 -2.50 -8.27
N LEU A 97 0.69 -2.10 -8.60
CA LEU A 97 -0.48 -2.94 -8.30
C LEU A 97 -0.40 -4.06 -9.33
N SER A 98 -0.19 -5.28 -8.84
CA SER A 98 0.09 -6.43 -9.69
C SER A 98 -1.12 -6.95 -10.47
N GLU A 99 -0.84 -7.63 -11.58
CA GLU A 99 -1.86 -8.19 -12.46
C GLU A 99 -2.70 -9.22 -11.73
N THR A 100 -2.12 -9.83 -10.70
CA THR A 100 -2.80 -10.84 -9.90
C THR A 100 -4.03 -10.24 -9.21
N THR A 101 -3.97 -8.95 -8.93
CA THR A 101 -5.08 -8.25 -8.30
C THR A 101 -5.91 -7.48 -9.32
N LEU A 102 -5.30 -7.15 -10.46
CA LEU A 102 -5.98 -6.46 -11.55
C LEU A 102 -7.16 -7.34 -11.99
N ALA A 103 -6.90 -8.64 -12.09
CA ALA A 103 -7.91 -9.61 -12.51
C ALA A 103 -9.13 -9.64 -11.56
N GLN A 104 -8.93 -9.28 -10.31
CA GLN A 104 -9.96 -9.27 -9.31
C GLN A 104 -10.07 -7.91 -8.61
N PRO A 105 -10.79 -6.96 -9.23
CA PRO A 105 -10.93 -5.62 -8.69
C PRO A 105 -11.70 -5.60 -7.38
N GLN A 106 -12.53 -6.61 -7.19
CA GLN A 106 -13.31 -6.78 -5.96
C GLN A 106 -12.40 -6.98 -4.75
N SER A 107 -11.20 -7.51 -4.96
CA SER A 107 -10.28 -7.74 -3.86
C SER A 107 -9.69 -6.41 -3.42
N LEU A 108 -9.34 -5.56 -4.39
CA LEU A 108 -8.84 -4.23 -4.08
C LEU A 108 -9.91 -3.44 -3.36
N GLU A 109 -11.14 -3.63 -3.79
CA GLU A 109 -12.29 -2.97 -3.19
C GLU A 109 -12.37 -3.37 -1.72
N ARG A 110 -12.32 -4.66 -1.42
CA ARG A 110 -12.35 -5.11 -0.03
C ARG A 110 -11.17 -4.58 0.75
N HIS A 111 -10.00 -4.46 0.14
CA HIS A 111 -8.86 -3.95 0.82
C HIS A 111 -9.00 -2.48 1.20
N LYS A 112 -9.63 -1.63 0.38
CA LYS A 112 -9.85 -0.24 0.80
C LYS A 112 -10.97 -0.20 1.85
N GLU A 113 -11.92 -1.12 1.79
CA GLU A 113 -12.96 -1.28 2.78
C GLU A 113 -12.38 -1.64 4.14
N GLN A 114 -11.48 -2.63 4.15
CA GLN A 114 -10.84 -3.12 5.37
C GLN A 114 -10.20 -1.98 6.11
N LEU A 115 -9.56 -1.11 5.35
CA LEU A 115 -8.77 -0.03 5.88
C LEU A 115 -9.62 1.04 6.55
N LEU A 116 -10.82 1.25 6.03
CA LEU A 116 -11.74 2.23 6.61
C LEU A 116 -12.47 1.61 7.80
N ALA A 117 -12.63 0.31 7.78
CA ALA A 117 -13.30 -0.46 8.85
C ALA A 117 -12.37 -0.76 10.04
N ALA A 118 -11.41 0.11 10.25
CA ALA A 118 -10.47 0.03 11.33
C ALA A 118 -11.10 0.48 12.68
N GLU A 119 -12.15 -0.21 13.07
CA GLU A 119 -12.89 0.09 14.31
C GLU A 119 -12.43 -0.82 15.45
N GLY A 1 -0.60 -18.90 0.05
CA GLY A 1 -1.06 -17.80 0.94
C GLY A 1 -1.20 -18.27 2.36
N SER A 2 -1.60 -17.39 3.27
CA SER A 2 -1.77 -17.71 4.68
C SER A 2 -3.15 -18.32 4.94
N HIS A 3 -3.47 -19.37 4.20
CA HIS A 3 -4.80 -19.99 4.21
C HIS A 3 -5.31 -20.49 5.56
N MET A 4 -4.41 -20.76 6.49
CA MET A 4 -4.81 -21.23 7.83
C MET A 4 -4.13 -20.38 8.90
N SER A 5 -3.71 -19.17 8.53
CA SER A 5 -3.00 -18.30 9.47
C SER A 5 -3.34 -16.83 9.20
N THR A 6 -4.65 -16.58 9.03
CA THR A 6 -5.27 -15.25 8.75
C THR A 6 -4.75 -14.50 7.54
N ASP A 7 -5.64 -13.72 6.96
CA ASP A 7 -5.32 -12.94 5.78
C ASP A 7 -4.29 -11.87 6.14
N PRO A 8 -3.43 -11.51 5.18
CA PRO A 8 -2.34 -10.55 5.42
C PRO A 8 -2.72 -9.17 5.67
N VAL A 9 -3.85 -8.77 5.14
CA VAL A 9 -4.05 -7.41 5.00
C VAL A 9 -4.65 -7.19 6.35
N ALA A 10 -5.46 -8.16 6.75
CA ALA A 10 -6.17 -8.10 7.99
C ALA A 10 -5.12 -8.00 9.11
N ALA A 11 -4.08 -8.82 8.96
CA ALA A 11 -2.97 -8.86 9.89
C ALA A 11 -2.23 -7.53 9.93
N SER A 12 -1.89 -6.96 8.77
CA SER A 12 -1.22 -5.66 8.78
C SER A 12 -2.10 -4.44 9.14
N ILE A 13 -3.40 -4.44 8.90
CA ILE A 13 -4.21 -3.31 9.41
C ILE A 13 -4.05 -3.28 10.92
N MET A 14 -4.04 -4.45 11.55
CA MET A 14 -3.89 -4.52 12.99
C MET A 14 -2.62 -3.84 13.50
N LYS A 15 -1.43 -4.13 12.96
CA LYS A 15 -0.23 -3.58 13.50
C LYS A 15 -0.21 -2.08 13.31
N ILE A 16 -0.76 -1.61 12.19
CA ILE A 16 -0.65 -0.20 11.91
C ILE A 16 -1.42 0.58 12.98
N TYR A 17 -2.62 0.11 13.27
CA TYR A 17 -3.48 0.76 14.27
C TYR A 17 -3.06 0.50 15.72
N THR A 18 -2.45 -0.63 16.03
CA THR A 18 -2.00 -0.87 17.41
C THR A 18 -0.82 0.02 17.78
N PHE A 19 -0.11 0.52 16.78
CA PHE A 19 1.02 1.39 16.98
C PHE A 19 0.62 2.85 16.77
N ASN A 20 -0.65 3.16 17.05
CA ASN A 20 -1.22 4.51 16.87
C ASN A 20 -0.75 5.60 17.85
N LYS A 21 0.48 5.47 18.31
CA LYS A 21 1.08 6.41 19.26
C LYS A 21 1.02 7.82 18.70
N ASP A 22 1.33 7.94 17.43
CA ASP A 22 1.28 9.20 16.73
C ASP A 22 0.09 9.15 15.78
N GLN A 23 -1.04 9.63 16.26
CA GLN A 23 -2.28 9.62 15.50
C GLN A 23 -2.16 10.31 14.16
N ASP A 24 -1.40 11.40 14.09
CA ASP A 24 -1.17 12.10 12.82
C ASP A 24 -0.62 11.13 11.79
N ARG A 25 0.41 10.39 12.18
CA ARG A 25 1.05 9.42 11.32
C ARG A 25 0.15 8.28 10.89
N VAL A 26 -0.82 7.92 11.71
CA VAL A 26 -1.79 6.90 11.30
C VAL A 26 -2.70 7.46 10.21
N LYS A 27 -3.15 8.69 10.39
CA LYS A 27 -4.06 9.31 9.41
C LYS A 27 -3.31 9.66 8.13
N LEU A 28 -2.02 9.96 8.25
CA LEU A 28 -1.11 10.14 7.13
C LEU A 28 -1.11 8.85 6.34
N GLY A 29 -0.94 7.78 7.09
CA GLY A 29 -0.93 6.45 6.52
C GLY A 29 -2.16 6.18 5.70
N VAL A 30 -3.33 6.28 6.30
CA VAL A 30 -4.59 6.03 5.58
C VAL A 30 -4.76 7.00 4.41
N ASP A 31 -4.47 8.26 4.62
CA ASP A 31 -4.57 9.27 3.55
C ASP A 31 -3.77 8.84 2.33
N THR A 32 -2.51 8.53 2.53
CA THR A 32 -1.64 8.19 1.41
C THR A 32 -2.11 6.92 0.69
N ILE A 33 -2.48 5.89 1.44
CA ILE A 33 -2.96 4.65 0.83
C ILE A 33 -4.27 4.86 0.09
N ALA A 34 -5.26 5.42 0.75
CA ALA A 34 -6.58 5.60 0.15
C ALA A 34 -6.50 6.49 -1.09
N LYS A 35 -5.70 7.55 -1.01
CA LYS A 35 -5.53 8.48 -2.13
C LYS A 35 -4.90 7.82 -3.34
N TYR A 36 -3.89 7.00 -3.11
CA TYR A 36 -3.28 6.27 -4.22
C TYR A 36 -4.31 5.42 -4.92
N LEU A 37 -5.11 4.72 -4.15
CA LEU A 37 -6.12 3.83 -4.70
C LEU A 37 -7.22 4.64 -5.38
N ASP A 38 -7.50 5.82 -4.85
CA ASP A 38 -8.48 6.72 -5.45
C ASP A 38 -8.03 7.12 -6.83
N ASN A 39 -6.76 7.50 -6.97
CA ASN A 39 -6.24 7.94 -8.27
C ASN A 39 -6.39 6.85 -9.32
N ILE A 40 -6.19 5.61 -8.90
CA ILE A 40 -6.37 4.44 -9.76
C ILE A 40 -7.85 4.18 -10.07
N HIS A 41 -8.71 4.40 -9.09
CA HIS A 41 -10.16 4.19 -9.25
C HIS A 41 -10.90 5.30 -10.01
N LEU A 42 -10.62 6.56 -9.69
CA LEU A 42 -11.32 7.71 -10.30
C LEU A 42 -10.92 7.89 -11.77
N HIS A 43 -9.70 7.51 -12.10
CA HIS A 43 -9.23 7.54 -13.46
C HIS A 43 -8.84 6.10 -13.81
N PRO A 44 -9.84 5.24 -14.09
CA PRO A 44 -9.49 3.83 -14.35
C PRO A 44 -8.79 3.65 -15.68
N GLU A 45 -8.89 4.66 -16.54
CA GLU A 45 -8.25 4.63 -17.84
C GLU A 45 -6.75 4.87 -17.66
N GLU A 46 -6.40 5.57 -16.59
CA GLU A 46 -5.00 5.87 -16.33
C GLU A 46 -4.38 4.85 -15.42
N GLU A 47 -4.24 3.65 -15.95
CA GLU A 47 -3.59 2.55 -15.32
C GLU A 47 -2.19 2.93 -14.85
N LYS A 48 -1.62 3.92 -15.53
CA LYS A 48 -0.33 4.48 -15.23
C LYS A 48 -0.17 4.94 -13.79
N TYR A 49 -1.27 5.15 -13.05
CA TYR A 49 -1.20 5.59 -11.65
C TYR A 49 -0.76 4.50 -10.67
N ARG A 50 -0.81 3.23 -11.08
CA ARG A 50 -0.53 2.07 -10.21
C ARG A 50 0.94 1.90 -9.84
N LYS A 51 1.65 3.01 -9.76
CA LYS A 51 3.06 3.05 -9.49
C LYS A 51 3.41 3.83 -8.22
N ILE A 52 4.12 3.18 -7.33
CA ILE A 52 4.57 3.80 -6.09
C ILE A 52 6.09 3.72 -6.12
N LYS A 53 6.76 4.86 -5.98
CA LYS A 53 8.20 4.92 -6.01
C LYS A 53 8.64 5.27 -4.60
N LEU A 54 9.53 4.47 -4.02
CA LEU A 54 9.97 4.68 -2.63
C LEU A 54 11.09 5.73 -2.55
N GLN A 55 11.79 5.90 -3.65
CA GLN A 55 13.02 6.69 -3.74
C GLN A 55 12.85 8.21 -3.76
N ASN A 56 12.25 8.73 -2.73
CA ASN A 56 11.94 10.16 -2.60
C ASN A 56 11.94 10.51 -1.14
N LYS A 57 12.29 11.73 -0.78
CA LYS A 57 12.30 12.13 0.64
C LYS A 57 10.91 11.99 1.25
N VAL A 58 9.90 12.46 0.55
CA VAL A 58 8.52 12.39 1.06
C VAL A 58 8.13 10.93 1.30
N PHE A 59 8.49 10.04 0.40
CA PHE A 59 8.16 8.63 0.56
C PHE A 59 8.98 7.98 1.67
N GLN A 60 10.23 8.41 1.83
CA GLN A 60 11.06 7.93 2.92
C GLN A 60 10.37 8.27 4.25
N GLU A 61 9.84 9.48 4.35
CA GLU A 61 9.17 9.93 5.56
C GLU A 61 7.78 9.29 5.78
N ARG A 62 6.96 9.32 4.74
CA ARG A 62 5.55 8.91 4.86
C ARG A 62 5.26 7.42 4.68
N ILE A 63 6.21 6.70 4.13
CA ILE A 63 6.01 5.26 3.86
C ILE A 63 7.05 4.39 4.57
N ASN A 64 8.32 4.77 4.45
CA ASN A 64 9.44 3.95 4.95
C ASN A 64 9.82 4.21 6.41
N CYS A 65 9.36 5.31 6.97
CA CYS A 65 9.71 5.67 8.35
C CYS A 65 8.48 5.56 9.22
N LEU A 66 7.53 4.78 8.74
CA LEU A 66 6.25 4.61 9.39
C LEU A 66 6.01 3.12 9.63
N GLU A 67 4.79 2.78 10.02
CA GLU A 67 4.39 1.41 10.34
C GLU A 67 4.29 0.52 9.12
N GLY A 68 3.60 -0.61 9.26
CA GLY A 68 3.39 -1.52 8.15
C GLY A 68 2.47 -1.00 7.06
N THR A 69 2.50 0.31 6.83
CA THR A 69 1.77 0.94 5.74
C THR A 69 2.16 0.30 4.42
N HIS A 70 3.44 0.04 4.28
CA HIS A 70 3.98 -0.50 3.06
C HIS A 70 3.62 -1.97 2.89
N GLU A 71 3.64 -2.69 4.00
CA GLU A 71 3.27 -4.06 4.05
C GLU A 71 1.81 -4.25 3.67
N PHE A 72 0.96 -3.34 4.14
CA PHE A 72 -0.46 -3.39 3.81
C PHE A 72 -0.63 -3.25 2.31
N PHE A 73 0.08 -2.33 1.71
CA PHE A 73 0.07 -2.15 0.25
C PHE A 73 0.46 -3.45 -0.47
N GLU A 74 1.50 -4.13 -0.04
CA GLU A 74 1.87 -5.38 -0.70
C GLU A 74 0.75 -6.39 -0.51
N ALA A 75 0.28 -6.45 0.72
CA ALA A 75 -0.79 -7.34 1.12
C ALA A 75 -2.12 -7.15 0.35
N ILE A 76 -2.44 -5.92 -0.03
CA ILE A 76 -3.71 -5.70 -0.77
C ILE A 76 -3.58 -6.22 -2.20
N GLY A 77 -2.35 -6.46 -2.64
CA GLY A 77 -2.12 -6.99 -3.98
C GLY A 77 -1.04 -6.31 -4.79
N PHE A 78 -0.08 -5.68 -4.14
CA PHE A 78 1.01 -5.03 -4.84
C PHE A 78 2.23 -5.92 -4.82
N GLN A 79 3.19 -5.59 -5.65
CA GLN A 79 4.44 -6.32 -5.74
C GLN A 79 5.54 -5.29 -5.84
N LYS A 80 6.73 -5.68 -5.42
CA LYS A 80 7.92 -4.85 -5.52
C LYS A 80 8.66 -5.26 -6.79
N VAL A 81 9.38 -4.32 -7.40
CA VAL A 81 10.14 -4.65 -8.60
C VAL A 81 11.44 -3.96 -8.24
N LEU A 82 12.57 -4.47 -8.69
CA LEU A 82 13.83 -3.84 -8.45
C LEU A 82 14.24 -3.34 -9.82
N LEU A 83 14.83 -2.16 -9.91
CA LEU A 83 15.19 -1.60 -11.20
C LEU A 83 16.34 -2.34 -11.90
N PRO A 84 16.42 -2.22 -13.24
CA PRO A 84 17.35 -2.90 -14.12
C PRO A 84 18.61 -2.07 -14.44
N ALA A 85 19.49 -1.96 -13.47
CA ALA A 85 20.73 -1.20 -13.63
C ALA A 85 21.81 -1.76 -12.83
N GLN A 86 22.93 -1.21 -13.19
CA GLN A 86 24.20 -1.77 -12.95
C GLN A 86 25.05 -0.72 -12.30
N ASP A 87 24.34 0.31 -11.84
CA ASP A 87 24.91 1.50 -11.25
C ASP A 87 24.47 1.57 -9.79
N GLN A 88 23.47 0.77 -9.49
CA GLN A 88 22.77 0.81 -8.21
C GLN A 88 23.27 -0.31 -7.33
N GLU A 89 24.41 -0.11 -6.73
CA GLU A 89 24.97 -1.07 -5.78
C GLU A 89 24.36 -0.90 -4.39
N ASP A 90 23.15 -0.37 -4.36
CA ASP A 90 22.38 -0.21 -3.14
C ASP A 90 20.91 -0.55 -3.40
N PRO A 91 20.20 -1.01 -2.35
CA PRO A 91 18.81 -1.48 -2.51
C PRO A 91 17.70 -0.40 -2.56
N GLU A 92 17.02 -0.32 -3.70
CA GLU A 92 15.84 0.51 -3.85
C GLU A 92 14.86 -0.25 -4.75
N GLU A 93 13.57 0.10 -4.72
CA GLU A 93 12.58 -0.67 -5.47
C GLU A 93 11.37 0.19 -5.87
N PHE A 94 10.44 -0.39 -6.63
CA PHE A 94 9.21 0.29 -7.01
C PHE A 94 8.09 -0.65 -6.59
N TYR A 95 6.94 -0.11 -6.25
CA TYR A 95 5.78 -0.91 -5.88
C TYR A 95 4.73 -0.71 -6.96
N VAL A 96 4.08 -1.79 -7.36
CA VAL A 96 3.06 -1.73 -8.41
C VAL A 96 1.86 -2.61 -8.07
N LEU A 97 0.66 -2.19 -8.44
CA LEU A 97 -0.55 -3.01 -8.21
C LEU A 97 -0.45 -4.14 -9.23
N SER A 98 -0.40 -5.37 -8.74
CA SER A 98 -0.16 -6.54 -9.59
C SER A 98 -1.41 -7.03 -10.33
N GLU A 99 -1.17 -7.68 -11.47
CA GLU A 99 -2.21 -8.16 -12.38
C GLU A 99 -3.16 -9.16 -11.74
N THR A 100 -2.65 -9.95 -10.81
CA THR A 100 -3.46 -10.96 -10.13
C THR A 100 -4.58 -10.29 -9.33
N THR A 101 -4.34 -9.07 -8.88
CA THR A 101 -5.33 -8.32 -8.13
C THR A 101 -6.24 -7.55 -9.08
N LEU A 102 -5.70 -7.13 -10.21
CA LEU A 102 -6.46 -6.42 -11.22
C LEU A 102 -7.61 -7.29 -11.70
N ALA A 103 -7.33 -8.58 -11.85
CA ALA A 103 -8.33 -9.56 -12.29
C ALA A 103 -9.55 -9.63 -11.35
N GLN A 104 -9.32 -9.37 -10.07
CA GLN A 104 -10.36 -9.38 -9.07
C GLN A 104 -10.37 -8.05 -8.30
N PRO A 105 -11.02 -7.03 -8.87
CA PRO A 105 -11.02 -5.67 -8.31
C PRO A 105 -11.73 -5.56 -6.97
N GLN A 106 -12.59 -6.52 -6.69
CA GLN A 106 -13.32 -6.54 -5.42
C GLN A 106 -12.37 -6.82 -4.25
N SER A 107 -11.17 -7.31 -4.54
CA SER A 107 -10.19 -7.51 -3.49
C SER A 107 -9.78 -6.15 -2.97
N LEU A 108 -9.39 -5.26 -3.88
CA LEU A 108 -8.97 -3.91 -3.52
C LEU A 108 -10.07 -3.13 -2.84
N GLU A 109 -11.28 -3.30 -3.38
CA GLU A 109 -12.49 -2.71 -2.82
C GLU A 109 -12.60 -3.07 -1.35
N ARG A 110 -12.57 -4.36 -1.08
CA ARG A 110 -12.66 -4.88 0.29
C ARG A 110 -11.52 -4.38 1.15
N HIS A 111 -10.31 -4.38 0.64
CA HIS A 111 -9.16 -3.99 1.39
C HIS A 111 -9.21 -2.52 1.80
N LYS A 112 -9.75 -1.65 0.96
CA LYS A 112 -9.89 -0.24 1.31
C LYS A 112 -10.87 -0.12 2.48
N GLU A 113 -11.99 -0.83 2.41
CA GLU A 113 -12.96 -0.83 3.46
C GLU A 113 -12.44 -1.46 4.75
N GLN A 114 -11.62 -2.50 4.61
CA GLN A 114 -11.00 -3.16 5.76
C GLN A 114 -10.20 -2.14 6.55
N LEU A 115 -9.50 -1.32 5.80
CA LEU A 115 -8.62 -0.31 6.34
C LEU A 115 -9.38 0.79 7.08
N LEU A 116 -10.55 1.13 6.59
CA LEU A 116 -11.39 2.17 7.20
C LEU A 116 -12.21 1.64 8.37
N ALA A 117 -12.51 0.35 8.35
CA ALA A 117 -13.32 -0.29 9.39
C ALA A 117 -12.64 -0.35 10.76
N ALA A 118 -11.33 -0.13 10.79
CA ALA A 118 -10.58 -0.17 12.02
C ALA A 118 -10.82 1.09 12.89
N GLU A 119 -11.82 1.00 13.76
CA GLU A 119 -12.16 2.04 14.69
C GLU A 119 -11.10 2.21 15.78
N GLY A 1 -1.26 -15.52 17.62
CA GLY A 1 -0.27 -16.37 18.31
C GLY A 1 0.94 -16.61 17.46
N SER A 2 1.73 -17.64 17.73
CA SER A 2 2.89 -17.96 16.89
C SER A 2 2.41 -18.34 15.49
N HIS A 3 1.20 -18.87 15.44
CA HIS A 3 0.53 -19.23 14.21
C HIS A 3 -0.94 -18.90 14.46
N MET A 4 -1.66 -18.52 13.42
CA MET A 4 -3.09 -18.22 13.49
C MET A 4 -3.60 -18.27 12.06
N SER A 5 -4.90 -18.40 11.89
CA SER A 5 -5.51 -18.46 10.56
C SER A 5 -6.23 -17.15 10.24
N THR A 6 -5.50 -16.05 10.33
CA THR A 6 -6.06 -14.72 10.07
C THR A 6 -5.50 -14.18 8.79
N ASP A 7 -6.36 -13.49 8.06
CA ASP A 7 -6.00 -12.89 6.79
C ASP A 7 -4.89 -11.85 6.94
N PRO A 8 -4.02 -11.72 5.93
CA PRO A 8 -2.88 -10.79 5.97
C PRO A 8 -3.14 -9.36 6.06
N VAL A 9 -4.16 -8.89 5.39
CA VAL A 9 -4.19 -7.54 5.10
C VAL A 9 -4.79 -7.11 6.41
N ALA A 10 -5.73 -7.93 6.85
CA ALA A 10 -6.47 -7.67 8.04
C ALA A 10 -5.47 -7.63 9.22
N ALA A 11 -4.56 -8.59 9.22
CA ALA A 11 -3.52 -8.71 10.24
C ALA A 11 -2.61 -7.48 10.22
N SER A 12 -2.23 -7.01 9.05
CA SER A 12 -1.45 -5.76 9.03
C SER A 12 -2.26 -4.51 9.37
N ILE A 13 -3.56 -4.42 9.14
CA ILE A 13 -4.29 -3.24 9.65
C ILE A 13 -4.13 -3.23 11.16
N MET A 14 -4.23 -4.40 11.77
CA MET A 14 -4.08 -4.51 13.20
C MET A 14 -2.73 -3.97 13.72
N LYS A 15 -1.59 -4.30 13.11
CA LYS A 15 -0.35 -3.87 13.68
C LYS A 15 -0.21 -2.38 13.50
N ILE A 16 -0.80 -1.82 12.45
CA ILE A 16 -0.63 -0.40 12.24
C ILE A 16 -1.31 0.37 13.37
N TYR A 17 -2.57 0.03 13.61
CA TYR A 17 -3.37 0.75 14.61
C TYR A 17 -3.01 0.40 16.06
N THR A 18 -2.47 -0.77 16.33
CA THR A 18 -2.05 -1.08 17.70
C THR A 18 -0.75 -0.35 18.05
N PHE A 19 -0.02 0.11 17.04
CA PHE A 19 1.19 0.85 17.22
C PHE A 19 0.94 2.33 16.88
N ASN A 20 -0.29 2.79 17.10
CA ASN A 20 -0.70 4.17 16.77
C ASN A 20 -0.16 5.26 17.73
N LYS A 21 1.11 5.11 18.10
CA LYS A 21 1.79 6.04 19.01
C LYS A 21 1.74 7.47 18.47
N ASP A 22 1.84 7.59 17.16
CA ASP A 22 1.79 8.89 16.50
C ASP A 22 0.50 8.97 15.67
N GLN A 23 -0.55 9.45 16.32
CA GLN A 23 -1.87 9.53 15.72
C GLN A 23 -1.89 10.32 14.42
N ASP A 24 -1.11 11.40 14.34
CA ASP A 24 -1.14 12.22 13.14
C ASP A 24 -0.49 11.47 11.99
N ARG A 25 0.71 10.91 12.20
CA ARG A 25 1.34 10.14 11.15
C ARG A 25 0.58 8.92 10.69
N VAL A 26 -0.15 8.24 11.58
CA VAL A 26 -1.01 7.14 11.12
C VAL A 26 -2.06 7.69 10.17
N LYS A 27 -2.69 8.81 10.54
CA LYS A 27 -3.69 9.44 9.71
C LYS A 27 -3.11 9.93 8.37
N LEU A 28 -1.86 10.41 8.41
CA LEU A 28 -1.17 10.92 7.27
C LEU A 28 -0.79 9.76 6.34
N GLY A 29 -0.53 8.61 6.95
CA GLY A 29 -0.26 7.39 6.21
C GLY A 29 -1.49 7.04 5.40
N VAL A 30 -2.62 6.92 6.09
CA VAL A 30 -3.91 6.63 5.44
C VAL A 30 -4.24 7.64 4.35
N ASP A 31 -4.02 8.93 4.62
CA ASP A 31 -4.29 9.97 3.62
C ASP A 31 -3.54 9.70 2.32
N THR A 32 -2.32 9.20 2.42
CA THR A 32 -1.53 8.91 1.24
C THR A 32 -2.03 7.65 0.53
N ILE A 33 -2.30 6.60 1.28
CA ILE A 33 -2.76 5.34 0.71
C ILE A 33 -4.14 5.48 0.05
N ALA A 34 -5.11 6.01 0.79
CA ALA A 34 -6.46 6.15 0.26
C ALA A 34 -6.47 6.98 -1.02
N LYS A 35 -5.67 8.03 -1.03
CA LYS A 35 -5.55 8.89 -2.21
C LYS A 35 -4.98 8.17 -3.41
N TYR A 36 -3.93 7.39 -3.19
CA TYR A 36 -3.35 6.61 -4.27
C TYR A 36 -4.41 5.74 -4.91
N LEU A 37 -5.20 5.07 -4.08
CA LEU A 37 -6.22 4.17 -4.57
C LEU A 37 -7.28 4.96 -5.31
N ASP A 38 -7.67 6.09 -4.75
CA ASP A 38 -8.68 6.94 -5.38
C ASP A 38 -8.28 7.24 -6.81
N ASN A 39 -7.08 7.74 -7.02
CA ASN A 39 -6.63 8.12 -8.36
C ASN A 39 -6.74 6.97 -9.37
N ILE A 40 -6.41 5.76 -8.94
CA ILE A 40 -6.50 4.56 -9.78
C ILE A 40 -7.93 4.12 -10.02
N HIS A 41 -8.75 4.14 -8.99
CA HIS A 41 -10.11 3.65 -9.06
C HIS A 41 -11.03 4.62 -9.77
N LEU A 42 -10.75 5.91 -9.61
CA LEU A 42 -11.56 6.95 -10.27
C LEU A 42 -11.17 7.05 -11.74
N HIS A 43 -9.89 6.87 -12.03
CA HIS A 43 -9.39 6.84 -13.39
C HIS A 43 -8.73 5.48 -13.71
N PRO A 44 -9.55 4.44 -13.94
CA PRO A 44 -8.90 3.16 -14.27
C PRO A 44 -8.22 3.21 -15.64
N GLU A 45 -8.63 4.18 -16.45
CA GLU A 45 -8.06 4.39 -17.77
C GLU A 45 -6.59 4.84 -17.67
N GLU A 46 -6.28 5.55 -16.59
CA GLU A 46 -4.95 6.10 -16.40
C GLU A 46 -4.10 5.12 -15.57
N GLU A 47 -3.88 3.96 -16.17
CA GLU A 47 -3.15 2.88 -15.57
C GLU A 47 -1.76 3.24 -15.07
N LYS A 48 -1.15 4.27 -15.65
CA LYS A 48 0.18 4.67 -15.31
C LYS A 48 0.31 5.12 -13.87
N TYR A 49 -0.80 5.43 -13.20
CA TYR A 49 -0.76 5.90 -11.80
C TYR A 49 -0.48 4.80 -10.79
N ARG A 50 -0.64 3.53 -11.16
CA ARG A 50 -0.50 2.36 -10.27
C ARG A 50 0.93 2.08 -9.82
N LYS A 51 1.73 3.12 -9.74
CA LYS A 51 3.14 3.05 -9.41
C LYS A 51 3.57 3.85 -8.18
N ILE A 52 4.41 3.24 -7.36
CA ILE A 52 4.96 3.90 -6.17
C ILE A 52 6.45 3.57 -6.08
N LYS A 53 7.33 4.55 -6.03
CA LYS A 53 8.76 4.24 -5.81
C LYS A 53 9.02 4.55 -4.34
N LEU A 54 9.91 3.80 -3.73
CA LEU A 54 10.20 3.95 -2.30
C LEU A 54 10.99 5.23 -1.93
N GLN A 55 11.92 5.68 -2.77
CA GLN A 55 12.76 6.88 -2.46
C GLN A 55 12.07 8.24 -2.64
N ASN A 56 10.89 8.38 -2.03
CA ASN A 56 10.04 9.53 -2.28
C ASN A 56 9.54 10.07 -0.97
N LYS A 57 9.89 11.31 -0.66
CA LYS A 57 9.59 11.89 0.66
C LYS A 57 8.18 11.74 1.19
N VAL A 58 7.16 11.83 0.36
CA VAL A 58 5.79 11.63 0.87
C VAL A 58 5.69 10.24 1.48
N PHE A 59 6.14 9.23 0.77
CA PHE A 59 6.15 7.88 1.28
C PHE A 59 7.17 7.67 2.40
N GLN A 60 8.33 8.30 2.30
CA GLN A 60 9.36 8.12 3.33
C GLN A 60 8.91 8.68 4.69
N GLU A 61 8.44 9.92 4.72
CA GLU A 61 8.07 10.56 5.99
C GLU A 61 6.80 9.97 6.62
N ARG A 62 5.82 9.64 5.78
CA ARG A 62 4.52 9.18 6.28
C ARG A 62 4.34 7.70 6.41
N ILE A 63 5.15 6.96 5.70
CA ILE A 63 5.05 5.49 5.67
C ILE A 63 6.34 4.71 5.99
N ASN A 64 7.44 5.01 5.32
CA ASN A 64 8.67 4.25 5.54
C ASN A 64 9.29 4.46 6.93
N CYS A 65 8.97 5.58 7.55
CA CYS A 65 9.47 5.91 8.89
C CYS A 65 8.33 5.78 9.89
N LEU A 66 7.33 4.99 9.52
CA LEU A 66 6.14 4.80 10.31
C LEU A 66 5.98 3.30 10.54
N GLU A 67 4.80 2.89 10.98
CA GLU A 67 4.53 1.48 11.29
C GLU A 67 4.49 0.55 10.08
N GLY A 68 3.94 -0.65 10.28
CA GLY A 68 3.83 -1.65 9.21
C GLY A 68 2.80 -1.30 8.15
N THR A 69 2.70 -0.01 7.87
CA THR A 69 1.77 0.49 6.85
C THR A 69 2.07 -0.01 5.43
N HIS A 70 3.32 -0.33 5.15
CA HIS A 70 3.68 -0.79 3.80
C HIS A 70 3.36 -2.25 3.55
N GLU A 71 3.35 -3.04 4.60
CA GLU A 71 3.04 -4.43 4.54
C GLU A 71 1.59 -4.62 4.12
N PHE A 72 0.77 -3.64 4.45
CA PHE A 72 -0.64 -3.64 4.07
C PHE A 72 -0.71 -3.64 2.53
N PHE A 73 0.02 -2.71 1.94
CA PHE A 73 0.17 -2.59 0.49
C PHE A 73 0.76 -3.84 -0.18
N GLU A 74 1.65 -4.54 0.49
CA GLU A 74 2.21 -5.78 -0.08
C GLU A 74 1.12 -6.84 -0.07
N ALA A 75 0.43 -6.92 1.06
CA ALA A 75 -0.61 -7.91 1.29
C ALA A 75 -1.81 -7.81 0.34
N ILE A 76 -2.09 -6.62 -0.18
CA ILE A 76 -3.21 -6.48 -1.13
C ILE A 76 -2.82 -7.05 -2.49
N GLY A 77 -1.52 -7.26 -2.71
CA GLY A 77 -1.05 -7.83 -3.97
C GLY A 77 -0.20 -6.92 -4.81
N PHE A 78 0.67 -6.12 -4.19
CA PHE A 78 1.58 -5.28 -4.97
C PHE A 78 2.88 -6.01 -5.11
N GLN A 79 3.53 -5.76 -6.23
CA GLN A 79 4.78 -6.39 -6.57
C GLN A 79 5.88 -5.36 -6.68
N LYS A 80 7.08 -5.79 -6.34
CA LYS A 80 8.28 -4.95 -6.35
C LYS A 80 8.99 -5.24 -7.66
N VAL A 81 9.59 -4.23 -8.30
CA VAL A 81 10.24 -4.44 -9.59
C VAL A 81 11.58 -3.75 -9.52
N LEU A 82 12.46 -4.21 -10.38
CA LEU A 82 13.77 -3.69 -10.63
C LEU A 82 13.85 -3.43 -12.13
N LEU A 83 12.93 -2.59 -12.58
CA LEU A 83 12.76 -2.31 -14.02
C LEU A 83 14.10 -1.67 -14.49
N PRO A 84 14.52 -1.95 -15.75
CA PRO A 84 15.79 -1.43 -16.26
C PRO A 84 15.77 0.05 -16.68
N ALA A 85 16.13 0.91 -15.74
CA ALA A 85 16.23 2.35 -15.94
C ALA A 85 17.10 2.83 -14.91
N GLN A 86 17.52 3.99 -15.29
CA GLN A 86 18.66 4.58 -14.77
C GLN A 86 18.23 5.52 -13.65
N ASP A 87 16.99 5.28 -13.25
CA ASP A 87 16.36 5.90 -12.12
C ASP A 87 16.68 5.01 -10.91
N GLN A 88 17.12 3.79 -11.22
CA GLN A 88 17.36 2.74 -10.22
C GLN A 88 18.85 2.42 -10.11
N GLU A 89 19.70 3.43 -10.16
CA GLU A 89 21.16 3.22 -10.04
C GLU A 89 21.54 3.24 -8.56
N ASP A 90 20.56 2.91 -7.75
CA ASP A 90 20.71 2.74 -6.33
C ASP A 90 19.81 1.58 -5.96
N PRO A 91 20.03 0.95 -4.79
CA PRO A 91 19.18 -0.18 -4.41
C PRO A 91 17.79 0.24 -3.96
N GLU A 92 16.92 0.30 -4.94
CA GLU A 92 15.55 0.75 -4.78
C GLU A 92 14.60 -0.15 -5.57
N GLU A 93 13.33 -0.10 -5.21
CA GLU A 93 12.31 -0.91 -5.87
C GLU A 93 11.17 -0.01 -6.29
N PHE A 94 10.33 -0.50 -7.19
CA PHE A 94 9.13 0.22 -7.56
C PHE A 94 8.01 -0.73 -7.22
N TYR A 95 6.95 -0.22 -6.64
CA TYR A 95 5.81 -1.02 -6.30
C TYR A 95 4.74 -0.76 -7.31
N VAL A 96 4.08 -1.82 -7.72
CA VAL A 96 3.03 -1.75 -8.72
C VAL A 96 1.87 -2.67 -8.36
N LEU A 97 0.67 -2.27 -8.73
CA LEU A 97 -0.53 -3.08 -8.51
C LEU A 97 -0.43 -4.25 -9.50
N SER A 98 -0.30 -5.46 -8.98
CA SER A 98 -0.08 -6.64 -9.82
C SER A 98 -1.37 -7.16 -10.48
N GLU A 99 -1.19 -7.92 -11.55
CA GLU A 99 -2.31 -8.42 -12.36
C GLU A 99 -3.29 -9.32 -11.60
N THR A 100 -2.83 -10.05 -10.60
CA THR A 100 -3.71 -10.92 -9.82
C THR A 100 -4.82 -10.12 -9.14
N THR A 101 -4.46 -9.01 -8.54
CA THR A 101 -5.42 -8.15 -7.85
C THR A 101 -6.21 -7.32 -8.87
N LEU A 102 -5.58 -7.02 -10.00
CA LEU A 102 -6.26 -6.29 -11.07
C LEU A 102 -7.42 -7.15 -11.60
N ALA A 103 -7.14 -8.44 -11.79
CA ALA A 103 -8.13 -9.40 -12.29
C ALA A 103 -9.26 -9.59 -11.29
N GLN A 104 -9.00 -9.30 -10.02
CA GLN A 104 -10.01 -9.39 -8.98
C GLN A 104 -10.25 -8.03 -8.35
N PRO A 105 -11.09 -7.18 -8.99
CA PRO A 105 -11.30 -5.81 -8.50
C PRO A 105 -11.98 -5.77 -7.15
N GLN A 106 -12.62 -6.86 -6.78
CA GLN A 106 -13.24 -6.96 -5.46
C GLN A 106 -12.19 -6.92 -4.37
N SER A 107 -10.97 -7.38 -4.66
CA SER A 107 -9.88 -7.34 -3.68
C SER A 107 -9.41 -5.89 -3.48
N LEU A 108 -9.44 -5.11 -4.56
CA LEU A 108 -9.06 -3.70 -4.49
C LEU A 108 -10.12 -2.93 -3.73
N GLU A 109 -11.38 -3.28 -3.97
CA GLU A 109 -12.51 -2.68 -3.26
C GLU A 109 -12.40 -3.00 -1.78
N ARG A 110 -12.14 -4.27 -1.49
CA ARG A 110 -11.99 -4.77 -0.13
C ARG A 110 -10.87 -4.07 0.63
N HIS A 111 -9.79 -3.73 -0.05
CA HIS A 111 -8.68 -3.01 0.58
C HIS A 111 -9.18 -1.74 1.27
N LYS A 112 -9.96 -0.95 0.56
CA LYS A 112 -10.48 0.30 1.09
C LYS A 112 -11.44 0.03 2.24
N GLU A 113 -12.28 -0.98 2.09
CA GLU A 113 -13.30 -1.29 3.00
C GLU A 113 -12.74 -1.87 4.31
N GLN A 114 -11.71 -2.71 4.22
CA GLN A 114 -11.10 -3.28 5.42
C GLN A 114 -10.55 -2.14 6.27
N LEU A 115 -9.94 -1.18 5.60
CA LEU A 115 -9.32 -0.08 6.27
C LEU A 115 -10.33 0.87 6.90
N LEU A 116 -11.49 1.04 6.27
CA LEU A 116 -12.54 1.88 6.85
C LEU A 116 -13.05 1.28 8.15
N ALA A 117 -13.09 -0.04 8.21
CA ALA A 117 -13.56 -0.78 9.39
C ALA A 117 -12.50 -0.88 10.51
N ALA A 118 -11.46 -0.06 10.46
CA ALA A 118 -10.41 -0.03 11.46
C ALA A 118 -10.83 0.76 12.71
N GLU A 119 -12.00 0.47 13.24
CA GLU A 119 -12.55 1.16 14.42
C GLU A 119 -11.91 0.62 15.72
N GLY A 1 -5.39 -14.30 14.24
CA GLY A 1 -5.04 -14.70 15.64
C GLY A 1 -4.68 -16.17 15.74
N SER A 2 -4.27 -16.64 16.91
CA SER A 2 -3.93 -18.06 17.06
C SER A 2 -5.22 -18.86 17.01
N HIS A 3 -5.24 -19.90 16.17
CA HIS A 3 -6.42 -20.75 15.95
C HIS A 3 -7.65 -19.97 15.44
N MET A 4 -7.40 -18.76 14.98
CA MET A 4 -8.45 -17.86 14.48
C MET A 4 -7.88 -17.26 13.20
N SER A 5 -8.12 -17.94 12.09
CA SER A 5 -7.52 -17.64 10.78
C SER A 5 -7.79 -16.31 10.05
N THR A 6 -7.73 -15.19 10.76
CA THR A 6 -7.74 -13.88 10.12
C THR A 6 -6.49 -13.73 9.41
N ASP A 7 -6.80 -12.95 8.44
CA ASP A 7 -6.16 -12.91 7.23
C ASP A 7 -5.23 -11.72 7.07
N PRO A 8 -4.34 -11.75 6.07
CA PRO A 8 -3.29 -10.73 5.92
C PRO A 8 -3.61 -9.29 5.95
N VAL A 9 -4.65 -8.85 5.27
CA VAL A 9 -4.76 -7.48 5.08
C VAL A 9 -5.25 -7.08 6.42
N ALA A 10 -6.18 -7.87 6.94
CA ALA A 10 -6.84 -7.50 8.17
C ALA A 10 -5.74 -7.40 9.25
N ALA A 11 -4.91 -8.45 9.29
CA ALA A 11 -3.79 -8.55 10.22
C ALA A 11 -2.85 -7.37 10.10
N SER A 12 -2.60 -6.89 8.89
CA SER A 12 -1.80 -5.68 8.78
C SER A 12 -2.54 -4.37 9.09
N ILE A 13 -3.83 -4.26 8.86
CA ILE A 13 -4.55 -3.07 9.32
C ILE A 13 -4.39 -3.03 10.83
N MET A 14 -4.59 -4.17 11.45
CA MET A 14 -4.43 -4.32 12.89
C MET A 14 -3.06 -3.83 13.39
N LYS A 15 -1.93 -4.29 12.82
CA LYS A 15 -0.66 -3.98 13.39
C LYS A 15 -0.39 -2.50 13.19
N ILE A 16 -0.86 -1.90 12.10
CA ILE A 16 -0.57 -0.51 11.88
C ILE A 16 -1.22 0.32 12.98
N TYR A 17 -2.47 -0.03 13.26
CA TYR A 17 -3.29 0.70 14.21
C TYR A 17 -2.85 0.65 15.66
N THR A 18 -2.50 -0.53 16.14
CA THR A 18 -2.12 -0.69 17.55
C THR A 18 -0.75 -0.08 17.83
N PHE A 19 0.07 0.03 16.79
CA PHE A 19 1.36 0.67 16.88
C PHE A 19 1.25 2.18 16.65
N ASN A 20 0.12 2.77 17.04
CA ASN A 20 -0.14 4.21 16.85
C ASN A 20 0.64 5.13 17.79
N LYS A 21 1.89 4.79 18.05
CA LYS A 21 2.81 5.56 18.88
C LYS A 21 2.93 6.95 18.27
N ASP A 22 2.93 6.99 16.95
CA ASP A 22 2.92 8.24 16.20
C ASP A 22 1.58 8.32 15.48
N GLN A 23 0.61 8.89 16.18
CA GLN A 23 -0.75 9.03 15.68
C GLN A 23 -0.79 9.80 14.36
N ASP A 24 0.08 10.78 14.21
CA ASP A 24 0.05 11.59 13.01
C ASP A 24 0.47 10.75 11.82
N ARG A 25 1.49 9.92 11.98
CA ARG A 25 1.91 9.05 10.90
C ARG A 25 0.91 7.97 10.55
N VAL A 26 0.13 7.48 11.50
CA VAL A 26 -0.92 6.51 11.16
C VAL A 26 -1.93 7.19 10.24
N LYS A 27 -2.35 8.40 10.62
CA LYS A 27 -3.28 9.18 9.79
C LYS A 27 -2.70 9.45 8.41
N LEU A 28 -1.41 9.74 8.35
CA LEU A 28 -0.72 10.08 7.15
C LEU A 28 -0.58 8.87 6.24
N GLY A 29 -0.46 7.71 6.86
CA GLY A 29 -0.37 6.46 6.13
C GLY A 29 -1.68 6.22 5.42
N VAL A 30 -2.77 6.24 6.18
CA VAL A 30 -4.10 6.05 5.59
C VAL A 30 -4.38 7.09 4.51
N ASP A 31 -4.07 8.35 4.77
CA ASP A 31 -4.25 9.41 3.76
C ASP A 31 -3.55 9.04 2.46
N THR A 32 -2.29 8.65 2.57
CA THR A 32 -1.51 8.31 1.37
C THR A 32 -2.03 7.06 0.66
N ILE A 33 -2.33 5.99 1.39
CA ILE A 33 -2.80 4.75 0.76
C ILE A 33 -4.18 4.89 0.16
N ALA A 34 -5.13 5.45 0.90
CA ALA A 34 -6.50 5.57 0.42
C ALA A 34 -6.49 6.40 -0.87
N LYS A 35 -5.69 7.45 -0.88
CA LYS A 35 -5.56 8.33 -2.04
C LYS A 35 -4.94 7.64 -3.25
N TYR A 36 -3.87 6.89 -3.03
CA TYR A 36 -3.23 6.16 -4.09
C TYR A 36 -4.23 5.19 -4.71
N LEU A 37 -4.98 4.50 -3.88
CA LEU A 37 -5.95 3.53 -4.36
C LEU A 37 -7.11 4.23 -5.03
N ASP A 38 -7.47 5.40 -4.55
CA ASP A 38 -8.57 6.15 -5.16
C ASP A 38 -8.20 6.54 -6.57
N ASN A 39 -6.96 6.95 -6.81
CA ASN A 39 -6.55 7.37 -8.15
C ASN A 39 -6.71 6.22 -9.14
N ILE A 40 -6.42 5.02 -8.69
CA ILE A 40 -6.56 3.80 -9.49
C ILE A 40 -8.05 3.43 -9.65
N HIS A 41 -8.84 3.64 -8.61
CA HIS A 41 -10.28 3.35 -8.62
C HIS A 41 -11.13 4.35 -9.41
N LEU A 42 -10.90 5.65 -9.23
CA LEU A 42 -11.70 6.70 -9.87
C LEU A 42 -11.39 6.81 -11.36
N HIS A 43 -10.15 6.53 -11.74
CA HIS A 43 -9.76 6.50 -13.13
C HIS A 43 -9.26 5.08 -13.44
N PRO A 44 -10.19 4.12 -13.61
CA PRO A 44 -9.73 2.76 -13.88
C PRO A 44 -9.14 2.61 -15.27
N GLU A 45 -9.42 3.57 -16.14
CA GLU A 45 -8.88 3.58 -17.49
C GLU A 45 -7.41 3.93 -17.43
N GLU A 46 -7.02 4.70 -16.43
CA GLU A 46 -5.63 5.11 -16.29
C GLU A 46 -4.88 4.16 -15.38
N GLU A 47 -4.69 2.96 -15.87
CA GLU A 47 -3.94 1.93 -15.22
C GLU A 47 -2.55 2.41 -14.82
N LYS A 48 -2.08 3.40 -15.56
CA LYS A 48 -0.82 4.05 -15.30
C LYS A 48 -0.67 4.59 -13.89
N TYR A 49 -1.75 4.76 -13.15
CA TYR A 49 -1.68 5.25 -11.76
C TYR A 49 -1.11 4.25 -10.77
N ARG A 50 -1.05 2.97 -11.14
CA ARG A 50 -0.59 1.88 -10.25
C ARG A 50 0.91 1.88 -9.99
N LYS A 51 1.50 3.06 -10.01
CA LYS A 51 2.92 3.25 -9.85
C LYS A 51 3.27 4.04 -8.58
N ILE A 52 4.09 3.46 -7.73
CA ILE A 52 4.53 4.13 -6.51
C ILE A 52 6.06 4.04 -6.40
N LYS A 53 6.78 5.05 -6.90
CA LYS A 53 8.25 5.06 -6.79
C LYS A 53 8.58 5.28 -5.31
N LEU A 54 9.66 4.68 -4.83
CA LEU A 54 10.07 4.87 -3.42
C LEU A 54 11.03 6.05 -3.24
N GLN A 55 11.62 6.51 -4.33
CA GLN A 55 12.61 7.61 -4.31
C GLN A 55 12.00 8.99 -4.12
N ASN A 56 11.29 9.17 -3.01
CA ASN A 56 10.51 10.39 -2.81
C ASN A 56 10.58 10.96 -1.41
N LYS A 57 10.43 12.27 -1.32
CA LYS A 57 10.46 12.95 -0.02
C LYS A 57 9.27 12.49 0.82
N VAL A 58 8.11 12.32 0.20
CA VAL A 58 6.91 11.86 0.91
C VAL A 58 7.19 10.50 1.54
N PHE A 59 7.89 9.65 0.81
CA PHE A 59 8.28 8.35 1.32
C PHE A 59 9.21 8.50 2.51
N GLN A 60 10.28 9.26 2.33
CA GLN A 60 11.29 9.49 3.37
C GLN A 60 10.71 10.08 4.66
N GLU A 61 9.79 11.03 4.52
CA GLU A 61 9.17 11.69 5.67
C GLU A 61 8.20 10.82 6.44
N ARG A 62 7.57 9.88 5.74
CA ARG A 62 6.48 9.11 6.34
C ARG A 62 6.61 7.61 6.24
N ILE A 63 6.42 7.05 5.05
CA ILE A 63 6.33 5.61 4.83
C ILE A 63 7.61 4.86 5.23
N ASN A 64 8.76 5.50 5.02
CA ASN A 64 10.06 4.91 5.29
C ASN A 64 10.33 4.71 6.79
N CYS A 65 9.53 5.37 7.62
CA CYS A 65 9.73 5.35 9.06
C CYS A 65 8.37 5.12 9.70
N LEU A 66 7.53 4.43 8.96
CA LEU A 66 6.18 4.11 9.41
C LEU A 66 6.11 2.63 9.80
N GLU A 67 4.94 2.23 10.26
CA GLU A 67 4.67 0.86 10.71
C GLU A 67 4.51 -0.13 9.56
N GLY A 68 3.80 -1.22 9.81
CA GLY A 68 3.53 -2.24 8.80
C GLY A 68 2.62 -1.79 7.66
N THR A 69 2.71 -0.52 7.32
CA THR A 69 1.97 0.07 6.22
C THR A 69 2.36 -0.55 4.89
N HIS A 70 3.62 -0.94 4.79
CA HIS A 70 4.09 -1.50 3.54
C HIS A 70 3.54 -2.91 3.34
N GLU A 71 3.38 -3.66 4.43
CA GLU A 71 2.88 -4.97 4.41
C GLU A 71 1.43 -4.98 3.98
N PHE A 72 0.68 -3.95 4.34
CA PHE A 72 -0.71 -3.81 3.92
C PHE A 72 -0.75 -3.75 2.40
N PHE A 73 0.03 -2.85 1.84
CA PHE A 73 0.19 -2.71 0.40
C PHE A 73 0.55 -4.04 -0.28
N GLU A 74 1.50 -4.79 0.26
CA GLU A 74 1.86 -6.06 -0.37
C GLU A 74 0.73 -7.09 -0.20
N ALA A 75 0.03 -7.06 0.93
CA ALA A 75 -1.09 -7.96 1.18
C ALA A 75 -2.27 -7.69 0.24
N ILE A 76 -2.50 -6.43 -0.13
CA ILE A 76 -3.61 -6.10 -1.05
C ILE A 76 -3.19 -6.51 -2.47
N GLY A 77 -1.89 -6.76 -2.67
CA GLY A 77 -1.40 -7.24 -3.96
C GLY A 77 -0.31 -6.45 -4.66
N PHE A 78 0.48 -5.68 -3.93
CA PHE A 78 1.54 -4.91 -4.55
C PHE A 78 2.85 -5.65 -4.51
N GLN A 79 3.66 -5.43 -5.52
CA GLN A 79 4.97 -6.04 -5.63
C GLN A 79 6.00 -4.95 -5.82
N LYS A 80 7.23 -5.22 -5.44
CA LYS A 80 8.34 -4.28 -5.58
C LYS A 80 9.08 -4.65 -6.86
N VAL A 81 9.72 -3.68 -7.50
CA VAL A 81 10.48 -3.94 -8.71
C VAL A 81 11.72 -3.11 -8.47
N LEU A 82 12.78 -3.40 -9.19
CA LEU A 82 13.94 -2.58 -9.25
C LEU A 82 14.01 -2.31 -10.75
N LEU A 83 14.26 -1.07 -11.18
CA LEU A 83 14.26 -0.77 -12.59
C LEU A 83 15.66 -0.68 -13.21
N PRO A 84 15.75 -0.84 -14.54
CA PRO A 84 16.96 -0.83 -15.34
C PRO A 84 17.24 0.51 -16.05
N ALA A 85 18.11 1.33 -15.49
CA ALA A 85 18.46 2.60 -16.14
C ALA A 85 19.94 2.84 -16.16
N GLN A 86 20.30 3.80 -17.00
CA GLN A 86 21.68 4.18 -17.26
C GLN A 86 21.76 5.69 -17.19
N ASP A 87 20.72 6.23 -16.59
CA ASP A 87 20.54 7.68 -16.41
C ASP A 87 20.50 7.92 -14.89
N GLN A 88 20.29 6.81 -14.18
CA GLN A 88 20.22 6.80 -12.72
C GLN A 88 21.09 5.65 -12.27
N GLU A 89 22.33 5.94 -11.91
CA GLU A 89 23.24 4.94 -11.36
C GLU A 89 22.97 4.80 -9.86
N ASP A 90 21.70 4.67 -9.54
CA ASP A 90 21.26 4.52 -8.16
C ASP A 90 20.04 3.61 -8.12
N PRO A 91 19.78 2.98 -6.95
CA PRO A 91 18.62 2.11 -6.73
C PRO A 91 17.24 2.73 -7.03
N GLU A 92 16.75 2.56 -8.24
CA GLU A 92 15.45 3.00 -8.61
C GLU A 92 14.48 1.85 -8.39
N GLU A 93 13.49 2.05 -7.54
CA GLU A 93 12.51 1.01 -7.29
C GLU A 93 11.09 1.57 -7.19
N PHE A 94 10.12 0.70 -7.45
CA PHE A 94 8.71 1.04 -7.46
C PHE A 94 7.91 -0.04 -6.76
N TYR A 95 6.75 0.35 -6.28
CA TYR A 95 5.73 -0.56 -5.82
C TYR A 95 4.68 -0.47 -6.89
N VAL A 96 4.15 -1.60 -7.29
CA VAL A 96 3.15 -1.65 -8.36
C VAL A 96 2.06 -2.63 -7.98
N LEU A 97 0.83 -2.32 -8.35
CA LEU A 97 -0.30 -3.21 -8.07
C LEU A 97 -0.20 -4.34 -9.09
N SER A 98 0.01 -5.55 -8.61
CA SER A 98 0.26 -6.71 -9.47
C SER A 98 -0.99 -7.36 -10.06
N GLU A 99 -0.75 -8.24 -11.03
CA GLU A 99 -1.79 -8.91 -11.81
C GLU A 99 -2.81 -9.67 -10.95
N THR A 100 -2.36 -10.20 -9.82
CA THR A 100 -3.21 -10.99 -8.92
C THR A 100 -4.46 -10.24 -8.48
N THR A 101 -4.34 -8.94 -8.30
CA THR A 101 -5.48 -8.12 -7.87
C THR A 101 -5.96 -7.23 -9.00
N LEU A 102 -5.14 -7.06 -10.02
CA LEU A 102 -5.54 -6.35 -11.23
C LEU A 102 -6.75 -7.12 -11.81
N ALA A 103 -6.63 -8.44 -11.82
CA ALA A 103 -7.70 -9.31 -12.30
C ALA A 103 -8.94 -9.26 -11.39
N GLN A 104 -8.76 -8.85 -10.14
CA GLN A 104 -9.83 -8.79 -9.16
C GLN A 104 -9.92 -7.41 -8.50
N PRO A 105 -10.51 -6.42 -9.19
CA PRO A 105 -10.58 -5.05 -8.68
C PRO A 105 -11.44 -4.90 -7.44
N GLN A 106 -12.41 -5.80 -7.30
CA GLN A 106 -13.32 -5.80 -6.17
C GLN A 106 -12.56 -6.06 -4.87
N SER A 107 -11.46 -6.78 -4.96
CA SER A 107 -10.64 -7.05 -3.78
C SER A 107 -10.02 -5.75 -3.30
N LEU A 108 -9.50 -4.94 -4.24
CA LEU A 108 -8.87 -3.66 -3.88
C LEU A 108 -9.88 -2.74 -3.23
N GLU A 109 -11.08 -2.72 -3.76
CA GLU A 109 -12.15 -1.92 -3.23
C GLU A 109 -12.44 -2.35 -1.80
N ARG A 110 -12.52 -3.66 -1.55
CA ARG A 110 -12.74 -4.16 -0.19
C ARG A 110 -11.57 -3.80 0.72
N HIS A 111 -10.35 -3.92 0.23
CA HIS A 111 -9.19 -3.61 1.01
C HIS A 111 -9.16 -2.14 1.41
N LYS A 112 -9.58 -1.26 0.51
CA LYS A 112 -9.65 0.17 0.82
C LYS A 112 -10.66 0.41 1.93
N GLU A 113 -11.85 -0.16 1.75
CA GLU A 113 -12.91 -0.07 2.73
C GLU A 113 -12.47 -0.64 4.08
N GLN A 114 -11.78 -1.77 4.06
CA GLN A 114 -11.25 -2.40 5.29
C GLN A 114 -10.38 -1.42 6.05
N LEU A 115 -9.57 -0.71 5.30
CA LEU A 115 -8.61 0.22 5.85
C LEU A 115 -9.31 1.43 6.44
N LEU A 116 -10.33 1.91 5.74
CA LEU A 116 -11.13 3.05 6.18
C LEU A 116 -11.97 2.68 7.41
N ALA A 117 -12.43 1.44 7.45
CA ALA A 117 -13.26 0.92 8.53
C ALA A 117 -12.47 0.57 9.79
N ALA A 118 -11.16 0.44 9.67
CA ALA A 118 -10.28 -0.04 10.73
C ALA A 118 -10.73 -1.46 11.13
N GLU A 119 -10.70 -2.34 10.13
CA GLU A 119 -11.05 -3.68 10.09
C GLU A 119 -12.36 -4.21 10.71
N GLY A 1 -9.09 -7.79 19.23
CA GLY A 1 -10.08 -8.89 19.45
C GLY A 1 -9.42 -10.23 19.41
N SER A 2 -10.20 -11.30 19.26
CA SER A 2 -9.67 -12.67 19.19
C SER A 2 -10.29 -13.32 17.95
N HIS A 3 -9.60 -14.29 17.37
CA HIS A 3 -10.06 -14.95 16.14
C HIS A 3 -9.41 -16.31 16.05
N MET A 4 -9.91 -17.15 15.14
CA MET A 4 -9.30 -18.47 14.90
C MET A 4 -8.28 -18.34 13.78
N SER A 5 -8.51 -17.37 12.89
CA SER A 5 -7.64 -17.10 11.76
C SER A 5 -7.91 -15.67 11.36
N THR A 6 -7.00 -15.04 10.64
CA THR A 6 -7.18 -13.67 10.18
C THR A 6 -6.41 -13.52 8.89
N ASP A 7 -6.84 -12.57 8.09
CA ASP A 7 -6.25 -12.28 6.80
C ASP A 7 -5.03 -11.38 7.02
N PRO A 8 -4.06 -11.38 6.10
CA PRO A 8 -2.88 -10.52 6.26
C PRO A 8 -3.12 -9.08 6.31
N VAL A 9 -4.13 -8.63 5.60
CA VAL A 9 -4.16 -7.29 5.28
C VAL A 9 -4.85 -6.83 6.52
N ALA A 10 -5.80 -7.66 6.95
CA ALA A 10 -6.62 -7.34 8.08
C ALA A 10 -5.67 -7.22 9.30
N ALA A 11 -4.76 -8.20 9.38
CA ALA A 11 -3.75 -8.27 10.43
C ALA A 11 -2.83 -7.05 10.39
N SER A 12 -2.39 -6.65 9.21
CA SER A 12 -1.58 -5.43 9.15
C SER A 12 -2.37 -4.14 9.41
N ILE A 13 -3.65 -4.02 9.08
CA ILE A 13 -4.37 -2.81 9.49
C ILE A 13 -4.30 -2.74 11.01
N MET A 14 -4.48 -3.89 11.65
CA MET A 14 -4.42 -3.96 13.10
C MET A 14 -3.05 -3.54 13.69
N LYS A 15 -1.90 -3.94 13.13
CA LYS A 15 -0.66 -3.63 13.77
C LYS A 15 -0.44 -2.15 13.64
N ILE A 16 -0.91 -1.55 12.55
CA ILE A 16 -0.55 -0.17 12.32
C ILE A 16 -1.09 0.71 13.46
N TYR A 17 -2.35 0.48 13.81
CA TYR A 17 -3.00 1.25 14.86
C TYR A 17 -2.67 0.79 16.28
N THR A 18 -2.46 -0.51 16.49
CA THR A 18 -2.14 -0.98 17.85
C THR A 18 -0.75 -0.51 18.28
N PHE A 19 0.21 -0.48 17.36
CA PHE A 19 1.53 -0.02 17.62
C PHE A 19 1.67 1.43 17.17
N ASN A 20 0.66 2.23 17.46
CA ASN A 20 0.66 3.67 17.11
C ASN A 20 1.81 4.41 17.79
N LYS A 21 2.87 4.69 17.03
CA LYS A 21 3.99 5.47 17.56
C LYS A 21 3.70 6.97 17.45
N ASP A 22 2.91 7.33 16.45
CA ASP A 22 2.60 8.73 16.16
C ASP A 22 1.21 8.80 15.53
N GLN A 23 0.27 9.41 16.23
CA GLN A 23 -1.13 9.49 15.77
C GLN A 23 -1.23 10.19 14.43
N ASP A 24 -0.44 11.24 14.24
CA ASP A 24 -0.50 12.02 13.00
C ASP A 24 -0.08 11.13 11.86
N ARG A 25 1.08 10.50 12.01
CA ARG A 25 1.63 9.67 10.95
C ARG A 25 0.82 8.43 10.63
N VAL A 26 0.16 7.83 11.61
CA VAL A 26 -0.75 6.73 11.30
C VAL A 26 -1.86 7.23 10.39
N LYS A 27 -2.49 8.34 10.72
CA LYS A 27 -3.55 8.86 9.86
C LYS A 27 -3.01 9.28 8.49
N LEU A 28 -1.80 9.82 8.45
CA LEU A 28 -1.19 10.32 7.26
C LEU A 28 -0.86 9.18 6.30
N GLY A 29 -0.40 8.07 6.85
CA GLY A 29 -0.06 6.90 6.06
C GLY A 29 -1.32 6.34 5.43
N VAL A 30 -2.28 6.04 6.28
CA VAL A 30 -3.58 5.49 5.86
C VAL A 30 -4.26 6.40 4.83
N ASP A 31 -4.21 7.71 5.02
CA ASP A 31 -4.79 8.66 4.06
C ASP A 31 -4.17 8.50 2.68
N THR A 32 -2.84 8.52 2.64
CA THR A 32 -2.11 8.44 1.39
C THR A 32 -2.42 7.12 0.65
N ILE A 33 -2.44 6.02 1.37
CA ILE A 33 -2.75 4.71 0.78
C ILE A 33 -4.18 4.65 0.28
N ALA A 34 -5.14 5.01 1.13
CA ALA A 34 -6.54 4.94 0.75
C ALA A 34 -6.79 5.75 -0.52
N LYS A 35 -6.20 6.94 -0.58
CA LYS A 35 -6.35 7.78 -1.76
C LYS A 35 -5.75 7.16 -3.02
N TYR A 36 -4.56 6.58 -2.90
CA TYR A 36 -3.90 5.96 -4.03
C TYR A 36 -4.76 4.86 -4.61
N LEU A 37 -5.31 4.03 -3.74
CA LEU A 37 -6.13 2.90 -4.17
C LEU A 37 -7.42 3.39 -4.78
N ASP A 38 -7.95 4.47 -4.26
CA ASP A 38 -9.16 5.07 -4.82
C ASP A 38 -8.87 5.52 -6.23
N ASN A 39 -7.76 6.22 -6.42
CA ASN A 39 -7.42 6.76 -7.74
C ASN A 39 -7.26 5.66 -8.79
N ILE A 40 -6.70 4.53 -8.39
CA ILE A 40 -6.59 3.37 -9.28
C ILE A 40 -7.95 2.70 -9.53
N HIS A 41 -8.78 2.59 -8.50
CA HIS A 41 -10.09 1.96 -8.63
C HIS A 41 -11.12 2.81 -9.39
N LEU A 42 -11.21 4.11 -9.07
CA LEU A 42 -12.22 4.99 -9.67
C LEU A 42 -11.90 5.30 -11.13
N HIS A 43 -10.62 5.33 -11.47
CA HIS A 43 -10.17 5.52 -12.84
C HIS A 43 -9.42 4.25 -13.26
N PRO A 44 -10.16 3.17 -13.58
CA PRO A 44 -9.45 1.94 -13.96
C PRO A 44 -8.74 2.05 -15.30
N GLU A 45 -9.14 3.04 -16.09
CA GLU A 45 -8.52 3.29 -17.40
C GLU A 45 -7.12 3.85 -17.17
N GLU A 46 -6.93 4.52 -16.04
CA GLU A 46 -5.66 5.13 -15.73
C GLU A 46 -4.76 4.21 -14.92
N GLU A 47 -4.39 3.11 -15.55
CA GLU A 47 -3.46 2.17 -15.02
C GLU A 47 -2.16 2.84 -14.63
N LYS A 48 -1.90 3.96 -15.28
CA LYS A 48 -0.75 4.79 -15.03
C LYS A 48 -0.64 5.21 -13.56
N TYR A 49 -1.69 5.09 -12.76
CA TYR A 49 -1.59 5.40 -11.32
C TYR A 49 -0.97 4.27 -10.47
N ARG A 50 -0.96 3.04 -10.97
CA ARG A 50 -0.46 1.85 -10.22
C ARG A 50 0.95 1.94 -9.66
N LYS A 51 1.68 2.90 -10.19
CA LYS A 51 3.10 3.12 -9.96
C LYS A 51 3.45 3.94 -8.72
N ILE A 52 4.27 3.36 -7.86
CA ILE A 52 4.78 4.04 -6.67
C ILE A 52 6.27 3.75 -6.51
N LYS A 53 7.11 4.77 -6.38
CA LYS A 53 8.55 4.55 -6.18
C LYS A 53 8.87 4.92 -4.75
N LEU A 54 9.88 4.30 -4.16
CA LEU A 54 10.27 4.55 -2.75
C LEU A 54 11.05 5.86 -2.60
N GLN A 55 11.59 6.38 -3.69
CA GLN A 55 12.47 7.57 -3.71
C GLN A 55 11.73 8.91 -3.52
N ASN A 56 10.84 8.95 -2.55
CA ASN A 56 9.96 10.08 -2.36
C ASN A 56 9.75 10.32 -0.89
N LYS A 57 10.16 11.48 -0.40
CA LYS A 57 10.07 11.78 1.03
C LYS A 57 8.67 11.60 1.58
N VAL A 58 7.64 11.97 0.82
CA VAL A 58 6.27 11.81 1.29
C VAL A 58 5.96 10.34 1.61
N PHE A 59 6.38 9.42 0.76
CA PHE A 59 6.14 8.00 1.02
C PHE A 59 7.04 7.53 2.16
N GLN A 60 8.26 8.04 2.21
CA GLN A 60 9.19 7.70 3.27
C GLN A 60 8.65 8.10 4.65
N GLU A 61 8.35 9.37 4.85
CA GLU A 61 8.01 9.88 6.19
C GLU A 61 6.63 9.49 6.72
N ARG A 62 5.75 9.01 5.85
CA ARG A 62 4.37 8.65 6.24
C ARG A 62 4.01 7.20 6.15
N ILE A 63 4.76 6.46 5.37
CA ILE A 63 4.46 5.02 5.16
C ILE A 63 5.67 4.10 5.44
N ASN A 64 6.83 4.42 4.89
CA ASN A 64 8.00 3.54 5.03
C ASN A 64 8.75 3.70 6.36
N CYS A 65 8.63 4.87 6.96
CA CYS A 65 9.24 5.16 8.27
C CYS A 65 8.12 5.19 9.31
N LEU A 66 7.13 4.34 9.06
CA LEU A 66 5.95 4.22 9.88
C LEU A 66 5.86 2.74 10.25
N GLU A 67 4.70 2.31 10.74
CA GLU A 67 4.47 0.91 11.11
C GLU A 67 4.49 -0.04 9.90
N GLY A 68 3.92 -1.24 10.04
CA GLY A 68 3.83 -2.17 8.91
C GLY A 68 2.81 -1.75 7.87
N THR A 69 2.77 -0.45 7.62
CA THR A 69 1.92 0.15 6.61
C THR A 69 2.30 -0.32 5.21
N HIS A 70 3.57 -0.68 5.03
CA HIS A 70 4.04 -1.13 3.72
C HIS A 70 3.72 -2.61 3.46
N GLU A 71 3.57 -3.40 4.51
CA GLU A 71 3.23 -4.77 4.40
C GLU A 71 1.80 -4.89 3.90
N PHE A 72 0.97 -3.95 4.31
CA PHE A 72 -0.42 -3.88 3.85
C PHE A 72 -0.43 -3.78 2.34
N PHE A 73 0.34 -2.84 1.81
CA PHE A 73 0.50 -2.63 0.38
C PHE A 73 0.89 -3.92 -0.36
N GLU A 74 1.85 -4.67 0.15
CA GLU A 74 2.23 -5.92 -0.53
C GLU A 74 1.08 -6.94 -0.44
N ALA A 75 0.46 -7.02 0.73
CA ALA A 75 -0.62 -7.97 0.97
C ALA A 75 -1.89 -7.68 0.14
N ILE A 76 -2.17 -6.42 -0.18
CA ILE A 76 -3.32 -6.09 -1.03
C ILE A 76 -3.03 -6.51 -2.48
N GLY A 77 -1.76 -6.76 -2.79
CA GLY A 77 -1.39 -7.23 -4.11
C GLY A 77 -0.35 -6.44 -4.87
N PHE A 78 0.47 -5.65 -4.20
CA PHE A 78 1.49 -4.90 -4.89
C PHE A 78 2.75 -5.71 -4.89
N GLN A 79 3.50 -5.58 -5.96
CA GLN A 79 4.75 -6.29 -6.12
C GLN A 79 5.83 -5.22 -6.26
N LYS A 80 7.03 -5.58 -5.88
CA LYS A 80 8.19 -4.70 -5.88
C LYS A 80 9.08 -5.09 -7.06
N VAL A 81 9.72 -4.12 -7.72
CA VAL A 81 10.51 -4.40 -8.89
C VAL A 81 11.74 -3.54 -8.75
N LEU A 82 12.75 -3.89 -9.50
CA LEU A 82 13.94 -3.12 -9.66
C LEU A 82 13.93 -2.80 -11.15
N LEU A 83 14.21 -1.57 -11.55
CA LEU A 83 14.15 -1.21 -12.95
C LEU A 83 15.51 -1.25 -13.66
N PRO A 84 15.50 -1.35 -15.00
CA PRO A 84 16.68 -1.42 -15.88
C PRO A 84 16.97 -0.04 -16.47
N ALA A 85 17.33 0.89 -15.60
CA ALA A 85 17.55 2.27 -15.99
C ALA A 85 18.48 2.96 -15.11
N GLN A 86 19.08 3.84 -15.86
CA GLN A 86 20.25 4.54 -15.56
C GLN A 86 19.92 5.81 -14.81
N ASP A 87 18.69 5.80 -14.32
CA ASP A 87 18.12 6.85 -13.52
C ASP A 87 18.22 6.41 -12.08
N GLN A 88 18.46 5.11 -11.90
CA GLN A 88 18.50 4.48 -10.60
C GLN A 88 19.83 3.78 -10.33
N GLU A 89 20.89 4.57 -10.21
CA GLU A 89 22.21 4.05 -9.86
C GLU A 89 22.33 4.05 -8.35
N ASP A 90 21.18 3.98 -7.72
CA ASP A 90 21.06 3.85 -6.29
C ASP A 90 20.08 2.73 -6.00
N PRO A 91 20.14 2.16 -4.79
CA PRO A 91 19.25 1.04 -4.46
C PRO A 91 17.82 1.51 -4.17
N GLU A 92 17.05 1.48 -5.24
CA GLU A 92 15.65 1.92 -5.23
C GLU A 92 14.76 0.82 -5.77
N GLU A 93 13.46 0.96 -5.53
CA GLU A 93 12.50 -0.07 -5.89
C GLU A 93 11.19 0.58 -6.30
N PHE A 94 10.37 -0.16 -7.02
CA PHE A 94 9.11 0.37 -7.50
C PHE A 94 8.00 -0.58 -7.09
N TYR A 95 6.97 -0.05 -6.48
CA TYR A 95 5.81 -0.81 -6.11
C TYR A 95 4.81 -0.63 -7.23
N VAL A 96 4.16 -1.71 -7.60
CA VAL A 96 3.16 -1.70 -8.65
C VAL A 96 2.06 -2.67 -8.26
N LEU A 97 0.82 -2.24 -8.44
CA LEU A 97 -0.32 -3.12 -8.17
C LEU A 97 -0.27 -4.19 -9.25
N SER A 98 -0.16 -5.44 -8.82
CA SER A 98 0.03 -6.55 -9.74
C SER A 98 -1.24 -7.01 -10.45
N GLU A 99 -1.05 -7.72 -11.54
CA GLU A 99 -2.12 -8.19 -12.43
C GLU A 99 -3.20 -9.00 -11.71
N THR A 100 -2.80 -9.77 -10.72
CA THR A 100 -3.74 -10.62 -9.99
C THR A 100 -4.88 -9.82 -9.36
N THR A 101 -4.60 -8.62 -8.85
CA THR A 101 -5.61 -7.78 -8.25
C THR A 101 -6.23 -6.85 -9.29
N LEU A 102 -5.49 -6.58 -10.36
CA LEU A 102 -6.01 -5.74 -11.44
C LEU A 102 -7.20 -6.46 -12.09
N ALA A 103 -7.05 -7.77 -12.24
CA ALA A 103 -8.09 -8.62 -12.82
C ALA A 103 -9.36 -8.61 -11.96
N GLN A 104 -9.22 -8.35 -10.68
CA GLN A 104 -10.35 -8.30 -9.77
C GLN A 104 -10.38 -6.98 -8.99
N PRO A 105 -10.96 -5.92 -9.59
CA PRO A 105 -10.99 -4.61 -8.93
C PRO A 105 -11.81 -4.62 -7.64
N GLN A 106 -12.67 -5.61 -7.48
CA GLN A 106 -13.45 -5.77 -6.25
C GLN A 106 -12.54 -6.10 -5.07
N SER A 107 -11.34 -6.59 -5.33
CA SER A 107 -10.41 -6.89 -4.25
C SER A 107 -9.81 -5.56 -3.81
N LEU A 108 -9.42 -4.74 -4.77
CA LEU A 108 -8.86 -3.41 -4.47
C LEU A 108 -9.89 -2.58 -3.73
N GLU A 109 -11.14 -2.71 -4.14
CA GLU A 109 -12.26 -2.05 -3.49
C GLU A 109 -12.29 -2.41 -2.03
N ARG A 110 -12.27 -3.71 -1.77
CA ARG A 110 -12.27 -4.24 -0.41
C ARG A 110 -11.06 -3.78 0.38
N HIS A 111 -9.88 -3.81 -0.20
CA HIS A 111 -8.69 -3.37 0.45
C HIS A 111 -8.76 -1.89 0.80
N LYS A 112 -9.35 -1.08 -0.07
CA LYS A 112 -9.52 0.35 0.22
C LYS A 112 -10.41 0.55 1.44
N GLU A 113 -11.58 -0.08 1.43
CA GLU A 113 -12.54 0.06 2.42
C GLU A 113 -12.09 -0.55 3.74
N GLN A 114 -11.30 -1.61 3.69
CA GLN A 114 -10.75 -2.22 4.90
C GLN A 114 -9.95 -1.17 5.65
N LEU A 115 -9.18 -0.43 4.88
CA LEU A 115 -8.26 0.53 5.39
C LEU A 115 -8.95 1.79 5.93
N LEU A 116 -10.15 2.04 5.44
CA LEU A 116 -10.95 3.17 5.91
C LEU A 116 -11.73 2.77 7.17
N ALA A 117 -12.09 1.50 7.25
CA ALA A 117 -12.84 0.93 8.39
C ALA A 117 -11.92 0.47 9.53
N ALA A 118 -10.79 1.14 9.66
CA ALA A 118 -9.76 0.82 10.63
C ALA A 118 -10.08 1.18 12.11
N GLU A 119 -11.26 0.80 12.57
CA GLU A 119 -11.74 0.90 13.87
C GLU A 119 -11.61 2.25 14.61
N GLY A 1 -5.04 -24.35 12.84
CA GLY A 1 -4.79 -24.81 11.45
C GLY A 1 -3.44 -24.36 10.97
N SER A 2 -3.23 -24.29 9.66
CA SER A 2 -1.96 -23.81 9.10
C SER A 2 -1.80 -22.33 9.43
N HIS A 3 -2.93 -21.66 9.59
CA HIS A 3 -3.00 -20.26 9.95
C HIS A 3 -4.24 -20.17 10.83
N MET A 4 -4.48 -19.02 11.45
CA MET A 4 -5.59 -18.85 12.39
C MET A 4 -6.87 -18.31 11.74
N SER A 5 -7.14 -18.75 10.52
CA SER A 5 -8.32 -18.33 9.73
C SER A 5 -8.41 -16.81 9.52
N THR A 6 -7.26 -16.16 9.57
CA THR A 6 -7.11 -14.72 9.37
C THR A 6 -5.94 -14.56 8.56
N ASP A 7 -5.88 -13.33 8.15
CA ASP A 7 -5.26 -13.06 6.95
C ASP A 7 -4.39 -11.81 7.02
N PRO A 8 -3.48 -11.64 6.06
CA PRO A 8 -2.48 -10.56 6.12
C PRO A 8 -2.86 -9.14 6.19
N VAL A 9 -3.96 -8.74 5.58
CA VAL A 9 -4.07 -7.41 5.31
C VAL A 9 -4.68 -6.96 6.60
N ALA A 10 -5.62 -7.78 7.08
CA ALA A 10 -6.33 -7.46 8.27
C ALA A 10 -5.32 -7.43 9.40
N ALA A 11 -4.40 -8.39 9.37
CA ALA A 11 -3.34 -8.48 10.36
C ALA A 11 -2.53 -7.19 10.40
N SER A 12 -2.05 -6.71 9.27
CA SER A 12 -1.35 -5.42 9.28
C SER A 12 -2.16 -4.14 9.48
N ILE A 13 -3.43 -4.07 9.08
CA ILE A 13 -4.20 -2.89 9.49
C ILE A 13 -4.13 -2.76 11.02
N MET A 14 -4.26 -3.86 11.75
CA MET A 14 -4.09 -3.81 13.20
C MET A 14 -2.65 -3.41 13.55
N LYS A 15 -1.65 -3.94 12.85
CA LYS A 15 -0.26 -3.55 13.01
C LYS A 15 -0.06 -2.05 12.90
N ILE A 16 -0.64 -1.39 11.91
CA ILE A 16 -0.50 0.06 11.77
C ILE A 16 -1.09 0.74 13.01
N TYR A 17 -2.25 0.24 13.42
CA TYR A 17 -3.00 0.80 14.54
C TYR A 17 -2.41 0.65 15.94
N THR A 18 -1.92 -0.53 16.26
CA THR A 18 -1.41 -0.80 17.61
C THR A 18 -0.06 -0.14 17.85
N PHE A 19 0.62 0.20 16.78
CA PHE A 19 1.87 0.89 16.84
C PHE A 19 1.62 2.40 16.64
N ASN A 20 0.49 2.87 17.14
CA ASN A 20 0.08 4.28 17.06
C ASN A 20 0.88 5.19 17.99
N LYS A 21 2.11 5.45 17.59
CA LYS A 21 2.99 6.38 18.30
C LYS A 21 2.37 7.78 18.27
N ASP A 22 1.55 7.99 17.26
CA ASP A 22 0.82 9.23 17.06
C ASP A 22 -0.41 8.86 16.26
N GLN A 23 -1.56 9.39 16.63
CA GLN A 23 -2.80 9.14 15.90
C GLN A 23 -2.73 9.84 14.56
N ASP A 24 -1.94 10.89 14.46
CA ASP A 24 -1.79 11.59 13.19
C ASP A 24 -1.02 10.68 12.23
N ARG A 25 -0.14 9.82 12.74
CA ARG A 25 0.57 8.87 11.88
C ARG A 25 -0.36 7.81 11.31
N VAL A 26 -1.35 7.42 12.10
CA VAL A 26 -2.38 6.50 11.62
C VAL A 26 -3.20 7.20 10.54
N LYS A 27 -3.58 8.45 10.81
CA LYS A 27 -4.35 9.26 9.87
C LYS A 27 -3.58 9.49 8.56
N LEU A 28 -2.29 9.76 8.70
CA LEU A 28 -1.36 9.92 7.58
C LEU A 28 -1.40 8.67 6.76
N GLY A 29 -1.28 7.57 7.46
CA GLY A 29 -1.32 6.27 6.81
C GLY A 29 -2.57 6.13 5.97
N VAL A 30 -3.74 6.21 6.59
CA VAL A 30 -5.01 6.09 5.87
C VAL A 30 -5.14 7.08 4.71
N ASP A 31 -4.84 8.34 4.96
CA ASP A 31 -4.90 9.37 3.91
C ASP A 31 -4.05 8.97 2.72
N THR A 32 -2.82 8.59 2.96
CA THR A 32 -1.89 8.27 1.89
C THR A 32 -2.31 7.02 1.12
N ILE A 33 -2.68 5.96 1.81
CA ILE A 33 -3.06 4.71 1.15
C ILE A 33 -4.32 4.91 0.32
N ALA A 34 -5.36 5.44 0.94
CA ALA A 34 -6.65 5.58 0.28
C ALA A 34 -6.55 6.48 -0.94
N LYS A 35 -5.80 7.56 -0.83
CA LYS A 35 -5.65 8.52 -1.91
C LYS A 35 -5.01 7.96 -3.17
N TYR A 36 -3.92 7.25 -3.02
CA TYR A 36 -3.25 6.66 -4.14
C TYR A 36 -4.14 5.62 -4.80
N LEU A 37 -4.87 4.86 -4.00
CA LEU A 37 -5.79 3.86 -4.55
C LEU A 37 -6.96 4.54 -5.24
N ASP A 38 -7.39 5.68 -4.70
CA ASP A 38 -8.50 6.43 -5.29
C ASP A 38 -8.17 6.84 -6.70
N ASN A 39 -6.98 7.38 -6.91
CA ASN A 39 -6.61 7.86 -8.25
C ASN A 39 -6.69 6.73 -9.28
N ILE A 40 -6.29 5.53 -8.87
CA ILE A 40 -6.36 4.35 -9.73
C ILE A 40 -7.81 3.90 -9.94
N HIS A 41 -8.63 4.00 -8.90
CA HIS A 41 -10.03 3.60 -8.96
C HIS A 41 -10.91 4.57 -9.76
N LEU A 42 -10.75 5.87 -9.53
CA LEU A 42 -11.58 6.88 -10.19
C LEU A 42 -11.20 7.07 -11.66
N HIS A 43 -9.92 6.92 -11.99
CA HIS A 43 -9.46 6.93 -13.36
C HIS A 43 -8.89 5.55 -13.70
N PRO A 44 -9.75 4.55 -13.96
CA PRO A 44 -9.20 3.22 -14.27
C PRO A 44 -8.48 3.17 -15.61
N GLU A 45 -8.76 4.15 -16.46
CA GLU A 45 -8.13 4.25 -17.77
C GLU A 45 -6.66 4.66 -17.63
N GLU A 46 -6.35 5.36 -16.54
CA GLU A 46 -5.00 5.86 -16.31
C GLU A 46 -4.18 4.84 -15.54
N GLU A 47 -3.99 3.68 -16.15
CA GLU A 47 -3.23 2.58 -15.62
C GLU A 47 -1.83 2.99 -15.20
N LYS A 48 -1.32 4.05 -15.82
CA LYS A 48 -0.02 4.58 -15.54
C LYS A 48 0.15 5.02 -14.09
N TYR A 49 -0.92 5.19 -13.34
CA TYR A 49 -0.84 5.60 -11.93
C TYR A 49 -0.43 4.48 -10.95
N ARG A 50 -0.55 3.21 -11.36
CA ARG A 50 -0.33 2.04 -10.47
C ARG A 50 1.12 1.80 -10.04
N LYS A 51 1.90 2.85 -10.02
CA LYS A 51 3.33 2.79 -9.75
C LYS A 51 3.82 3.67 -8.60
N ILE A 52 4.61 3.07 -7.73
CA ILE A 52 5.24 3.75 -6.59
C ILE A 52 6.73 3.42 -6.51
N LYS A 53 7.61 4.40 -6.61
CA LYS A 53 9.04 4.14 -6.39
C LYS A 53 9.33 4.68 -5.01
N LEU A 54 10.16 3.98 -4.27
CA LEU A 54 10.50 4.38 -2.90
C LEU A 54 11.38 5.65 -2.87
N GLN A 55 12.08 5.94 -3.96
CA GLN A 55 13.03 7.08 -4.04
C GLN A 55 12.41 8.46 -4.17
N ASN A 56 11.44 8.77 -3.33
CA ASN A 56 10.68 10.01 -3.45
C ASN A 56 10.33 10.46 -2.05
N LYS A 57 10.64 11.71 -1.71
CA LYS A 57 10.47 12.18 -0.33
C LYS A 57 9.09 11.92 0.28
N VAL A 58 8.02 12.21 -0.44
CA VAL A 58 6.68 12.02 0.11
C VAL A 58 6.43 10.55 0.43
N PHE A 59 6.89 9.65 -0.44
CA PHE A 59 6.70 8.23 -0.22
C PHE A 59 7.59 7.74 0.92
N GLN A 60 8.81 8.26 0.99
CA GLN A 60 9.70 7.89 2.07
C GLN A 60 9.08 8.31 3.40
N GLU A 61 8.64 9.55 3.51
CA GLU A 61 8.07 10.06 4.75
C GLU A 61 6.76 9.42 5.16
N ARG A 62 5.85 9.21 4.20
CA ARG A 62 4.50 8.73 4.54
C ARG A 62 4.24 7.26 4.45
N ILE A 63 5.12 6.54 3.79
CA ILE A 63 4.95 5.09 3.64
C ILE A 63 6.16 4.31 4.17
N ASN A 64 7.37 4.67 3.77
CA ASN A 64 8.56 3.91 4.18
C ASN A 64 9.07 4.25 5.60
N CYS A 65 8.62 5.38 6.15
CA CYS A 65 9.00 5.79 7.51
C CYS A 65 7.78 5.71 8.43
N LEU A 66 6.80 4.93 8.02
CA LEU A 66 5.56 4.77 8.76
C LEU A 66 5.57 3.35 9.33
N GLU A 67 4.46 2.94 9.94
CA GLU A 67 4.29 1.61 10.50
C GLU A 67 4.24 0.50 9.46
N GLY A 68 3.68 -0.66 9.80
CA GLY A 68 3.59 -1.78 8.88
C GLY A 68 2.65 -1.55 7.71
N THR A 69 2.46 -0.31 7.31
CA THR A 69 1.63 0.00 6.15
C THR A 69 2.30 -0.46 4.86
N HIS A 70 3.61 -0.64 4.88
CA HIS A 70 4.31 -1.13 3.68
C HIS A 70 3.89 -2.58 3.42
N GLU A 71 3.82 -3.38 4.47
CA GLU A 71 3.41 -4.73 4.41
C GLU A 71 1.94 -4.83 4.02
N PHE A 72 1.15 -3.87 4.48
CA PHE A 72 -0.27 -3.80 4.13
C PHE A 72 -0.39 -3.61 2.62
N PHE A 73 0.34 -2.64 2.08
CA PHE A 73 0.37 -2.38 0.64
C PHE A 73 0.78 -3.60 -0.19
N GLU A 74 1.80 -4.33 0.22
CA GLU A 74 2.19 -5.53 -0.52
C GLU A 74 1.06 -6.56 -0.44
N ALA A 75 0.49 -6.70 0.75
CA ALA A 75 -0.59 -7.66 0.99
C ALA A 75 -1.89 -7.36 0.23
N ILE A 76 -2.18 -6.09 -0.04
CA ILE A 76 -3.39 -5.74 -0.81
C ILE A 76 -3.22 -6.14 -2.27
N GLY A 77 -1.98 -6.40 -2.70
CA GLY A 77 -1.75 -6.84 -4.07
C GLY A 77 -0.66 -6.13 -4.82
N PHE A 78 0.25 -5.44 -4.13
CA PHE A 78 1.32 -4.76 -4.80
C PHE A 78 2.52 -5.69 -4.83
N GLN A 79 3.29 -5.58 -5.88
CA GLN A 79 4.48 -6.38 -6.05
C GLN A 79 5.66 -5.45 -6.19
N LYS A 80 6.79 -5.91 -5.71
CA LYS A 80 8.04 -5.16 -5.74
C LYS A 80 8.80 -5.62 -6.97
N VAL A 81 9.51 -4.72 -7.66
CA VAL A 81 10.25 -5.10 -8.84
C VAL A 81 11.56 -4.37 -8.68
N LEU A 82 12.54 -4.79 -9.45
CA LEU A 82 13.81 -4.13 -9.58
C LEU A 82 13.85 -3.72 -11.05
N LEU A 83 14.27 -2.50 -11.35
CA LEU A 83 14.33 -2.04 -12.73
C LEU A 83 15.78 -1.98 -13.24
N PRO A 84 15.95 -1.97 -14.57
CA PRO A 84 17.24 -1.91 -15.27
C PRO A 84 17.57 -0.44 -15.53
N ALA A 85 17.81 0.28 -14.44
CA ALA A 85 18.05 1.71 -14.47
C ALA A 85 18.99 2.09 -13.45
N GLN A 86 19.56 3.18 -13.85
CA GLN A 86 20.76 3.68 -13.34
C GLN A 86 20.41 4.74 -12.31
N ASP A 87 19.14 4.66 -11.93
CA ASP A 87 18.58 5.44 -10.85
C ASP A 87 18.54 4.50 -9.66
N GLN A 88 18.69 3.21 -9.96
CA GLN A 88 18.51 2.13 -8.99
C GLN A 88 19.62 1.09 -9.16
N GLU A 89 20.86 1.53 -9.19
CA GLU A 89 22.01 0.61 -9.33
C GLU A 89 22.46 0.13 -7.96
N ASP A 90 21.49 0.17 -7.05
CA ASP A 90 21.63 -0.32 -5.70
C ASP A 90 20.25 -0.88 -5.37
N PRO A 91 20.14 -1.71 -4.31
CA PRO A 91 18.88 -2.29 -3.80
C PRO A 91 17.70 -1.33 -3.53
N GLU A 92 17.03 -0.94 -4.60
CA GLU A 92 15.86 -0.08 -4.56
C GLU A 92 14.77 -0.71 -5.41
N GLU A 93 13.52 -0.47 -5.05
CA GLU A 93 12.39 -1.17 -5.66
C GLU A 93 11.28 -0.28 -6.18
N PHE A 94 10.40 -0.86 -6.99
CA PHE A 94 9.22 -0.18 -7.45
C PHE A 94 8.06 -1.04 -7.01
N TYR A 95 7.10 -0.44 -6.34
CA TYR A 95 5.90 -1.13 -5.93
C TYR A 95 4.90 -0.86 -7.02
N VAL A 96 4.22 -1.89 -7.49
CA VAL A 96 3.21 -1.74 -8.53
C VAL A 96 1.99 -2.57 -8.16
N LEU A 97 0.79 -2.04 -8.35
CA LEU A 97 -0.43 -2.82 -8.09
C LEU A 97 -0.45 -3.83 -9.22
N SER A 98 -0.37 -5.10 -8.84
CA SER A 98 -0.23 -6.18 -9.79
C SER A 98 -1.51 -6.54 -10.53
N GLU A 99 -1.34 -7.11 -11.72
CA GLU A 99 -2.45 -7.45 -12.63
C GLU A 99 -3.44 -8.43 -12.02
N THR A 100 -2.98 -9.27 -11.11
CA THR A 100 -3.86 -10.25 -10.47
C THR A 100 -4.98 -9.54 -9.70
N THR A 101 -4.65 -8.44 -9.04
CA THR A 101 -5.63 -7.68 -8.28
C THR A 101 -6.41 -6.74 -9.18
N LEU A 102 -5.82 -6.35 -10.30
CA LEU A 102 -6.52 -5.51 -11.27
C LEU A 102 -7.68 -6.33 -11.84
N ALA A 103 -7.40 -7.60 -12.10
CA ALA A 103 -8.38 -8.53 -12.63
C ALA A 103 -9.45 -8.88 -11.59
N GLN A 104 -9.17 -8.57 -10.32
CA GLN A 104 -10.11 -8.83 -9.24
C GLN A 104 -10.38 -7.54 -8.45
N PRO A 105 -11.27 -6.70 -8.97
CA PRO A 105 -11.53 -5.42 -8.34
C PRO A 105 -12.20 -5.55 -6.98
N GLN A 106 -12.89 -6.66 -6.76
CA GLN A 106 -13.53 -6.94 -5.47
C GLN A 106 -12.49 -7.18 -4.39
N SER A 107 -11.33 -7.69 -4.77
CA SER A 107 -10.27 -7.90 -3.80
C SER A 107 -9.75 -6.54 -3.37
N LEU A 108 -9.49 -5.67 -4.35
CA LEU A 108 -9.04 -4.31 -4.07
C LEU A 108 -10.08 -3.55 -3.25
N GLU A 109 -11.34 -3.80 -3.55
CA GLU A 109 -12.46 -3.20 -2.84
C GLU A 109 -12.35 -3.54 -1.36
N ARG A 110 -12.29 -4.84 -1.08
CA ARG A 110 -12.16 -5.29 0.31
C ARG A 110 -10.93 -4.70 0.96
N HIS A 111 -9.79 -4.72 0.30
CA HIS A 111 -8.58 -4.22 0.86
C HIS A 111 -8.66 -2.75 1.23
N LYS A 112 -9.33 -1.95 0.40
CA LYS A 112 -9.52 -0.53 0.69
C LYS A 112 -10.43 -0.35 1.89
N GLU A 113 -11.60 -0.97 1.87
CA GLU A 113 -12.57 -0.84 2.85
C GLU A 113 -12.19 -1.48 4.18
N GLN A 114 -11.32 -2.48 4.16
CA GLN A 114 -10.85 -3.12 5.40
C GLN A 114 -10.21 -2.05 6.26
N LEU A 115 -9.41 -1.24 5.57
CA LEU A 115 -8.66 -0.18 6.19
C LEU A 115 -9.57 0.94 6.69
N LEU A 116 -10.61 1.24 5.94
CA LEU A 116 -11.54 2.31 6.32
C LEU A 116 -12.46 1.88 7.47
N ALA A 117 -12.80 0.59 7.49
CA ALA A 117 -13.68 0.02 8.52
C ALA A 117 -12.92 -0.34 9.81
N ALA A 118 -11.72 0.20 9.98
CA ALA A 118 -10.89 -0.03 11.13
C ALA A 118 -11.35 0.81 12.34
N GLU A 119 -12.58 0.59 12.78
CA GLU A 119 -13.16 1.30 13.92
C GLU A 119 -12.87 0.54 15.21
N GLY A 1 2.95 -23.25 0.24
CA GLY A 1 2.01 -22.26 0.77
C GLY A 1 1.51 -22.66 2.13
N SER A 2 0.61 -21.87 2.71
CA SER A 2 0.06 -22.14 4.04
C SER A 2 -1.38 -21.65 4.01
N HIS A 3 -2.11 -21.89 5.08
CA HIS A 3 -3.50 -21.45 5.20
C HIS A 3 -3.62 -20.88 6.60
N MET A 4 -4.37 -19.80 6.75
CA MET A 4 -4.51 -19.12 8.04
C MET A 4 -5.98 -18.78 8.23
N SER A 5 -6.41 -18.66 9.48
CA SER A 5 -7.79 -18.34 9.82
C SER A 5 -8.16 -16.89 9.48
N THR A 6 -7.17 -16.01 9.50
CA THR A 6 -7.39 -14.58 9.26
C THR A 6 -6.53 -14.07 8.14
N ASP A 7 -7.01 -12.99 7.54
CA ASP A 7 -6.34 -12.35 6.43
C ASP A 7 -5.11 -11.56 6.86
N PRO A 8 -4.09 -11.46 5.98
CA PRO A 8 -2.88 -10.69 6.25
C PRO A 8 -3.04 -9.24 6.30
N VAL A 9 -4.05 -8.77 5.60
CA VAL A 9 -4.03 -7.44 5.25
C VAL A 9 -4.68 -6.94 6.50
N ALA A 10 -5.69 -7.68 6.92
CA ALA A 10 -6.47 -7.34 8.07
C ALA A 10 -5.54 -7.38 9.30
N ALA A 11 -4.72 -8.42 9.35
CA ALA A 11 -3.73 -8.57 10.42
C ALA A 11 -2.82 -7.35 10.45
N SER A 12 -2.41 -6.88 9.28
CA SER A 12 -1.65 -5.62 9.28
C SER A 12 -2.47 -4.38 9.63
N ILE A 13 -3.76 -4.31 9.35
CA ILE A 13 -4.53 -3.15 9.82
C ILE A 13 -4.47 -3.08 11.33
N MET A 14 -4.52 -4.22 11.99
CA MET A 14 -4.40 -4.24 13.44
C MET A 14 -3.10 -3.58 13.94
N LYS A 15 -1.92 -3.95 13.44
CA LYS A 15 -0.71 -3.39 13.95
C LYS A 15 -0.66 -1.92 13.62
N ILE A 16 -1.24 -1.51 12.51
CA ILE A 16 -1.17 -0.10 12.16
C ILE A 16 -1.98 0.73 13.18
N TYR A 17 -3.20 0.30 13.47
CA TYR A 17 -4.05 1.03 14.41
C TYR A 17 -3.70 0.84 15.89
N THR A 18 -3.11 -0.28 16.27
CA THR A 18 -2.72 -0.46 17.67
C THR A 18 -1.51 0.42 18.01
N PHE A 19 -0.81 0.88 16.98
CA PHE A 19 0.31 1.78 17.14
C PHE A 19 -0.15 3.25 17.09
N ASN A 20 -1.44 3.48 17.31
CA ASN A 20 -2.03 4.83 17.27
C ASN A 20 -1.65 5.76 18.44
N LYS A 21 -0.50 5.49 19.03
CA LYS A 21 0.05 6.34 20.10
C LYS A 21 0.31 7.70 19.47
N ASP A 22 0.56 7.68 18.17
CA ASP A 22 0.71 8.89 17.37
C ASP A 22 -0.41 8.88 16.35
N GLN A 23 -1.43 9.69 16.61
CA GLN A 23 -2.60 9.77 15.75
C GLN A 23 -2.28 10.36 14.39
N ASP A 24 -1.35 11.30 14.34
CA ASP A 24 -1.01 11.93 13.06
C ASP A 24 -0.42 10.87 12.16
N ARG A 25 0.46 10.04 12.69
CA ARG A 25 1.06 8.96 11.90
C ARG A 25 0.04 8.00 11.31
N VAL A 26 -0.99 7.69 12.06
CA VAL A 26 -2.04 6.82 11.53
C VAL A 26 -2.76 7.54 10.39
N LYS A 27 -3.11 8.80 10.58
CA LYS A 27 -3.84 9.53 9.53
C LYS A 27 -2.95 9.87 8.32
N LEU A 28 -1.66 10.01 8.55
CA LEU A 28 -0.65 10.21 7.50
C LEU A 28 -0.74 8.98 6.61
N GLY A 29 -0.81 7.84 7.27
CA GLY A 29 -0.93 6.56 6.60
C GLY A 29 -2.20 6.48 5.78
N VAL A 30 -3.35 6.64 6.43
CA VAL A 30 -4.64 6.53 5.72
C VAL A 30 -4.73 7.52 4.56
N ASP A 31 -4.26 8.74 4.76
CA ASP A 31 -4.24 9.75 3.69
C ASP A 31 -3.54 9.22 2.45
N THR A 32 -2.36 8.68 2.65
CA THR A 32 -1.59 8.18 1.52
C THR A 32 -2.27 6.97 0.86
N ILE A 33 -2.69 6.01 1.67
CA ILE A 33 -3.30 4.78 1.14
C ILE A 33 -4.59 5.09 0.37
N ALA A 34 -5.52 5.83 0.98
CA ALA A 34 -6.79 6.12 0.34
C ALA A 34 -6.61 6.89 -0.98
N LYS A 35 -5.71 7.84 -0.96
CA LYS A 35 -5.44 8.69 -2.14
C LYS A 35 -4.88 7.93 -3.30
N TYR A 36 -3.93 7.03 -3.06
CA TYR A 36 -3.40 6.24 -4.13
C TYR A 36 -4.49 5.37 -4.74
N LEU A 37 -5.33 4.78 -3.90
CA LEU A 37 -6.41 3.94 -4.42
C LEU A 37 -7.38 4.77 -5.23
N ASP A 38 -7.61 6.00 -4.83
CA ASP A 38 -8.45 6.91 -5.61
C ASP A 38 -7.76 7.12 -6.96
N ASN A 39 -6.51 7.51 -6.93
CA ASN A 39 -5.83 7.80 -8.18
C ASN A 39 -5.74 6.61 -9.14
N ILE A 40 -6.00 5.42 -8.62
CA ILE A 40 -6.18 4.20 -9.42
C ILE A 40 -7.64 3.92 -9.83
N HIS A 41 -8.60 4.20 -8.96
CA HIS A 41 -10.01 3.92 -9.24
C HIS A 41 -10.67 4.86 -10.28
N LEU A 42 -10.66 6.18 -10.04
CA LEU A 42 -11.19 7.19 -10.93
C LEU A 42 -10.56 7.12 -12.29
N HIS A 43 -9.32 6.66 -12.29
CA HIS A 43 -8.52 6.48 -13.45
C HIS A 43 -8.33 5.01 -13.93
N PRO A 44 -9.40 4.36 -14.42
CA PRO A 44 -9.23 2.95 -14.80
C PRO A 44 -8.45 2.77 -16.10
N GLU A 45 -8.39 3.82 -16.91
CA GLU A 45 -7.69 3.77 -18.18
C GLU A 45 -6.18 3.97 -17.98
N GLU A 46 -5.81 4.53 -16.85
CA GLU A 46 -4.42 4.89 -16.62
C GLU A 46 -3.62 3.95 -15.73
N GLU A 47 -3.25 2.83 -16.32
CA GLU A 47 -2.38 1.86 -15.73
C GLU A 47 -1.04 2.47 -15.35
N LYS A 48 -0.66 3.52 -16.03
CA LYS A 48 0.54 4.25 -15.74
C LYS A 48 0.56 4.84 -14.32
N TYR A 49 -0.58 4.95 -13.66
CA TYR A 49 -0.65 5.53 -12.31
C TYR A 49 -0.47 4.52 -11.16
N ARG A 50 -0.62 3.23 -11.44
CA ARG A 50 -0.55 2.14 -10.45
C ARG A 50 0.81 1.92 -9.79
N LYS A 51 1.66 2.93 -9.83
CA LYS A 51 3.04 2.83 -9.43
C LYS A 51 3.44 3.73 -8.27
N ILE A 52 4.24 3.18 -7.37
CA ILE A 52 4.76 3.89 -6.20
C ILE A 52 6.26 3.64 -6.10
N LYS A 53 7.07 4.66 -6.34
CA LYS A 53 8.53 4.52 -6.20
C LYS A 53 8.83 4.57 -4.72
N LEU A 54 9.89 3.92 -4.27
CA LEU A 54 10.25 3.94 -2.86
C LEU A 54 10.90 5.25 -2.41
N GLN A 55 11.89 5.73 -3.16
CA GLN A 55 12.72 6.84 -2.67
C GLN A 55 12.33 8.22 -3.15
N ASN A 56 11.27 8.68 -2.54
CA ASN A 56 10.74 10.02 -2.74
C ASN A 56 10.99 10.72 -1.42
N LYS A 57 11.38 11.98 -1.43
CA LYS A 57 11.67 12.70 -0.18
C LYS A 57 10.54 12.58 0.83
N VAL A 58 9.31 12.85 0.39
CA VAL A 58 8.14 12.80 1.29
C VAL A 58 7.93 11.40 1.85
N PHE A 59 8.20 10.37 1.06
CA PHE A 59 8.03 8.99 1.52
C PHE A 59 9.09 8.66 2.55
N GLN A 60 10.33 9.02 2.27
CA GLN A 60 11.43 8.73 3.17
C GLN A 60 11.26 9.46 4.51
N GLU A 61 10.67 10.65 4.48
CA GLU A 61 10.43 11.42 5.71
C GLU A 61 9.21 10.92 6.50
N ARG A 62 8.07 10.75 5.84
CA ARG A 62 6.84 10.35 6.53
C ARG A 62 6.58 8.86 6.70
N ILE A 63 6.75 8.14 5.61
CA ILE A 63 6.28 6.75 5.51
C ILE A 63 7.33 5.67 5.81
N ASN A 64 8.57 5.91 5.45
CA ASN A 64 9.66 4.94 5.63
C ASN A 64 9.94 4.53 7.08
N CYS A 65 9.41 5.32 8.02
CA CYS A 65 9.66 5.05 9.44
C CYS A 65 8.31 4.88 10.14
N LEU A 66 7.28 4.63 9.33
CA LEU A 66 5.92 4.46 9.82
C LEU A 66 5.60 2.98 10.09
N GLU A 67 4.33 2.69 10.35
CA GLU A 67 3.87 1.34 10.69
C GLU A 67 3.91 0.32 9.57
N GLY A 68 3.28 -0.83 9.84
CA GLY A 68 3.18 -1.92 8.88
C GLY A 68 2.25 -1.62 7.73
N THR A 69 2.11 -0.36 7.35
CA THR A 69 1.33 0.00 6.15
C THR A 69 2.04 -0.60 4.91
N HIS A 70 3.33 -0.85 5.03
CA HIS A 70 4.08 -1.49 3.96
C HIS A 70 3.64 -2.94 3.75
N GLU A 71 3.45 -3.68 4.84
CA GLU A 71 3.05 -5.04 4.81
C GLU A 71 1.62 -5.15 4.29
N PHE A 72 0.82 -4.14 4.63
CA PHE A 72 -0.57 -4.06 4.19
C PHE A 72 -0.58 -4.04 2.65
N PHE A 73 0.18 -3.10 2.08
CA PHE A 73 0.36 -2.96 0.64
C PHE A 73 1.00 -4.17 -0.06
N GLU A 74 1.92 -4.88 0.58
CA GLU A 74 2.50 -6.06 -0.04
C GLU A 74 1.45 -7.16 -0.07
N ALA A 75 0.72 -7.29 1.02
CA ALA A 75 -0.30 -8.32 1.17
C ALA A 75 -1.45 -8.19 0.18
N ILE A 76 -1.76 -6.99 -0.29
CA ILE A 76 -2.83 -6.81 -1.27
C ILE A 76 -2.39 -7.36 -2.62
N GLY A 77 -1.08 -7.52 -2.81
CA GLY A 77 -0.57 -8.07 -4.06
C GLY A 77 0.28 -7.14 -4.89
N PHE A 78 0.99 -6.21 -4.26
CA PHE A 78 1.86 -5.34 -5.02
C PHE A 78 3.16 -6.04 -5.31
N GLN A 79 3.75 -5.70 -6.43
CA GLN A 79 5.00 -6.31 -6.89
C GLN A 79 6.03 -5.22 -7.01
N LYS A 80 7.29 -5.62 -7.04
CA LYS A 80 8.43 -4.72 -7.10
C LYS A 80 9.12 -4.89 -8.46
N VAL A 81 9.68 -3.83 -9.02
CA VAL A 81 10.30 -3.94 -10.33
C VAL A 81 11.55 -3.10 -10.22
N LEU A 82 12.44 -3.33 -11.17
CA LEU A 82 13.58 -2.50 -11.42
C LEU A 82 13.30 -2.01 -12.83
N LEU A 83 13.51 -0.74 -13.12
CA LEU A 83 13.22 -0.23 -14.44
C LEU A 83 14.39 -0.41 -15.40
N PRO A 84 14.13 -0.39 -16.70
CA PRO A 84 15.11 -0.51 -17.77
C PRO A 84 15.51 0.90 -18.19
N ALA A 85 16.16 1.58 -17.27
CA ALA A 85 16.54 2.99 -17.45
C ALA A 85 17.57 3.36 -16.53
N GLN A 86 18.10 4.48 -16.94
CA GLN A 86 19.36 4.93 -16.53
C GLN A 86 19.21 6.32 -15.94
N ASP A 87 17.95 6.59 -15.60
CA ASP A 87 17.55 7.83 -14.94
C ASP A 87 17.80 7.62 -13.44
N GLN A 88 17.97 6.36 -13.09
CA GLN A 88 18.19 5.92 -11.73
C GLN A 88 19.23 4.80 -11.74
N GLU A 89 20.50 5.18 -11.74
CA GLU A 89 21.59 4.19 -11.75
C GLU A 89 21.94 3.78 -10.34
N ASP A 90 20.95 3.91 -9.46
CA ASP A 90 21.05 3.45 -8.10
C ASP A 90 19.94 2.46 -7.81
N PRO A 91 20.19 1.54 -6.86
CA PRO A 91 19.21 0.48 -6.57
C PRO A 91 18.03 0.83 -5.69
N GLU A 92 16.92 1.07 -6.34
CA GLU A 92 15.65 1.22 -5.69
C GLU A 92 14.60 0.58 -6.61
N GLU A 93 13.42 0.32 -6.06
CA GLU A 93 12.37 -0.38 -6.79
C GLU A 93 11.14 0.49 -7.04
N PHE A 94 10.26 0.00 -7.91
CA PHE A 94 8.98 0.64 -8.13
C PHE A 94 7.96 -0.39 -7.70
N TYR A 95 7.05 -0.01 -6.84
CA TYR A 95 5.99 -0.91 -6.42
C TYR A 95 4.83 -0.69 -7.35
N VAL A 96 4.18 -1.75 -7.75
CA VAL A 96 3.07 -1.68 -8.70
C VAL A 96 1.94 -2.63 -8.33
N LEU A 97 0.72 -2.21 -8.59
CA LEU A 97 -0.46 -3.07 -8.37
C LEU A 97 -0.38 -4.17 -9.43
N SER A 98 -0.25 -5.41 -9.01
CA SER A 98 -0.12 -6.52 -9.94
C SER A 98 -1.46 -6.95 -10.53
N GLU A 99 -1.41 -7.51 -11.73
CA GLU A 99 -2.60 -7.96 -12.46
C GLU A 99 -3.41 -9.01 -11.68
N THR A 100 -2.74 -9.75 -10.80
CA THR A 100 -3.41 -10.79 -10.01
C THR A 100 -4.45 -10.20 -9.06
N THR A 101 -4.30 -8.92 -8.73
CA THR A 101 -5.24 -8.24 -7.86
C THR A 101 -6.16 -7.34 -8.70
N LEU A 102 -5.63 -6.84 -9.81
CA LEU A 102 -6.43 -6.02 -10.73
C LEU A 102 -7.64 -6.83 -11.22
N ALA A 103 -7.41 -8.11 -11.46
CA ALA A 103 -8.45 -9.04 -11.92
C ALA A 103 -9.62 -9.16 -10.92
N GLN A 104 -9.37 -8.87 -9.65
CA GLN A 104 -10.37 -8.93 -8.62
C GLN A 104 -10.52 -7.58 -7.93
N PRO A 105 -11.34 -6.69 -8.51
CA PRO A 105 -11.53 -5.34 -7.98
C PRO A 105 -12.14 -5.36 -6.59
N GLN A 106 -12.83 -6.44 -6.26
CA GLN A 106 -13.45 -6.58 -4.94
C GLN A 106 -12.40 -6.62 -3.84
N SER A 107 -11.20 -7.11 -4.14
CA SER A 107 -10.13 -7.14 -3.16
C SER A 107 -9.52 -5.74 -3.01
N LEU A 108 -9.51 -4.97 -4.08
CA LEU A 108 -9.03 -3.59 -4.04
C LEU A 108 -10.03 -2.72 -3.27
N GLU A 109 -11.29 -2.97 -3.49
CA GLU A 109 -12.35 -2.30 -2.77
C GLU A 109 -12.24 -2.67 -1.28
N ARG A 110 -12.08 -3.95 -0.98
CA ARG A 110 -11.94 -4.41 0.41
C ARG A 110 -10.73 -3.78 1.08
N HIS A 111 -9.63 -3.62 0.35
CA HIS A 111 -8.44 -2.97 0.89
C HIS A 111 -8.76 -1.60 1.48
N LYS A 112 -9.55 -0.80 0.76
CA LYS A 112 -9.90 0.53 1.23
C LYS A 112 -10.89 0.46 2.40
N GLU A 113 -11.89 -0.40 2.29
CA GLU A 113 -12.93 -0.47 3.23
C GLU A 113 -12.49 -1.07 4.56
N GLN A 114 -11.64 -2.11 4.51
CA GLN A 114 -11.14 -2.75 5.73
C GLN A 114 -10.39 -1.71 6.53
N LEU A 115 -9.62 -0.91 5.82
CA LEU A 115 -8.80 0.11 6.45
C LEU A 115 -9.65 1.17 7.15
N LEU A 116 -10.80 1.51 6.57
CA LEU A 116 -11.71 2.48 7.19
C LEU A 116 -12.39 1.87 8.42
N ALA A 117 -12.70 0.58 8.35
CA ALA A 117 -13.35 -0.15 9.45
C ALA A 117 -12.37 -0.44 10.59
N ALA A 118 -11.08 -0.40 10.28
CA ALA A 118 -9.98 -0.68 11.21
C ALA A 118 -10.02 -2.09 11.80
N GLU A 119 -10.38 -3.07 10.97
CA GLU A 119 -10.46 -4.49 11.38
C GLU A 119 -9.34 -5.33 10.76
N GLY A 1 -14.52 -8.54 15.02
CA GLY A 1 -14.70 -9.60 13.99
C GLY A 1 -14.20 -10.93 14.47
N SER A 2 -14.12 -11.92 13.59
CA SER A 2 -13.66 -13.26 13.96
C SER A 2 -12.69 -13.71 12.87
N HIS A 3 -11.85 -14.69 13.16
CA HIS A 3 -10.86 -15.18 12.20
C HIS A 3 -10.58 -16.65 12.49
N MET A 4 -9.84 -17.29 11.60
CA MET A 4 -9.42 -18.69 11.78
C MET A 4 -7.94 -18.78 11.39
N SER A 5 -7.66 -18.95 10.12
CA SER A 5 -6.28 -18.99 9.64
C SER A 5 -5.66 -17.60 9.62
N THR A 6 -6.49 -16.62 9.21
CA THR A 6 -6.04 -15.22 9.09
C THR A 6 -4.98 -15.05 8.13
N ASP A 7 -4.73 -13.80 7.95
CA ASP A 7 -4.24 -13.40 6.72
C ASP A 7 -3.49 -12.08 6.89
N PRO A 8 -2.67 -11.73 5.91
CA PRO A 8 -1.85 -10.52 6.04
C PRO A 8 -2.44 -9.18 6.18
N VAL A 9 -3.57 -8.91 5.58
CA VAL A 9 -3.86 -7.58 5.38
C VAL A 9 -4.51 -7.29 6.68
N ALA A 10 -5.33 -8.23 7.13
CA ALA A 10 -6.10 -8.01 8.32
C ALA A 10 -5.08 -7.83 9.47
N ALA A 11 -4.05 -8.66 9.43
CA ALA A 11 -2.97 -8.63 10.41
C ALA A 11 -2.25 -7.28 10.39
N SER A 12 -1.95 -6.76 9.21
CA SER A 12 -1.33 -5.43 9.18
C SER A 12 -2.27 -4.28 9.50
N ILE A 13 -3.54 -4.33 9.14
CA ILE A 13 -4.44 -3.25 9.56
C ILE A 13 -4.41 -3.19 11.08
N MET A 14 -4.39 -4.37 11.71
CA MET A 14 -4.32 -4.44 13.15
C MET A 14 -3.07 -3.78 13.74
N LYS A 15 -1.84 -4.04 13.24
CA LYS A 15 -0.70 -3.47 13.87
C LYS A 15 -0.68 -2.00 13.61
N ILE A 16 -1.19 -1.57 12.46
CA ILE A 16 -1.06 -0.16 12.15
C ILE A 16 -1.85 0.68 13.16
N TYR A 17 -3.07 0.24 13.48
CA TYR A 17 -3.89 0.96 14.45
C TYR A 17 -3.56 0.70 15.91
N THR A 18 -3.06 -0.49 16.26
CA THR A 18 -2.75 -0.76 17.67
C THR A 18 -1.48 -0.03 18.12
N PHE A 19 -0.51 0.14 17.23
CA PHE A 19 0.70 0.85 17.55
C PHE A 19 0.55 2.33 17.23
N ASN A 20 -0.60 2.89 17.61
CA ASN A 20 -0.90 4.30 17.36
C ASN A 20 -0.13 5.19 18.33
N LYS A 21 1.11 5.48 17.95
CA LYS A 21 2.00 6.30 18.76
C LYS A 21 1.64 7.78 18.65
N ASP A 22 1.15 8.19 17.49
CA ASP A 22 0.69 9.57 17.28
C ASP A 22 -0.34 9.55 16.16
N GLN A 23 -1.44 10.24 16.41
CA GLN A 23 -2.62 10.18 15.56
C GLN A 23 -2.41 10.76 14.17
N ASP A 24 -1.61 11.82 14.06
CA ASP A 24 -1.43 12.50 12.82
C ASP A 24 -0.76 11.54 11.85
N ARG A 25 0.23 10.84 12.37
CA ARG A 25 1.01 9.88 11.58
C ARG A 25 0.22 8.68 11.13
N VAL A 26 -0.62 8.14 11.99
CA VAL A 26 -1.47 7.03 11.56
C VAL A 26 -2.35 7.52 10.40
N LYS A 27 -2.92 8.71 10.54
CA LYS A 27 -3.76 9.26 9.48
C LYS A 27 -2.97 9.61 8.20
N LEU A 28 -1.70 9.98 8.34
CA LEU A 28 -0.85 10.33 7.25
C LEU A 28 -0.57 9.06 6.46
N GLY A 29 -0.46 7.95 7.17
CA GLY A 29 -0.26 6.65 6.54
C GLY A 29 -1.48 6.30 5.70
N VAL A 30 -2.66 6.39 6.30
CA VAL A 30 -3.90 6.09 5.59
C VAL A 30 -4.10 7.03 4.40
N ASP A 31 -3.82 8.32 4.55
CA ASP A 31 -3.96 9.27 3.43
C ASP A 31 -3.09 8.84 2.25
N THR A 32 -1.90 8.34 2.54
CA THR A 32 -1.01 7.89 1.49
C THR A 32 -1.60 6.73 0.71
N ILE A 33 -2.08 5.73 1.42
CA ILE A 33 -2.63 4.55 0.76
C ILE A 33 -3.89 4.93 -0.01
N ALA A 34 -4.78 5.66 0.65
CA ALA A 34 -6.05 6.05 0.06
C ALA A 34 -5.81 6.86 -1.21
N LYS A 35 -4.87 7.79 -1.18
CA LYS A 35 -4.59 8.64 -2.35
C LYS A 35 -4.08 7.88 -3.55
N TYR A 36 -3.13 6.99 -3.32
CA TYR A 36 -2.59 6.20 -4.38
C TYR A 36 -3.68 5.35 -5.00
N LEU A 37 -4.53 4.77 -4.17
CA LEU A 37 -5.64 3.97 -4.68
C LEU A 37 -6.66 4.84 -5.38
N ASP A 38 -6.87 6.06 -4.91
CA ASP A 38 -7.82 6.99 -5.51
C ASP A 38 -7.42 7.30 -6.93
N ASN A 39 -6.17 7.67 -7.17
CA ASN A 39 -5.72 8.02 -8.51
C ASN A 39 -5.95 6.89 -9.51
N ILE A 40 -5.78 5.67 -9.04
CA ILE A 40 -5.99 4.48 -9.86
C ILE A 40 -7.48 4.16 -10.03
N HIS A 41 -8.27 4.41 -9.00
CA HIS A 41 -9.72 4.19 -9.05
C HIS A 41 -10.50 5.26 -9.85
N LEU A 42 -10.19 6.53 -9.62
CA LEU A 42 -10.89 7.63 -10.29
C LEU A 42 -10.55 7.72 -11.77
N HIS A 43 -9.33 7.33 -12.12
CA HIS A 43 -8.89 7.27 -13.50
C HIS A 43 -8.49 5.82 -13.78
N PRO A 44 -9.48 4.93 -13.99
CA PRO A 44 -9.11 3.52 -14.20
C PRO A 44 -8.43 3.28 -15.55
N GLU A 45 -8.58 4.25 -16.45
CA GLU A 45 -7.96 4.18 -17.76
C GLU A 45 -6.46 4.45 -17.63
N GLU A 46 -6.08 5.20 -16.60
CA GLU A 46 -4.68 5.54 -16.41
C GLU A 46 -3.94 4.53 -15.55
N GLU A 47 -3.76 3.36 -16.13
CA GLU A 47 -3.01 2.29 -15.56
C GLU A 47 -1.61 2.74 -15.16
N LYS A 48 -1.13 3.76 -15.84
CA LYS A 48 0.15 4.38 -15.58
C LYS A 48 0.33 4.88 -14.15
N TYR A 49 -0.76 4.99 -13.38
CA TYR A 49 -0.66 5.43 -11.99
C TYR A 49 -0.30 4.32 -10.98
N ARG A 50 -0.42 3.05 -11.37
CA ARG A 50 -0.17 1.89 -10.47
C ARG A 50 1.20 1.88 -9.78
N LYS A 51 2.08 2.65 -10.36
CA LYS A 51 3.51 2.72 -10.02
C LYS A 51 3.84 3.70 -8.89
N ILE A 52 4.58 3.21 -7.92
CA ILE A 52 5.04 4.03 -6.80
C ILE A 52 6.52 3.69 -6.53
N LYS A 53 7.44 4.65 -6.65
CA LYS A 53 8.87 4.36 -6.39
C LYS A 53 9.15 4.61 -4.90
N LEU A 54 10.13 3.92 -4.35
CA LEU A 54 10.49 4.03 -2.94
C LEU A 54 11.18 5.34 -2.53
N GLN A 55 12.08 5.87 -3.37
CA GLN A 55 12.89 7.06 -3.01
C GLN A 55 12.17 8.42 -3.06
N ASN A 56 11.07 8.51 -2.36
CA ASN A 56 10.16 9.63 -2.51
C ASN A 56 9.77 10.28 -1.22
N LYS A 57 9.44 11.56 -1.26
CA LYS A 57 9.06 12.30 -0.06
C LYS A 57 7.81 11.73 0.61
N VAL A 58 6.82 11.32 -0.17
CA VAL A 58 5.61 10.77 0.43
C VAL A 58 5.98 9.52 1.25
N PHE A 59 6.90 8.74 0.71
CA PHE A 59 7.42 7.57 1.39
C PHE A 59 8.28 7.95 2.62
N GLN A 60 9.28 8.79 2.42
CA GLN A 60 10.20 9.16 3.50
C GLN A 60 9.56 9.96 4.65
N GLU A 61 8.69 10.91 4.33
CA GLU A 61 8.08 11.75 5.37
C GLU A 61 7.02 10.99 6.17
N ARG A 62 6.48 9.90 5.60
CA ARG A 62 5.44 9.13 6.29
C ARG A 62 5.74 7.66 6.52
N ILE A 63 5.73 6.86 5.48
CA ILE A 63 5.88 5.39 5.60
C ILE A 63 7.18 4.99 6.33
N ASN A 64 8.21 5.81 6.18
CA ASN A 64 9.51 5.59 6.83
C ASN A 64 9.46 5.69 8.35
N CYS A 65 8.37 6.26 8.86
CA CYS A 65 8.21 6.52 10.28
C CYS A 65 6.86 5.97 10.72
N LEU A 66 6.37 5.01 9.95
CA LEU A 66 5.06 4.42 10.18
C LEU A 66 5.15 2.92 10.45
N GLU A 67 4.01 2.34 10.78
CA GLU A 67 3.87 0.92 11.04
C GLU A 67 3.87 0.09 9.77
N GLY A 68 3.27 -1.10 9.83
CA GLY A 68 3.16 -1.98 8.68
C GLY A 68 2.28 -1.46 7.55
N THR A 69 2.32 -0.16 7.32
CA THR A 69 1.65 0.45 6.17
C THR A 69 2.12 -0.22 4.91
N HIS A 70 3.42 -0.48 4.87
CA HIS A 70 4.03 -1.00 3.69
C HIS A 70 3.63 -2.46 3.44
N GLU A 71 3.56 -3.23 4.52
CA GLU A 71 3.12 -4.58 4.50
C GLU A 71 1.69 -4.68 4.00
N PHE A 72 0.87 -3.75 4.46
CA PHE A 72 -0.53 -3.69 4.05
C PHE A 72 -0.58 -3.51 2.54
N PHE A 73 0.19 -2.57 2.01
CA PHE A 73 0.29 -2.32 0.58
C PHE A 73 0.62 -3.56 -0.25
N GLU A 74 1.64 -4.32 0.11
CA GLU A 74 1.96 -5.52 -0.68
C GLU A 74 0.83 -6.53 -0.53
N ALA A 75 0.33 -6.65 0.69
CA ALA A 75 -0.73 -7.60 0.98
C ALA A 75 -2.06 -7.31 0.25
N ILE A 76 -2.36 -6.05 -0.03
CA ILE A 76 -3.60 -5.74 -0.74
C ILE A 76 -3.48 -6.15 -2.20
N GLY A 77 -2.26 -6.38 -2.66
CA GLY A 77 -2.04 -6.82 -4.04
C GLY A 77 -0.92 -6.14 -4.80
N PHE A 78 0.04 -5.53 -4.12
CA PHE A 78 1.14 -4.86 -4.78
C PHE A 78 2.38 -5.72 -4.75
N GLN A 79 3.23 -5.53 -5.75
CA GLN A 79 4.49 -6.26 -5.85
C GLN A 79 5.60 -5.27 -6.14
N LYS A 80 6.80 -5.65 -5.74
CA LYS A 80 8.00 -4.85 -5.95
C LYS A 80 8.65 -5.27 -7.28
N VAL A 81 9.33 -4.36 -7.96
CA VAL A 81 9.96 -4.69 -9.23
C VAL A 81 11.24 -3.89 -9.20
N LEU A 82 12.18 -4.24 -10.05
CA LEU A 82 13.35 -3.47 -10.32
C LEU A 82 13.21 -3.28 -11.84
N LEU A 83 13.28 -2.08 -12.35
CA LEU A 83 13.09 -1.85 -13.76
C LEU A 83 14.36 -1.36 -14.50
N PRO A 84 14.38 -1.54 -15.83
CA PRO A 84 15.46 -1.15 -16.75
C PRO A 84 15.08 0.14 -17.46
N ALA A 85 14.98 1.23 -16.71
CA ALA A 85 14.53 2.49 -17.27
C ALA A 85 15.13 3.68 -16.60
N GLN A 86 14.90 4.81 -17.23
CA GLN A 86 15.43 6.08 -16.79
C GLN A 86 14.52 6.73 -15.76
N ASP A 87 13.65 5.88 -15.23
CA ASP A 87 12.79 6.23 -14.10
C ASP A 87 13.67 5.97 -12.89
N GLN A 88 14.70 5.15 -13.10
CA GLN A 88 15.62 4.73 -12.05
C GLN A 88 16.99 4.32 -12.62
N GLU A 89 17.87 5.30 -12.83
CA GLU A 89 19.23 5.01 -13.32
C GLU A 89 20.12 4.72 -12.12
N ASP A 90 19.46 4.27 -11.07
CA ASP A 90 20.10 3.87 -9.84
C ASP A 90 19.39 2.65 -9.28
N PRO A 91 20.05 1.91 -8.36
CA PRO A 91 19.45 0.79 -7.62
C PRO A 91 18.18 1.17 -6.85
N GLU A 92 17.03 1.04 -7.50
CA GLU A 92 15.75 1.40 -6.91
C GLU A 92 14.70 0.34 -7.19
N GLU A 93 13.59 0.44 -6.47
CA GLU A 93 12.50 -0.51 -6.57
C GLU A 93 11.20 0.25 -6.80
N PHE A 94 10.27 -0.41 -7.45
CA PHE A 94 8.98 0.21 -7.75
C PHE A 94 7.91 -0.71 -7.22
N TYR A 95 6.88 -0.13 -6.65
CA TYR A 95 5.72 -0.87 -6.22
C TYR A 95 4.72 -0.70 -7.30
N VAL A 96 4.01 -1.77 -7.58
CA VAL A 96 2.98 -1.77 -8.62
C VAL A 96 1.82 -2.62 -8.17
N LEU A 97 0.61 -2.14 -8.41
CA LEU A 97 -0.58 -2.94 -8.15
C LEU A 97 -0.54 -4.02 -9.24
N SER A 98 -0.43 -5.28 -8.78
CA SER A 98 -0.20 -6.41 -9.67
C SER A 98 -1.43 -6.89 -10.44
N GLU A 99 -1.15 -7.59 -11.54
CA GLU A 99 -2.19 -8.14 -12.43
C GLU A 99 -3.11 -9.10 -11.69
N THR A 100 -2.57 -9.78 -10.69
CA THR A 100 -3.34 -10.74 -9.91
C THR A 100 -4.53 -10.06 -9.22
N THR A 101 -4.36 -8.80 -8.86
CA THR A 101 -5.42 -8.03 -8.22
C THR A 101 -6.18 -7.19 -9.24
N LEU A 102 -5.56 -6.90 -10.36
CA LEU A 102 -6.19 -6.15 -11.45
C LEU A 102 -7.40 -6.95 -11.93
N ALA A 103 -7.20 -8.26 -12.06
CA ALA A 103 -8.26 -9.17 -12.50
C ALA A 103 -9.47 -9.16 -11.54
N GLN A 104 -9.23 -8.90 -10.26
CA GLN A 104 -10.26 -8.86 -9.27
C GLN A 104 -10.23 -7.55 -8.48
N PRO A 105 -10.84 -6.49 -9.04
CA PRO A 105 -10.85 -5.17 -8.41
C PRO A 105 -11.61 -5.18 -7.09
N GLN A 106 -12.51 -6.13 -6.94
CA GLN A 106 -13.29 -6.30 -5.71
C GLN A 106 -12.38 -6.64 -4.52
N SER A 107 -11.19 -7.17 -4.78
CA SER A 107 -10.27 -7.47 -3.69
C SER A 107 -9.66 -6.18 -3.16
N LEU A 108 -9.31 -5.27 -4.05
CA LEU A 108 -8.78 -3.97 -3.63
C LEU A 108 -9.86 -3.22 -2.91
N GLU A 109 -11.07 -3.31 -3.44
CA GLU A 109 -12.24 -2.66 -2.85
C GLU A 109 -12.40 -3.14 -1.41
N ARG A 110 -12.39 -4.45 -1.24
CA ARG A 110 -12.48 -5.06 0.09
C ARG A 110 -11.36 -4.59 0.99
N HIS A 111 -10.14 -4.55 0.50
CA HIS A 111 -9.01 -4.16 1.29
C HIS A 111 -9.07 -2.68 1.69
N LYS A 112 -9.61 -1.84 0.82
CA LYS A 112 -9.80 -0.41 1.12
C LYS A 112 -10.80 -0.28 2.26
N GLU A 113 -11.92 -1.00 2.18
CA GLU A 113 -12.94 -0.96 3.12
C GLU A 113 -12.50 -1.62 4.43
N GLN A 114 -11.66 -2.65 4.35
CA GLN A 114 -11.12 -3.34 5.52
C GLN A 114 -10.42 -2.34 6.42
N LEU A 115 -9.69 -1.47 5.77
CA LEU A 115 -8.87 -0.48 6.41
C LEU A 115 -9.70 0.53 7.19
N LEU A 116 -10.92 0.76 6.72
CA LEU A 116 -11.83 1.72 7.35
C LEU A 116 -12.74 1.06 8.39
N ALA A 117 -13.07 -0.21 8.15
CA ALA A 117 -13.98 -0.97 9.02
C ALA A 117 -13.33 -1.43 10.33
N ALA A 118 -12.01 -1.39 10.39
CA ALA A 118 -11.26 -1.87 11.53
C ALA A 118 -11.26 -0.94 12.76
N GLU A 119 -12.44 -0.61 13.26
CA GLU A 119 -12.58 0.20 14.46
C GLU A 119 -12.37 -0.68 15.70
N GLY A 1 -1.66 -19.17 2.05
CA GLY A 1 -0.84 -19.73 3.14
C GLY A 1 -1.53 -20.87 3.83
N SER A 2 -1.16 -21.18 5.06
CA SER A 2 -1.78 -22.25 5.83
C SER A 2 -1.74 -21.74 7.27
N HIS A 3 -2.53 -22.35 8.14
CA HIS A 3 -2.62 -21.94 9.56
C HIS A 3 -3.02 -20.47 9.69
N MET A 4 -3.95 -20.06 8.86
CA MET A 4 -4.43 -18.68 8.81
C MET A 4 -5.95 -18.72 8.90
N SER A 5 -6.54 -17.64 9.38
CA SER A 5 -8.00 -17.54 9.51
C SER A 5 -8.35 -16.07 9.32
N THR A 6 -7.70 -15.22 10.11
CA THR A 6 -7.78 -13.79 9.93
C THR A 6 -6.98 -13.47 8.69
N ASP A 7 -7.55 -12.63 7.86
CA ASP A 7 -6.91 -12.20 6.63
C ASP A 7 -5.61 -11.45 6.94
N PRO A 8 -4.65 -11.47 6.02
CA PRO A 8 -3.39 -10.74 6.22
C PRO A 8 -3.50 -9.29 6.21
N VAL A 9 -4.48 -8.81 5.48
CA VAL A 9 -4.44 -7.50 5.08
C VAL A 9 -5.03 -6.92 6.33
N ALA A 10 -6.05 -7.64 6.81
CA ALA A 10 -6.80 -7.28 7.97
C ALA A 10 -5.86 -7.26 9.18
N ALA A 11 -5.05 -8.31 9.28
CA ALA A 11 -4.07 -8.44 10.35
C ALA A 11 -3.10 -7.27 10.32
N SER A 12 -2.68 -6.86 9.13
CA SER A 12 -1.84 -5.65 9.09
C SER A 12 -2.57 -4.34 9.42
N ILE A 13 -3.87 -4.23 9.26
CA ILE A 13 -4.54 -3.00 9.70
C ILE A 13 -4.36 -2.90 11.22
N MET A 14 -4.57 -4.02 11.88
CA MET A 14 -4.44 -4.09 13.33
C MET A 14 -3.06 -3.64 13.83
N LYS A 15 -1.94 -4.07 13.23
CA LYS A 15 -0.67 -3.70 13.77
C LYS A 15 -0.48 -2.21 13.54
N ILE A 16 -1.02 -1.67 12.46
CA ILE A 16 -0.77 -0.28 12.17
C ILE A 16 -1.42 0.59 13.26
N TYR A 17 -2.67 0.28 13.61
CA TYR A 17 -3.40 1.05 14.62
C TYR A 17 -2.99 0.74 16.06
N THR A 18 -2.54 -0.46 16.36
CA THR A 18 -2.11 -0.74 17.74
C THR A 18 -0.80 -0.02 18.03
N PHE A 19 0.01 0.23 17.00
CA PHE A 19 1.25 0.93 17.13
C PHE A 19 1.09 2.40 16.67
N ASN A 20 -0.08 2.98 16.93
CA ASN A 20 -0.38 4.40 16.58
C ASN A 20 0.31 5.37 17.56
N LYS A 21 1.57 5.09 17.86
CA LYS A 21 2.39 5.92 18.76
C LYS A 21 2.63 7.27 18.11
N ASP A 22 2.74 7.27 16.79
CA ASP A 22 2.94 8.50 16.03
C ASP A 22 1.68 8.80 15.23
N GLN A 23 0.85 9.67 15.79
CA GLN A 23 -0.43 10.04 15.17
C GLN A 23 -0.23 10.68 13.81
N ASP A 24 0.82 11.47 13.65
CA ASP A 24 1.06 12.18 12.40
C ASP A 24 1.41 11.15 11.33
N ARG A 25 2.25 10.17 11.66
CA ARG A 25 2.58 9.12 10.71
C ARG A 25 1.42 8.22 10.34
N VAL A 26 0.48 7.97 11.24
CA VAL A 26 -0.68 7.17 10.85
C VAL A 26 -1.60 8.01 9.97
N LYS A 27 -1.79 9.29 10.28
CA LYS A 27 -2.64 10.15 9.44
C LYS A 27 -2.02 10.30 8.05
N LEU A 28 -0.70 10.42 8.00
CA LEU A 28 0.07 10.47 6.77
C LEU A 28 -0.35 9.25 5.98
N GLY A 29 -0.21 8.11 6.63
CA GLY A 29 -0.50 6.83 5.99
C GLY A 29 -1.87 6.76 5.37
N VAL A 30 -2.92 6.88 6.16
CA VAL A 30 -4.28 6.74 5.62
C VAL A 30 -4.54 7.77 4.51
N ASP A 31 -4.10 9.01 4.71
CA ASP A 31 -4.32 10.07 3.72
C ASP A 31 -3.65 9.72 2.39
N THR A 32 -2.44 9.17 2.46
CA THR A 32 -1.70 8.81 1.25
C THR A 32 -2.27 7.56 0.59
N ILE A 33 -2.52 6.51 1.37
CA ILE A 33 -3.02 5.25 0.82
C ILE A 33 -4.41 5.40 0.23
N ALA A 34 -5.34 6.01 0.97
CA ALA A 34 -6.71 6.16 0.50
C ALA A 34 -6.73 6.91 -0.83
N LYS A 35 -5.88 7.92 -0.93
CA LYS A 35 -5.77 8.73 -2.14
C LYS A 35 -5.27 7.94 -3.35
N TYR A 36 -4.25 7.12 -3.15
CA TYR A 36 -3.74 6.29 -4.20
C TYR A 36 -4.82 5.34 -4.68
N LEU A 37 -5.55 4.74 -3.75
CA LEU A 37 -6.62 3.82 -4.11
C LEU A 37 -7.73 4.54 -4.84
N ASP A 38 -8.02 5.76 -4.41
CA ASP A 38 -9.06 6.59 -5.03
C ASP A 38 -8.73 6.75 -6.50
N ASN A 39 -7.55 7.26 -6.81
CA ASN A 39 -7.16 7.50 -8.20
C ASN A 39 -7.35 6.26 -9.06
N ILE A 40 -6.94 5.10 -8.55
CA ILE A 40 -7.11 3.84 -9.27
C ILE A 40 -8.59 3.46 -9.42
N HIS A 41 -9.39 3.75 -8.41
CA HIS A 41 -10.83 3.48 -8.47
C HIS A 41 -11.58 4.35 -9.49
N LEU A 42 -11.30 5.65 -9.55
CA LEU A 42 -11.98 6.51 -10.56
C LEU A 42 -11.48 6.16 -11.94
N HIS A 43 -10.18 6.03 -12.08
CA HIS A 43 -9.54 5.74 -13.31
C HIS A 43 -8.88 4.34 -13.34
N PRO A 44 -9.69 3.27 -13.45
CA PRO A 44 -9.04 1.95 -13.50
C PRO A 44 -8.31 1.70 -14.81
N GLU A 45 -8.68 2.45 -15.85
CA GLU A 45 -8.07 2.35 -17.16
C GLU A 45 -6.62 2.83 -17.11
N GLU A 46 -6.35 3.71 -16.14
CA GLU A 46 -5.03 4.29 -16.00
C GLU A 46 -4.11 3.39 -15.18
N GLU A 47 -3.61 2.33 -15.81
CA GLU A 47 -2.68 1.42 -15.21
C GLU A 47 -1.42 2.18 -14.77
N LYS A 48 -1.13 3.23 -15.52
CA LYS A 48 -0.05 4.16 -15.25
C LYS A 48 -0.13 4.84 -13.89
N TYR A 49 -1.29 4.82 -13.25
CA TYR A 49 -1.42 5.45 -11.94
C TYR A 49 -1.23 4.46 -10.79
N ARG A 50 -1.29 3.16 -11.08
CA ARG A 50 -1.19 2.10 -10.07
C ARG A 50 0.23 1.82 -9.58
N LYS A 51 1.03 2.88 -9.54
CA LYS A 51 2.43 2.82 -9.20
C LYS A 51 2.84 3.83 -8.15
N ILE A 52 3.77 3.42 -7.29
CA ILE A 52 4.31 4.24 -6.21
C ILE A 52 5.82 3.99 -6.16
N LYS A 53 6.69 5.00 -6.19
CA LYS A 53 8.14 4.74 -6.13
C LYS A 53 8.65 5.11 -4.75
N LEU A 54 9.67 4.39 -4.27
CA LEU A 54 10.25 4.64 -2.95
C LEU A 54 11.23 5.83 -2.94
N GLN A 55 11.76 6.18 -4.12
CA GLN A 55 12.85 7.16 -4.26
C GLN A 55 12.44 8.60 -4.13
N ASN A 56 12.02 8.92 -2.92
CA ASN A 56 11.55 10.26 -2.58
C ASN A 56 11.92 10.46 -1.13
N LYS A 57 12.54 11.57 -0.79
CA LYS A 57 12.89 11.80 0.61
C LYS A 57 11.63 11.84 1.47
N VAL A 58 10.53 12.31 0.88
CA VAL A 58 9.25 12.33 1.59
C VAL A 58 8.86 10.92 2.02
N PHE A 59 9.08 9.95 1.15
CA PHE A 59 8.75 8.56 1.47
C PHE A 59 9.72 8.02 2.49
N GLN A 60 11.01 8.23 2.30
CA GLN A 60 12.01 7.72 3.23
C GLN A 60 11.85 8.27 4.65
N GLU A 61 11.55 9.55 4.78
CA GLU A 61 11.37 10.15 6.11
C GLU A 61 10.08 9.67 6.80
N ARG A 62 8.96 9.89 6.13
CA ARG A 62 7.66 9.60 6.69
C ARG A 62 7.14 8.18 6.59
N ILE A 63 7.18 7.64 5.39
CA ILE A 63 6.56 6.34 5.08
C ILE A 63 7.42 5.11 5.34
N ASN A 64 8.73 5.22 5.16
CA ASN A 64 9.63 4.10 5.41
C ASN A 64 9.84 3.89 6.92
N CYS A 65 9.46 4.91 7.68
CA CYS A 65 9.62 4.91 9.13
C CYS A 65 8.23 4.81 9.74
N LEU A 66 7.33 4.22 8.99
CA LEU A 66 5.94 4.04 9.38
C LEU A 66 5.74 2.54 9.65
N GLU A 67 4.54 2.16 10.05
CA GLU A 67 4.18 0.77 10.39
C GLU A 67 4.00 -0.15 9.20
N GLY A 68 3.37 -1.29 9.43
CA GLY A 68 3.11 -2.29 8.41
C GLY A 68 2.18 -1.88 7.28
N THR A 69 2.20 -0.60 6.94
CA THR A 69 1.44 -0.12 5.77
C THR A 69 1.99 -0.79 4.51
N HIS A 70 3.27 -1.17 4.53
CA HIS A 70 3.89 -1.83 3.40
C HIS A 70 3.36 -3.26 3.25
N GLU A 71 3.19 -3.96 4.36
CA GLU A 71 2.62 -5.25 4.40
C GLU A 71 1.18 -5.21 3.92
N PHE A 72 0.44 -4.17 4.28
CA PHE A 72 -0.94 -3.99 3.83
C PHE A 72 -0.94 -4.04 2.29
N PHE A 73 -0.15 -3.16 1.70
CA PHE A 73 0.02 -3.06 0.25
C PHE A 73 0.48 -4.36 -0.42
N GLU A 74 1.53 -5.00 0.08
CA GLU A 74 2.00 -6.23 -0.58
C GLU A 74 0.93 -7.32 -0.47
N ALA A 75 0.21 -7.35 0.63
CA ALA A 75 -0.85 -8.34 0.83
C ALA A 75 -2.06 -8.10 -0.09
N ILE A 76 -2.35 -6.85 -0.49
CA ILE A 76 -3.46 -6.60 -1.42
C ILE A 76 -3.03 -6.99 -2.83
N GLY A 77 -1.72 -7.11 -3.03
CA GLY A 77 -1.18 -7.53 -4.31
C GLY A 77 -0.15 -6.61 -4.94
N PHE A 78 0.58 -5.83 -4.14
CA PHE A 78 1.61 -4.98 -4.71
C PHE A 78 2.93 -5.72 -4.74
N GLN A 79 3.73 -5.39 -5.74
CA GLN A 79 5.04 -6.00 -5.91
C GLN A 79 6.09 -4.90 -6.09
N LYS A 80 7.31 -5.20 -5.71
CA LYS A 80 8.44 -4.30 -5.83
C LYS A 80 9.16 -4.63 -7.15
N VAL A 81 9.58 -3.64 -7.94
CA VAL A 81 10.20 -3.89 -9.23
C VAL A 81 11.31 -2.88 -9.37
N LEU A 82 12.16 -3.12 -10.33
CA LEU A 82 13.10 -2.18 -10.83
C LEU A 82 12.70 -2.07 -12.29
N LEU A 83 12.62 -0.86 -12.82
CA LEU A 83 12.24 -0.64 -14.19
C LEU A 83 13.46 -0.30 -15.03
N PRO A 84 13.36 -0.41 -16.37
CA PRO A 84 14.39 -0.09 -17.36
C PRO A 84 14.72 1.41 -17.43
N ALA A 85 15.26 1.93 -16.34
CA ALA A 85 15.61 3.33 -16.19
C ALA A 85 16.62 3.46 -15.17
N GLN A 86 17.35 4.46 -15.53
CA GLN A 86 18.61 4.74 -15.03
C GLN A 86 18.48 5.67 -13.83
N ASP A 87 17.25 5.70 -13.36
CA ASP A 87 16.86 6.44 -12.17
C ASP A 87 16.95 5.47 -11.00
N GLN A 88 17.01 4.18 -11.31
CA GLN A 88 16.95 3.13 -10.30
C GLN A 88 18.21 2.28 -10.27
N GLU A 89 19.36 2.94 -10.25
CA GLU A 89 20.66 2.25 -10.16
C GLU A 89 21.00 2.05 -8.69
N ASP A 90 19.95 2.00 -7.89
CA ASP A 90 20.07 1.76 -6.48
C ASP A 90 18.86 0.97 -6.01
N PRO A 91 18.97 0.27 -4.86
CA PRO A 91 17.88 -0.59 -4.36
C PRO A 91 16.76 0.10 -3.61
N GLU A 92 16.05 0.86 -4.42
CA GLU A 92 14.82 1.54 -4.02
C GLU A 92 13.82 1.27 -5.15
N GLU A 93 12.96 0.30 -4.91
CA GLU A 93 12.05 -0.23 -5.92
C GLU A 93 10.84 0.64 -6.28
N PHE A 94 10.04 0.11 -7.20
CA PHE A 94 8.77 0.71 -7.56
C PHE A 94 7.76 -0.26 -7.04
N TYR A 95 6.79 0.23 -6.30
CA TYR A 95 5.69 -0.59 -5.86
C TYR A 95 4.63 -0.42 -6.91
N VAL A 96 4.06 -1.52 -7.32
CA VAL A 96 3.05 -1.51 -8.37
C VAL A 96 1.97 -2.50 -8.03
N LEU A 97 0.74 -2.17 -8.36
CA LEU A 97 -0.37 -3.09 -8.14
C LEU A 97 -0.21 -4.15 -9.24
N SER A 98 0.07 -5.38 -8.82
CA SER A 98 0.40 -6.47 -9.76
C SER A 98 -0.81 -7.02 -10.51
N GLU A 99 -0.53 -7.69 -11.63
CA GLU A 99 -1.55 -8.25 -12.50
C GLU A 99 -2.49 -9.22 -11.78
N THR A 100 -2.01 -9.85 -10.72
CA THR A 100 -2.81 -10.82 -9.97
C THR A 100 -4.04 -10.14 -9.31
N THR A 101 -3.97 -8.84 -9.11
CA THR A 101 -5.06 -8.07 -8.52
C THR A 101 -5.65 -7.14 -9.57
N LEU A 102 -4.91 -6.89 -10.63
CA LEU A 102 -5.44 -6.12 -11.76
C LEU A 102 -6.61 -6.96 -12.31
N ALA A 103 -6.37 -8.25 -12.43
CA ALA A 103 -7.39 -9.19 -12.90
C ALA A 103 -8.47 -9.46 -11.84
N GLN A 104 -8.12 -9.28 -10.57
CA GLN A 104 -9.04 -9.50 -9.47
C GLN A 104 -9.15 -8.23 -8.60
N PRO A 105 -9.98 -7.26 -9.01
CA PRO A 105 -10.07 -5.96 -8.36
C PRO A 105 -10.62 -5.98 -6.95
N GLN A 106 -11.26 -7.08 -6.57
CA GLN A 106 -11.88 -7.17 -5.24
C GLN A 106 -10.89 -6.97 -4.09
N SER A 107 -9.61 -7.27 -4.27
CA SER A 107 -8.64 -7.05 -3.19
C SER A 107 -8.41 -5.54 -2.96
N LEU A 108 -8.50 -4.75 -4.03
CA LEU A 108 -8.34 -3.30 -3.92
C LEU A 108 -9.55 -2.71 -3.21
N GLU A 109 -10.72 -3.20 -3.59
CA GLU A 109 -11.97 -2.78 -2.98
C GLU A 109 -11.97 -3.16 -1.51
N ARG A 110 -11.53 -4.38 -1.22
CA ARG A 110 -11.46 -4.89 0.15
C ARG A 110 -10.53 -4.07 1.01
N HIS A 111 -9.42 -3.60 0.45
CA HIS A 111 -8.48 -2.76 1.22
C HIS A 111 -9.24 -1.58 1.81
N LYS A 112 -9.97 -0.88 0.96
CA LYS A 112 -10.68 0.32 1.38
C LYS A 112 -11.72 -0.03 2.44
N GLU A 113 -12.46 -1.10 2.22
CA GLU A 113 -13.55 -1.46 3.07
C GLU A 113 -13.03 -1.90 4.44
N GLN A 114 -11.97 -2.68 4.45
CA GLN A 114 -11.39 -3.17 5.69
C GLN A 114 -10.84 -2.02 6.52
N LEU A 115 -10.17 -1.09 5.87
CA LEU A 115 -9.55 0.00 6.56
C LEU A 115 -10.58 0.92 7.22
N LEU A 116 -11.75 1.04 6.60
CA LEU A 116 -12.84 1.85 7.18
C LEU A 116 -13.32 1.24 8.50
N ALA A 117 -13.24 -0.08 8.61
CA ALA A 117 -13.65 -0.79 9.82
C ALA A 117 -12.68 -0.56 10.99
N ALA A 118 -11.45 -0.15 10.67
CA ALA A 118 -10.40 0.14 11.66
C ALA A 118 -10.11 -1.01 12.64
N GLU A 119 -9.90 -2.20 12.09
CA GLU A 119 -9.57 -3.40 12.88
C GLU A 119 -8.19 -3.30 13.53
N GLY A 1 0.80 -25.82 9.25
CA GLY A 1 0.21 -24.80 8.33
C GLY A 1 -0.55 -23.77 9.11
N SER A 2 -1.38 -22.98 8.44
CA SER A 2 -2.20 -21.98 9.11
C SER A 2 -3.19 -22.68 10.02
N HIS A 3 -3.59 -22.02 11.11
CA HIS A 3 -4.56 -22.58 12.05
C HIS A 3 -5.61 -21.52 12.39
N MET A 4 -5.80 -20.60 11.45
CA MET A 4 -6.76 -19.52 11.59
C MET A 4 -7.42 -19.35 10.23
N SER A 5 -8.57 -18.68 10.19
CA SER A 5 -9.28 -18.41 8.93
C SER A 5 -9.26 -16.91 8.69
N THR A 6 -8.16 -16.30 9.10
CA THR A 6 -7.91 -14.87 8.99
C THR A 6 -6.70 -14.69 8.23
N ASP A 7 -6.60 -13.43 7.92
CA ASP A 7 -5.96 -13.06 6.77
C ASP A 7 -4.98 -11.92 6.98
N PRO A 8 -4.08 -11.70 6.02
CA PRO A 8 -3.04 -10.70 6.18
C PRO A 8 -3.35 -9.27 6.16
N VAL A 9 -4.44 -8.84 5.55
CA VAL A 9 -4.46 -7.52 5.20
C VAL A 9 -5.07 -6.92 6.42
N ALA A 10 -6.07 -7.63 6.96
CA ALA A 10 -6.76 -7.13 8.09
C ALA A 10 -5.75 -7.11 9.25
N ALA A 11 -4.94 -8.16 9.30
CA ALA A 11 -3.89 -8.29 10.31
C ALA A 11 -2.87 -7.17 10.16
N SER A 12 -2.56 -6.76 8.94
CA SER A 12 -1.66 -5.61 8.80
C SER A 12 -2.30 -4.26 9.16
N ILE A 13 -3.59 -4.04 9.00
CA ILE A 13 -4.16 -2.78 9.50
C ILE A 13 -3.90 -2.76 11.01
N MET A 14 -4.05 -3.91 11.64
CA MET A 14 -3.80 -4.04 13.06
C MET A 14 -2.34 -3.77 13.47
N LYS A 15 -1.30 -4.23 12.75
CA LYS A 15 0.03 -4.01 13.21
C LYS A 15 0.32 -2.54 13.05
N ILE A 16 -0.28 -1.90 12.05
CA ILE A 16 -0.04 -0.48 11.85
C ILE A 16 -0.52 0.29 13.08
N TYR A 17 -1.69 -0.10 13.59
CA TYR A 17 -2.26 0.55 14.75
C TYR A 17 -1.61 0.21 16.09
N THR A 18 -1.15 -1.03 16.25
CA THR A 18 -0.59 -1.46 17.53
C THR A 18 0.87 -1.08 17.77
N PHE A 19 1.62 -0.81 16.71
CA PHE A 19 2.99 -0.43 16.82
C PHE A 19 3.17 1.04 16.48
N ASN A 20 2.07 1.79 16.48
CA ASN A 20 2.12 3.17 16.00
C ASN A 20 2.91 4.10 16.90
N LYS A 21 3.87 4.81 16.31
CA LYS A 21 4.62 5.80 17.07
C LYS A 21 3.75 7.02 17.38
N ASP A 22 2.75 7.24 16.54
CA ASP A 22 1.83 8.38 16.68
C ASP A 22 0.54 8.04 15.96
N GLN A 23 -0.57 8.63 16.37
CA GLN A 23 -1.85 8.42 15.69
C GLN A 23 -1.90 9.31 14.46
N ASP A 24 -1.16 10.40 14.49
CA ASP A 24 -1.01 11.25 13.31
C ASP A 24 -0.42 10.39 12.23
N ARG A 25 0.54 9.56 12.62
CA ARG A 25 1.22 8.65 11.69
C ARG A 25 0.30 7.58 11.12
N VAL A 26 -0.69 7.15 11.87
CA VAL A 26 -1.63 6.17 11.32
C VAL A 26 -2.48 6.85 10.24
N LYS A 27 -2.96 8.05 10.54
CA LYS A 27 -3.80 8.80 9.58
C LYS A 27 -2.98 9.34 8.41
N LEU A 28 -1.68 9.52 8.60
CA LEU A 28 -0.73 9.89 7.54
C LEU A 28 -0.81 8.80 6.50
N GLY A 29 -0.78 7.58 6.98
CA GLY A 29 -0.86 6.42 6.11
C GLY A 29 -2.18 6.43 5.37
N VAL A 30 -3.28 6.42 6.10
CA VAL A 30 -4.61 6.42 5.49
C VAL A 30 -4.81 7.54 4.47
N ASP A 31 -4.34 8.74 4.77
CA ASP A 31 -4.44 9.87 3.83
C ASP A 31 -3.89 9.55 2.45
N THR A 32 -2.67 9.01 2.38
CA THR A 32 -2.09 8.76 1.06
C THR A 32 -2.52 7.44 0.46
N ILE A 33 -2.91 6.46 1.27
CA ILE A 33 -3.43 5.21 0.72
C ILE A 33 -4.83 5.43 0.14
N ALA A 34 -5.69 6.12 0.86
CA ALA A 34 -7.04 6.41 0.34
C ALA A 34 -6.90 7.21 -0.97
N LYS A 35 -5.97 8.14 -0.97
CA LYS A 35 -5.64 8.96 -2.15
C LYS A 35 -5.12 8.14 -3.32
N TYR A 36 -4.31 7.14 -3.04
CA TYR A 36 -3.88 6.22 -4.07
C TYR A 36 -5.05 5.64 -4.81
N LEU A 37 -6.03 5.19 -4.05
CA LEU A 37 -7.16 4.48 -4.59
C LEU A 37 -8.07 5.44 -5.30
N ASP A 38 -8.09 6.70 -4.85
CA ASP A 38 -8.83 7.75 -5.53
C ASP A 38 -8.31 7.86 -6.95
N ASN A 39 -7.04 8.19 -7.10
CA ASN A 39 -6.45 8.45 -8.43
C ASN A 39 -6.71 7.31 -9.41
N ILE A 40 -6.47 6.08 -8.96
CA ILE A 40 -6.71 4.88 -9.78
C ILE A 40 -8.18 4.66 -10.12
N HIS A 41 -9.07 5.00 -9.20
CA HIS A 41 -10.51 4.86 -9.44
C HIS A 41 -11.06 5.84 -10.48
N LEU A 42 -10.61 7.09 -10.49
CA LEU A 42 -11.11 8.07 -11.49
C LEU A 42 -10.54 7.73 -12.84
N HIS A 43 -9.25 7.43 -12.83
CA HIS A 43 -8.51 7.03 -13.98
C HIS A 43 -8.18 5.52 -14.05
N PRO A 44 -9.19 4.65 -14.22
CA PRO A 44 -8.87 3.21 -14.22
C PRO A 44 -8.17 2.72 -15.48
N GLU A 45 -8.30 3.49 -16.55
CA GLU A 45 -7.69 3.14 -17.83
C GLU A 45 -6.21 3.48 -17.82
N GLU A 46 -5.82 4.40 -16.96
CA GLU A 46 -4.44 4.85 -16.91
C GLU A 46 -3.58 3.99 -16.00
N GLU A 47 -3.04 2.92 -16.58
CA GLU A 47 -2.16 2.00 -15.90
C GLU A 47 -0.96 2.71 -15.30
N LYS A 48 -0.57 3.82 -15.92
CA LYS A 48 0.54 4.63 -15.50
C LYS A 48 0.42 5.15 -14.07
N TYR A 49 -0.77 5.13 -13.47
CA TYR A 49 -0.95 5.61 -12.09
C TYR A 49 -0.66 4.53 -11.04
N ARG A 50 -0.74 3.27 -11.44
CA ARG A 50 -0.66 2.10 -10.53
C ARG A 50 0.76 1.77 -10.07
N LYS A 51 1.55 2.83 -9.90
CA LYS A 51 2.92 2.77 -9.51
C LYS A 51 3.18 3.64 -8.28
N ILE A 52 4.14 3.25 -7.45
CA ILE A 52 4.59 4.04 -6.31
C ILE A 52 6.10 3.88 -6.26
N LYS A 53 6.86 4.95 -6.07
CA LYS A 53 8.32 4.82 -5.93
C LYS A 53 8.69 5.29 -4.53
N LEU A 54 9.70 4.66 -3.94
CA LEU A 54 10.15 4.99 -2.58
C LEU A 54 11.10 6.20 -2.54
N GLN A 55 11.68 6.56 -3.67
CA GLN A 55 12.69 7.62 -3.81
C GLN A 55 12.16 9.05 -3.73
N ASN A 56 11.46 9.34 -2.65
CA ASN A 56 10.74 10.59 -2.52
C ASN A 56 10.77 11.05 -1.08
N LYS A 57 10.92 12.36 -0.86
CA LYS A 57 10.92 12.87 0.51
C LYS A 57 9.58 12.60 1.17
N VAL A 58 8.50 12.58 0.39
CA VAL A 58 7.18 12.27 0.96
C VAL A 58 7.25 10.89 1.62
N PHE A 59 7.86 9.93 0.93
CA PHE A 59 8.08 8.62 1.50
C PHE A 59 9.04 8.62 2.67
N GLN A 60 10.27 9.05 2.44
CA GLN A 60 11.31 8.94 3.46
C GLN A 60 11.05 9.75 4.74
N GLU A 61 10.48 10.94 4.64
CA GLU A 61 10.22 11.77 5.83
C GLU A 61 9.03 11.24 6.63
N ARG A 62 8.04 10.70 5.92
CA ARG A 62 6.82 10.21 6.54
C ARG A 62 6.58 8.69 6.56
N ILE A 63 6.36 8.12 5.39
CA ILE A 63 5.89 6.73 5.24
C ILE A 63 6.94 5.67 5.62
N ASN A 64 8.20 5.98 5.38
CA ASN A 64 9.30 5.06 5.72
C ASN A 64 9.56 5.13 7.22
N CYS A 65 9.03 6.17 7.84
CA CYS A 65 9.16 6.39 9.27
C CYS A 65 7.81 6.05 9.90
N LEU A 66 7.12 5.11 9.27
CA LEU A 66 5.80 4.65 9.69
C LEU A 66 5.91 3.12 9.80
N GLU A 67 4.83 2.48 10.25
CA GLU A 67 4.78 1.05 10.49
C GLU A 67 4.72 0.15 9.26
N GLY A 68 4.18 -1.04 9.46
CA GLY A 68 4.00 -2.03 8.40
C GLY A 68 2.96 -1.63 7.36
N THR A 69 2.86 -0.35 7.06
CA THR A 69 1.96 0.12 6.01
C THR A 69 2.26 -0.53 4.67
N HIS A 70 3.54 -0.76 4.41
CA HIS A 70 3.94 -1.31 3.15
C HIS A 70 3.51 -2.77 2.99
N GLU A 71 3.51 -3.52 4.09
CA GLU A 71 3.13 -4.89 4.10
C GLU A 71 1.65 -5.04 3.83
N PHE A 72 0.87 -4.05 4.25
CA PHE A 72 -0.57 -4.04 4.00
C PHE A 72 -0.78 -4.01 2.48
N PHE A 73 -0.07 -3.12 1.83
CA PHE A 73 -0.04 -3.01 0.38
C PHE A 73 0.42 -4.31 -0.30
N GLU A 74 1.51 -4.92 0.16
CA GLU A 74 1.94 -6.18 -0.47
C GLU A 74 0.88 -7.26 -0.29
N ALA A 75 0.22 -7.26 0.85
CA ALA A 75 -0.83 -8.21 1.15
C ALA A 75 -2.09 -8.04 0.28
N ILE A 76 -2.34 -6.84 -0.25
CA ILE A 76 -3.52 -6.68 -1.13
C ILE A 76 -3.14 -7.20 -2.50
N GLY A 77 -1.84 -7.36 -2.74
CA GLY A 77 -1.34 -7.88 -4.00
C GLY A 77 -0.36 -6.98 -4.73
N PHE A 78 0.33 -6.09 -4.02
CA PHE A 78 1.33 -5.25 -4.66
C PHE A 78 2.64 -5.97 -4.65
N GLN A 79 3.48 -5.63 -5.61
CA GLN A 79 4.80 -6.22 -5.70
C GLN A 79 5.85 -5.13 -5.83
N LYS A 80 7.01 -5.42 -5.29
CA LYS A 80 8.19 -4.55 -5.37
C LYS A 80 8.94 -4.97 -6.62
N VAL A 81 9.59 -4.04 -7.31
CA VAL A 81 10.31 -4.39 -8.52
C VAL A 81 11.60 -3.60 -8.43
N LEU A 82 12.56 -4.00 -9.24
CA LEU A 82 13.79 -3.30 -9.46
C LEU A 82 13.72 -3.00 -10.95
N LEU A 83 14.07 -1.79 -11.38
CA LEU A 83 13.98 -1.43 -12.78
C LEU A 83 15.36 -1.29 -13.44
N PRO A 84 15.41 -1.38 -14.78
CA PRO A 84 16.60 -1.29 -15.62
C PRO A 84 16.78 0.13 -16.12
N ALA A 85 17.01 1.05 -15.19
CA ALA A 85 17.13 2.47 -15.48
C ALA A 85 17.90 3.14 -14.47
N GLN A 86 18.39 4.21 -15.04
CA GLN A 86 19.49 4.91 -14.54
C GLN A 86 18.97 6.08 -13.71
N ASP A 87 17.69 5.94 -13.40
CA ASP A 87 16.97 6.82 -12.50
C ASP A 87 17.10 6.21 -11.11
N GLN A 88 17.51 4.94 -11.09
CA GLN A 88 17.56 4.14 -9.87
C GLN A 88 18.95 3.55 -9.63
N GLU A 89 19.97 4.39 -9.68
CA GLU A 89 21.35 3.94 -9.43
C GLU A 89 21.67 4.01 -7.95
N ASP A 90 20.62 3.92 -7.17
CA ASP A 90 20.70 3.88 -5.73
C ASP A 90 19.69 2.84 -5.26
N PRO A 91 19.89 2.27 -4.05
CA PRO A 91 18.99 1.27 -3.47
C PRO A 91 17.52 1.74 -3.41
N GLU A 92 16.72 1.26 -4.35
CA GLU A 92 15.33 1.66 -4.49
C GLU A 92 14.44 0.54 -4.99
N GLU A 93 13.14 0.72 -4.83
CA GLU A 93 12.14 -0.24 -5.29
C GLU A 93 10.97 0.55 -5.87
N PHE A 94 10.15 -0.11 -6.66
CA PHE A 94 8.94 0.51 -7.18
C PHE A 94 7.85 -0.46 -6.73
N TYR A 95 6.75 0.05 -6.26
CA TYR A 95 5.62 -0.78 -5.87
C TYR A 95 4.60 -0.64 -6.96
N VAL A 96 3.97 -1.74 -7.31
CA VAL A 96 2.97 -1.75 -8.39
C VAL A 96 1.80 -2.63 -8.04
N LEU A 97 0.62 -2.24 -8.51
CA LEU A 97 -0.60 -3.03 -8.32
C LEU A 97 -0.49 -4.18 -9.32
N SER A 98 -0.23 -5.36 -8.80
CA SER A 98 0.06 -6.53 -9.65
C SER A 98 -1.19 -7.18 -10.26
N GLU A 99 -0.95 -8.02 -11.26
CA GLU A 99 -2.01 -8.68 -12.04
C GLU A 99 -2.98 -9.48 -11.18
N THR A 100 -2.51 -10.01 -10.07
CA THR A 100 -3.34 -10.83 -9.19
C THR A 100 -4.55 -10.04 -8.69
N THR A 101 -4.35 -8.79 -8.31
CA THR A 101 -5.44 -7.95 -7.82
C THR A 101 -6.13 -7.24 -8.96
N LEU A 102 -5.43 -7.05 -10.08
CA LEU A 102 -6.04 -6.44 -11.26
C LEU A 102 -7.14 -7.37 -11.76
N ALA A 103 -6.85 -8.66 -11.75
CA ALA A 103 -7.80 -9.69 -12.17
C ALA A 103 -8.94 -9.83 -11.16
N GLN A 104 -8.67 -9.47 -9.91
CA GLN A 104 -9.68 -9.54 -8.86
C GLN A 104 -9.89 -8.18 -8.18
N PRO A 105 -10.72 -7.31 -8.78
CA PRO A 105 -10.98 -5.98 -8.23
C PRO A 105 -11.72 -6.03 -6.89
N GLN A 106 -12.29 -7.18 -6.58
CA GLN A 106 -12.97 -7.37 -5.30
C GLN A 106 -11.97 -7.22 -4.16
N SER A 107 -10.72 -7.59 -4.40
CA SER A 107 -9.68 -7.46 -3.39
C SER A 107 -9.31 -5.99 -3.19
N LEU A 108 -9.35 -5.21 -4.26
CA LEU A 108 -9.08 -3.77 -4.18
C LEU A 108 -10.22 -3.08 -3.43
N GLU A 109 -11.44 -3.52 -3.68
CA GLU A 109 -12.58 -2.99 -2.97
C GLU A 109 -12.49 -3.38 -1.50
N ARG A 110 -12.07 -4.60 -1.19
CA ARG A 110 -11.90 -5.02 0.21
C ARG A 110 -10.83 -4.17 0.88
N HIS A 111 -9.71 -3.93 0.19
CA HIS A 111 -8.68 -3.02 0.69
C HIS A 111 -9.25 -1.69 1.11
N LYS A 112 -10.01 -1.08 0.21
CA LYS A 112 -10.64 0.21 0.44
C LYS A 112 -11.58 0.12 1.64
N GLU A 113 -12.43 -0.90 1.67
CA GLU A 113 -13.37 -1.09 2.76
C GLU A 113 -12.69 -1.25 4.12
N GLN A 114 -11.70 -2.11 4.17
CA GLN A 114 -10.98 -2.39 5.41
C GLN A 114 -10.30 -1.16 5.93
N LEU A 115 -9.64 -0.43 5.05
CA LEU A 115 -8.88 0.73 5.45
C LEU A 115 -9.78 1.93 5.81
N LEU A 116 -11.01 1.95 5.29
CA LEU A 116 -11.96 2.99 5.70
C LEU A 116 -12.31 2.81 7.18
N ALA A 117 -12.29 1.56 7.62
CA ALA A 117 -12.61 1.22 9.01
C ALA A 117 -11.38 1.33 9.94
N ALA A 118 -10.33 2.02 9.48
CA ALA A 118 -9.12 2.19 10.25
C ALA A 118 -9.19 3.33 11.28
N GLU A 119 -9.96 3.13 12.33
CA GLU A 119 -10.12 4.10 13.41
C GLU A 119 -9.77 3.41 14.73
N GLY A 1 1.51 -13.71 6.60
CA GLY A 1 2.45 -14.41 7.52
C GLY A 1 2.14 -15.88 7.63
N SER A 2 2.81 -16.58 8.52
CA SER A 2 2.57 -18.01 8.74
C SER A 2 1.21 -18.22 9.40
N HIS A 3 0.65 -19.42 9.23
CA HIS A 3 -0.65 -19.80 9.81
C HIS A 3 -1.79 -18.84 9.45
N MET A 4 -2.27 -18.95 8.21
CA MET A 4 -3.38 -18.13 7.77
C MET A 4 -4.63 -18.58 8.51
N SER A 5 -5.38 -17.63 9.03
CA SER A 5 -6.61 -17.92 9.79
C SER A 5 -7.47 -16.68 9.70
N THR A 6 -6.86 -15.55 10.05
CA THR A 6 -7.48 -14.25 9.90
C THR A 6 -6.85 -13.67 8.67
N ASP A 7 -7.59 -12.76 8.07
CA ASP A 7 -7.15 -12.12 6.85
C ASP A 7 -5.90 -11.29 7.01
N PRO A 8 -5.05 -11.26 5.98
CA PRO A 8 -3.77 -10.54 6.04
C PRO A 8 -3.84 -9.07 6.07
N VAL A 9 -4.81 -8.50 5.40
CA VAL A 9 -4.67 -7.18 5.06
C VAL A 9 -5.25 -6.60 6.31
N ALA A 10 -6.27 -7.30 6.79
CA ALA A 10 -6.98 -6.87 7.95
C ALA A 10 -5.97 -6.88 9.12
N ALA A 11 -5.19 -7.96 9.18
CA ALA A 11 -4.15 -8.13 10.19
C ALA A 11 -3.13 -7.00 10.07
N SER A 12 -2.70 -6.68 8.87
CA SER A 12 -1.80 -5.53 8.73
C SER A 12 -2.39 -4.15 8.95
N ILE A 13 -3.67 -3.91 8.76
CA ILE A 13 -4.21 -2.60 9.18
C ILE A 13 -4.06 -2.56 10.70
N MET A 14 -4.38 -3.66 11.36
CA MET A 14 -4.30 -3.74 12.81
C MET A 14 -2.89 -3.48 13.37
N LYS A 15 -1.82 -4.04 12.80
CA LYS A 15 -0.52 -3.89 13.37
C LYS A 15 -0.10 -2.43 13.34
N ILE A 16 -0.61 -1.69 12.38
CA ILE A 16 -0.22 -0.30 12.26
C ILE A 16 -0.66 0.45 13.50
N TYR A 17 -1.90 0.20 13.92
CA TYR A 17 -2.46 0.88 15.09
C TYR A 17 -1.96 0.32 16.43
N THR A 18 -1.59 -0.95 16.49
CA THR A 18 -1.12 -1.52 17.77
C THR A 18 0.30 -1.15 18.13
N PHE A 19 1.13 -0.83 17.14
CA PHE A 19 2.49 -0.48 17.33
C PHE A 19 2.70 1.01 17.06
N ASN A 20 1.60 1.75 17.12
CA ASN A 20 1.55 3.18 16.80
C ASN A 20 2.53 4.12 17.53
N LYS A 21 3.71 4.32 16.96
CA LYS A 21 4.71 5.22 17.54
C LYS A 21 4.21 6.66 17.52
N ASP A 22 3.49 7.00 16.46
CA ASP A 22 2.97 8.37 16.27
C ASP A 22 1.63 8.33 15.57
N GLN A 23 0.59 8.72 16.29
CA GLN A 23 -0.79 8.69 15.79
C GLN A 23 -1.01 9.59 14.58
N ASP A 24 -0.33 10.72 14.51
CA ASP A 24 -0.48 11.61 13.37
C ASP A 24 -0.02 10.83 12.16
N ARG A 25 1.14 10.21 12.29
CA ARG A 25 1.71 9.43 11.20
C ARG A 25 0.90 8.21 10.83
N VAL A 26 0.19 7.61 11.78
CA VAL A 26 -0.71 6.51 11.43
C VAL A 26 -1.72 7.03 10.43
N LYS A 27 -2.40 8.13 10.76
CA LYS A 27 -3.42 8.67 9.87
C LYS A 27 -2.84 9.23 8.57
N LEU A 28 -1.63 9.74 8.61
CA LEU A 28 -0.97 10.29 7.48
C LEU A 28 -0.59 9.17 6.50
N GLY A 29 -0.25 8.00 7.06
CA GLY A 29 0.07 6.83 6.26
C GLY A 29 -1.19 6.31 5.60
N VAL A 30 -2.26 6.17 6.38
CA VAL A 30 -3.55 5.74 5.86
C VAL A 30 -4.03 6.68 4.75
N ASP A 31 -3.90 7.98 4.96
CA ASP A 31 -4.25 8.98 3.94
C ASP A 31 -3.47 8.75 2.64
N THR A 32 -2.19 8.46 2.77
CA THR A 32 -1.36 8.22 1.59
C THR A 32 -1.80 6.98 0.82
N ILE A 33 -2.06 5.88 1.51
CA ILE A 33 -2.46 4.64 0.85
C ILE A 33 -3.84 4.80 0.21
N ALA A 34 -4.79 5.34 0.96
CA ALA A 34 -6.15 5.52 0.45
C ALA A 34 -6.12 6.34 -0.83
N LYS A 35 -5.33 7.40 -0.82
CA LYS A 35 -5.21 8.29 -1.97
C LYS A 35 -4.60 7.64 -3.21
N TYR A 36 -3.51 6.91 -3.02
CA TYR A 36 -2.89 6.21 -4.12
C TYR A 36 -3.87 5.24 -4.74
N LEU A 37 -4.61 4.52 -3.89
CA LEU A 37 -5.59 3.57 -4.38
C LEU A 37 -6.77 4.29 -5.03
N ASP A 38 -7.11 5.46 -4.54
CA ASP A 38 -8.20 6.25 -5.12
C ASP A 38 -7.84 6.60 -6.55
N ASN A 39 -6.62 7.04 -6.77
CA ASN A 39 -6.20 7.46 -8.11
C ASN A 39 -6.38 6.33 -9.13
N ILE A 40 -6.16 5.11 -8.66
CA ILE A 40 -6.32 3.91 -9.48
C ILE A 40 -7.81 3.54 -9.62
N HIS A 41 -8.57 3.70 -8.55
CA HIS A 41 -10.01 3.44 -8.53
C HIS A 41 -10.86 4.42 -9.35
N LEU A 42 -10.58 5.72 -9.20
CA LEU A 42 -11.36 6.75 -9.89
C LEU A 42 -11.07 6.79 -11.39
N HIS A 43 -9.86 6.43 -11.78
CA HIS A 43 -9.50 6.28 -13.17
C HIS A 43 -9.11 4.82 -13.43
N PRO A 44 -10.10 3.91 -13.50
CA PRO A 44 -9.72 2.51 -13.71
C PRO A 44 -9.21 2.28 -15.13
N GLU A 45 -9.51 3.22 -16.01
CA GLU A 45 -9.05 3.17 -17.39
C GLU A 45 -7.55 3.42 -17.44
N GLU A 46 -7.02 4.13 -16.45
CA GLU A 46 -5.60 4.44 -16.45
C GLU A 46 -4.83 3.58 -15.46
N GLU A 47 -4.63 2.33 -15.83
CA GLU A 47 -3.83 1.37 -15.15
C GLU A 47 -2.46 1.92 -14.82
N LYS A 48 -1.99 2.83 -15.67
CA LYS A 48 -0.70 3.47 -15.51
C LYS A 48 -0.52 4.16 -14.15
N TYR A 49 -1.59 4.40 -13.41
CA TYR A 49 -1.50 5.00 -12.07
C TYR A 49 -1.00 4.02 -11.00
N ARG A 50 -1.05 2.72 -11.29
CA ARG A 50 -0.64 1.65 -10.35
C ARG A 50 0.73 1.82 -9.69
N LYS A 51 1.53 2.69 -10.28
CA LYS A 51 2.93 2.94 -9.93
C LYS A 51 3.16 3.85 -8.73
N ILE A 52 3.91 3.33 -7.78
CA ILE A 52 4.27 4.07 -6.57
C ILE A 52 5.78 3.93 -6.27
N LYS A 53 6.57 4.96 -6.53
CA LYS A 53 8.01 4.90 -6.27
C LYS A 53 8.28 5.13 -4.79
N LEU A 54 9.28 4.44 -4.26
CA LEU A 54 9.58 4.47 -2.84
C LEU A 54 10.38 5.66 -2.31
N GLN A 55 11.38 6.13 -3.04
CA GLN A 55 12.26 7.20 -2.49
C GLN A 55 11.72 8.60 -2.71
N ASN A 56 10.59 8.83 -2.07
CA ASN A 56 9.81 10.04 -2.26
C ASN A 56 9.45 10.62 -0.91
N LYS A 57 9.32 11.94 -0.84
CA LYS A 57 9.08 12.59 0.45
C LYS A 57 7.85 12.10 1.17
N VAL A 58 6.74 11.90 0.48
CA VAL A 58 5.52 11.43 1.15
C VAL A 58 5.79 10.06 1.78
N PHE A 59 6.40 9.16 1.03
CA PHE A 59 6.77 7.86 1.56
C PHE A 59 7.73 7.98 2.75
N GLN A 60 8.76 8.79 2.60
CA GLN A 60 9.76 9.00 3.65
C GLN A 60 9.15 9.54 4.96
N GLU A 61 8.29 10.54 4.83
CA GLU A 61 7.71 11.23 5.97
C GLU A 61 6.55 10.52 6.66
N ARG A 62 5.80 9.72 5.92
CA ARG A 62 4.57 9.09 6.46
C ARG A 62 4.56 7.59 6.55
N ILE A 63 5.46 6.95 5.83
CA ILE A 63 5.51 5.48 5.78
C ILE A 63 6.86 4.89 6.25
N ASN A 64 7.96 5.44 5.78
CA ASN A 64 9.30 4.89 6.12
C ASN A 64 9.67 5.00 7.60
N CYS A 65 9.00 5.86 8.33
CA CYS A 65 9.26 6.04 9.76
C CYS A 65 8.02 5.63 10.56
N LEU A 66 7.15 4.88 9.91
CA LEU A 66 5.88 4.45 10.49
C LEU A 66 5.95 2.95 10.78
N GLU A 67 4.80 2.35 11.03
CA GLU A 67 4.69 0.94 11.38
C GLU A 67 4.70 -0.01 10.21
N GLY A 68 4.11 -1.19 10.42
CA GLY A 68 3.98 -2.20 9.38
C GLY A 68 3.01 -1.83 8.27
N THR A 69 2.99 -0.56 7.93
CA THR A 69 2.16 -0.04 6.84
C THR A 69 2.51 -0.67 5.50
N HIS A 70 3.77 -1.01 5.33
CA HIS A 70 4.25 -1.59 4.10
C HIS A 70 3.68 -2.98 3.87
N GLU A 71 3.53 -3.72 4.96
CA GLU A 71 2.96 -5.03 4.96
C GLU A 71 1.52 -5.02 4.44
N PHE A 72 0.80 -3.94 4.69
CA PHE A 72 -0.58 -3.82 4.19
C PHE A 72 -0.54 -3.72 2.67
N PHE A 73 0.30 -2.83 2.15
CA PHE A 73 0.51 -2.66 0.71
C PHE A 73 0.88 -3.98 0.01
N GLU A 74 1.75 -4.77 0.61
CA GLU A 74 2.10 -6.06 0.01
C GLU A 74 0.88 -6.99 0.07
N ALA A 75 0.20 -6.99 1.20
CA ALA A 75 -0.97 -7.86 1.41
C ALA A 75 -2.18 -7.51 0.51
N ILE A 76 -2.35 -6.25 0.15
CA ILE A 76 -3.43 -5.86 -0.77
C ILE A 76 -3.15 -6.38 -2.17
N GLY A 77 -1.89 -6.73 -2.43
CA GLY A 77 -1.52 -7.33 -3.72
C GLY A 77 -0.53 -6.55 -4.56
N PHE A 78 0.43 -5.87 -3.95
CA PHE A 78 1.41 -5.12 -4.72
C PHE A 78 2.70 -5.89 -4.94
N GLN A 79 3.29 -5.63 -6.10
CA GLN A 79 4.54 -6.22 -6.53
C GLN A 79 5.59 -5.12 -6.40
N LYS A 80 6.86 -5.48 -6.42
CA LYS A 80 7.97 -4.53 -6.24
C LYS A 80 8.82 -4.72 -7.50
N VAL A 81 9.43 -3.68 -8.06
CA VAL A 81 10.18 -3.85 -9.32
C VAL A 81 11.36 -2.91 -9.22
N LEU A 82 12.33 -3.15 -10.08
CA LEU A 82 13.46 -2.29 -10.29
C LEU A 82 13.37 -1.97 -11.78
N LEU A 83 13.68 -0.75 -12.21
CA LEU A 83 13.59 -0.40 -13.61
C LEU A 83 14.96 -0.09 -14.23
N PRO A 84 15.04 -0.16 -15.57
CA PRO A 84 16.24 0.11 -16.39
C PRO A 84 16.21 1.55 -16.88
N ALA A 85 16.29 2.48 -15.94
CA ALA A 85 16.15 3.91 -16.22
C ALA A 85 16.73 4.72 -15.19
N GLN A 86 17.06 5.83 -15.76
CA GLN A 86 17.92 6.78 -15.22
C GLN A 86 17.16 7.73 -14.30
N ASP A 87 15.99 7.24 -13.92
CA ASP A 87 15.09 7.82 -12.93
C ASP A 87 15.54 7.25 -11.58
N GLN A 88 16.33 6.19 -11.65
CA GLN A 88 16.81 5.48 -10.48
C GLN A 88 18.18 4.82 -10.75
N GLU A 89 19.25 5.57 -10.46
CA GLU A 89 20.63 5.06 -10.64
C GLU A 89 21.19 4.93 -9.25
N ASP A 90 20.27 4.75 -8.32
CA ASP A 90 20.57 4.57 -6.93
C ASP A 90 19.46 3.69 -6.38
N PRO A 91 19.66 3.07 -5.20
CA PRO A 91 18.67 2.21 -4.54
C PRO A 91 17.24 2.77 -4.48
N GLU A 92 16.41 2.28 -5.39
CA GLU A 92 15.03 2.70 -5.54
C GLU A 92 14.22 1.46 -5.90
N GLU A 93 12.91 1.57 -5.84
CA GLU A 93 12.02 0.48 -6.19
C GLU A 93 10.69 1.09 -6.55
N PHE A 94 9.86 0.32 -7.26
CA PHE A 94 8.55 0.81 -7.67
C PHE A 94 7.55 -0.22 -7.21
N TYR A 95 6.56 0.22 -6.48
CA TYR A 95 5.48 -0.65 -6.08
C TYR A 95 4.44 -0.52 -7.14
N VAL A 96 3.86 -1.64 -7.52
CA VAL A 96 2.84 -1.66 -8.55
C VAL A 96 1.78 -2.65 -8.13
N LEU A 97 0.52 -2.28 -8.27
CA LEU A 97 -0.57 -3.19 -7.97
C LEU A 97 -0.42 -4.32 -9.00
N SER A 98 -0.21 -5.54 -8.51
CA SER A 98 0.10 -6.66 -9.37
C SER A 98 -1.01 -7.00 -10.36
N GLU A 99 -0.61 -7.54 -11.50
CA GLU A 99 -1.52 -7.92 -12.57
C GLU A 99 -2.46 -9.03 -12.09
N THR A 100 -1.97 -9.86 -11.17
CA THR A 100 -2.78 -10.94 -10.61
C THR A 100 -3.94 -10.39 -9.81
N THR A 101 -3.75 -9.20 -9.25
CA THR A 101 -4.78 -8.54 -8.46
C THR A 101 -5.65 -7.65 -9.35
N LEU A 102 -5.06 -7.13 -10.43
CA LEU A 102 -5.79 -6.32 -11.40
C LEU A 102 -6.93 -7.14 -12.00
N ALA A 103 -6.66 -8.42 -12.20
CA ALA A 103 -7.64 -9.35 -12.74
C ALA A 103 -8.90 -9.44 -11.85
N GLN A 104 -8.76 -9.15 -10.56
CA GLN A 104 -9.84 -9.16 -9.63
C GLN A 104 -9.94 -7.83 -8.88
N PRO A 105 -10.59 -6.84 -9.48
CA PRO A 105 -10.72 -5.50 -8.90
C PRO A 105 -11.58 -5.50 -7.64
N GLN A 106 -12.37 -6.56 -7.46
CA GLN A 106 -13.21 -6.69 -6.28
C GLN A 106 -12.33 -6.82 -5.03
N SER A 107 -11.16 -7.43 -5.20
CA SER A 107 -10.23 -7.58 -4.09
C SER A 107 -9.68 -6.20 -3.72
N LEU A 108 -9.31 -5.42 -4.73
CA LEU A 108 -8.83 -4.07 -4.51
C LEU A 108 -9.87 -3.23 -3.82
N GLU A 109 -11.12 -3.40 -4.25
CA GLU A 109 -12.24 -2.67 -3.67
C GLU A 109 -12.33 -2.96 -2.18
N ARG A 110 -12.27 -4.22 -1.80
CA ARG A 110 -12.33 -4.55 -0.37
C ARG A 110 -11.10 -4.03 0.37
N HIS A 111 -9.93 -4.13 -0.22
CA HIS A 111 -8.74 -3.67 0.42
C HIS A 111 -8.75 -2.17 0.68
N LYS A 112 -9.24 -1.36 -0.25
CA LYS A 112 -9.32 0.08 0.02
C LYS A 112 -10.44 0.36 1.03
N GLU A 113 -11.54 -0.37 0.96
CA GLU A 113 -12.64 -0.23 1.92
C GLU A 113 -12.19 -0.56 3.34
N GLN A 114 -11.39 -1.62 3.47
CA GLN A 114 -10.85 -2.03 4.76
C GLN A 114 -10.09 -0.88 5.37
N LEU A 115 -9.31 -0.23 4.53
CA LEU A 115 -8.44 0.83 4.96
C LEU A 115 -9.19 2.11 5.28
N LEU A 116 -10.24 2.41 4.53
CA LEU A 116 -11.08 3.59 4.78
C LEU A 116 -11.85 3.46 6.09
N ALA A 117 -12.17 2.22 6.44
CA ALA A 117 -12.94 1.92 7.66
C ALA A 117 -12.16 2.14 8.96
N ALA A 118 -10.84 2.27 8.86
CA ALA A 118 -9.98 2.43 10.01
C ALA A 118 -10.20 3.77 10.77
N GLU A 119 -11.01 3.73 11.81
CA GLU A 119 -11.31 4.86 12.66
C GLU A 119 -10.09 5.39 13.42
N GLY A 1 -10.82 -6.44 15.51
CA GLY A 1 -10.09 -7.28 14.54
C GLY A 1 -10.46 -8.72 14.66
N SER A 2 -9.89 -9.58 13.80
CA SER A 2 -10.19 -11.01 13.85
C SER A 2 -9.81 -11.61 15.21
N HIS A 3 -10.64 -12.52 15.68
CA HIS A 3 -10.45 -13.14 16.99
C HIS A 3 -9.42 -14.29 16.99
N MET A 4 -9.25 -14.95 15.85
CA MET A 4 -8.35 -16.12 15.77
C MET A 4 -7.50 -16.14 14.51
N SER A 5 -8.07 -16.58 13.40
CA SER A 5 -7.32 -16.67 12.14
C SER A 5 -7.15 -15.28 11.55
N THR A 6 -5.90 -14.88 11.33
CA THR A 6 -5.62 -13.55 10.79
C THR A 6 -5.05 -13.64 9.40
N ASP A 7 -5.77 -13.03 8.49
CA ASP A 7 -5.32 -12.89 7.12
C ASP A 7 -4.21 -11.85 7.14
N PRO A 8 -3.31 -11.85 6.15
CA PRO A 8 -2.23 -10.85 6.14
C PRO A 8 -2.61 -9.43 6.18
N VAL A 9 -3.69 -9.09 5.53
CA VAL A 9 -3.87 -7.76 5.22
C VAL A 9 -4.46 -7.35 6.54
N ALA A 10 -5.29 -8.25 7.07
CA ALA A 10 -6.01 -7.98 8.28
C ALA A 10 -4.98 -7.76 9.41
N ALA A 11 -3.99 -8.65 9.43
CA ALA A 11 -2.90 -8.60 10.41
C ALA A 11 -2.16 -7.28 10.29
N SER A 12 -1.85 -6.86 9.08
CA SER A 12 -1.23 -5.54 8.94
C SER A 12 -2.16 -4.33 9.17
N ILE A 13 -3.44 -4.38 8.88
CA ILE A 13 -4.31 -3.25 9.27
C ILE A 13 -4.23 -3.10 10.78
N MET A 14 -4.27 -4.22 11.48
CA MET A 14 -4.17 -4.22 12.91
C MET A 14 -2.90 -3.53 13.43
N LYS A 15 -1.70 -3.85 12.93
CA LYS A 15 -0.52 -3.27 13.48
C LYS A 15 -0.50 -1.80 13.15
N ILE A 16 -0.96 -1.41 11.96
CA ILE A 16 -0.84 -0.04 11.57
C ILE A 16 -1.64 0.86 12.52
N TYR A 17 -2.84 0.42 12.87
CA TYR A 17 -3.70 1.20 13.76
C TYR A 17 -3.39 1.06 15.26
N THR A 18 -2.81 -0.05 15.68
CA THR A 18 -2.54 -0.23 17.11
C THR A 18 -1.26 0.47 17.56
N PHE A 19 -0.26 0.57 16.67
CA PHE A 19 0.97 1.24 16.95
C PHE A 19 0.82 2.75 16.71
N ASN A 20 -0.32 3.29 17.15
CA ASN A 20 -0.65 4.69 16.95
C ASN A 20 0.09 5.62 17.93
N LYS A 21 1.41 5.65 17.78
CA LYS A 21 2.27 6.53 18.56
C LYS A 21 2.07 7.99 18.11
N ASP A 22 1.68 8.15 16.85
CA ASP A 22 1.52 9.47 16.25
C ASP A 22 0.26 9.51 15.39
N GLN A 23 -0.77 10.15 15.90
CA GLN A 23 -2.07 10.22 15.23
C GLN A 23 -1.96 10.87 13.84
N ASP A 24 -1.10 11.87 13.72
CA ASP A 24 -0.93 12.56 12.45
C ASP A 24 -0.38 11.58 11.44
N ARG A 25 0.65 10.84 11.81
CA ARG A 25 1.25 9.90 10.89
C ARG A 25 0.35 8.74 10.50
N VAL A 26 -0.46 8.23 11.42
CA VAL A 26 -1.40 7.17 11.03
C VAL A 26 -2.35 7.76 9.99
N LYS A 27 -2.84 8.97 10.23
CA LYS A 27 -3.74 9.62 9.26
C LYS A 27 -3.03 9.89 7.92
N LEU A 28 -1.76 10.27 7.95
CA LEU A 28 -1.00 10.58 6.79
C LEU A 28 -0.81 9.32 5.94
N GLY A 29 -0.68 8.20 6.63
CA GLY A 29 -0.54 6.92 5.97
C GLY A 29 -1.83 6.51 5.30
N VAL A 30 -2.90 6.42 6.06
CA VAL A 30 -4.20 6.01 5.53
C VAL A 30 -4.65 6.92 4.40
N ASP A 31 -4.42 8.22 4.55
CA ASP A 31 -4.73 9.19 3.49
C ASP A 31 -4.05 8.77 2.20
N THR A 32 -2.77 8.49 2.27
CA THR A 32 -2.02 8.12 1.09
C THR A 32 -2.50 6.81 0.49
N ILE A 33 -2.72 5.79 1.32
CA ILE A 33 -3.15 4.48 0.81
C ILE A 33 -4.51 4.57 0.14
N ALA A 34 -5.49 5.12 0.83
CA ALA A 34 -6.86 5.19 0.31
C ALA A 34 -6.88 5.99 -0.99
N LYS A 35 -6.16 7.09 -1.00
CA LYS A 35 -6.11 7.97 -2.19
C LYS A 35 -5.43 7.32 -3.38
N TYR A 36 -4.33 6.64 -3.14
CA TYR A 36 -3.64 5.93 -4.21
C TYR A 36 -4.59 4.96 -4.89
N LEU A 37 -5.33 4.20 -4.08
CA LEU A 37 -6.23 3.20 -4.62
C LEU A 37 -7.42 3.87 -5.31
N ASP A 38 -7.87 4.99 -4.76
CA ASP A 38 -8.95 5.76 -5.37
C ASP A 38 -8.53 6.18 -6.77
N ASN A 39 -7.36 6.78 -6.89
CA ASN A 39 -6.89 7.29 -8.17
C ASN A 39 -6.83 6.21 -9.24
N ILE A 40 -6.43 5.00 -8.85
CA ILE A 40 -6.38 3.87 -9.77
C ILE A 40 -7.80 3.38 -10.11
N HIS A 41 -8.68 3.37 -9.12
CA HIS A 41 -10.07 2.93 -9.33
C HIS A 41 -10.89 3.91 -10.18
N LEU A 42 -10.79 5.20 -9.90
CA LEU A 42 -11.61 6.20 -10.59
C LEU A 42 -11.10 6.48 -12.02
N HIS A 43 -9.80 6.34 -12.25
CA HIS A 43 -9.23 6.48 -13.57
C HIS A 43 -8.63 5.13 -14.03
N PRO A 44 -9.48 4.16 -14.41
CA PRO A 44 -8.86 2.91 -14.87
C PRO A 44 -8.15 3.07 -16.21
N GLU A 45 -8.50 4.12 -16.95
CA GLU A 45 -7.87 4.41 -18.24
C GLU A 45 -6.39 4.72 -18.08
N GLU A 46 -5.97 5.21 -16.92
CA GLU A 46 -4.56 5.49 -16.72
C GLU A 46 -3.97 4.69 -15.55
N GLU A 47 -3.69 3.44 -15.87
CA GLU A 47 -3.03 2.47 -15.04
C GLU A 47 -1.76 3.01 -14.41
N LYS A 48 -1.15 3.98 -15.06
CA LYS A 48 0.06 4.62 -14.62
C LYS A 48 0.03 5.13 -13.18
N TYR A 49 -1.14 5.25 -12.56
CA TYR A 49 -1.24 5.68 -11.16
C TYR A 49 -0.71 4.62 -10.17
N ARG A 50 -0.56 3.38 -10.62
CA ARG A 50 -0.09 2.26 -9.77
C ARG A 50 1.40 2.34 -9.41
N LYS A 51 1.95 3.53 -9.39
CA LYS A 51 3.38 3.73 -9.19
C LYS A 51 3.75 4.17 -7.77
N ILE A 52 4.35 3.28 -7.01
CA ILE A 52 4.81 3.63 -5.66
C ILE A 52 6.27 3.23 -5.43
N LYS A 53 7.18 4.08 -5.88
CA LYS A 53 8.60 3.90 -5.62
C LYS A 53 8.79 4.00 -4.10
N LEU A 54 9.77 3.30 -3.55
CA LEU A 54 9.98 3.34 -2.10
C LEU A 54 10.78 4.54 -1.58
N GLN A 55 11.65 5.14 -2.40
CA GLN A 55 12.46 6.26 -1.96
C GLN A 55 12.23 7.49 -2.80
N ASN A 56 11.31 8.24 -2.25
CA ASN A 56 10.92 9.56 -2.76
C ASN A 56 11.02 10.43 -1.53
N LYS A 57 11.22 11.73 -1.70
CA LYS A 57 11.34 12.62 -0.56
C LYS A 57 10.11 12.52 0.37
N VAL A 58 8.93 12.49 -0.23
CA VAL A 58 7.68 12.40 0.54
C VAL A 58 7.61 11.07 1.33
N PHE A 59 7.99 9.98 0.69
CA PHE A 59 8.10 8.70 1.36
C PHE A 59 9.05 8.73 2.54
N GLN A 60 10.24 9.28 2.33
CA GLN A 60 11.26 9.33 3.37
C GLN A 60 10.82 10.17 4.58
N GLU A 61 10.12 11.27 4.33
CA GLU A 61 9.67 12.14 5.41
C GLU A 61 8.50 11.57 6.23
N ARG A 62 7.55 10.91 5.56
CA ARG A 62 6.39 10.34 6.26
C ARG A 62 6.40 8.84 6.46
N ILE A 63 6.36 8.11 5.35
CA ILE A 63 6.09 6.67 5.33
C ILE A 63 7.27 5.84 5.88
N ASN A 64 8.48 6.31 5.68
CA ASN A 64 9.67 5.63 6.20
C ASN A 64 9.72 5.75 7.73
N CYS A 65 8.94 6.68 8.26
CA CYS A 65 8.88 6.94 9.70
C CYS A 65 7.49 6.55 10.20
N LEU A 66 6.88 5.62 9.48
CA LEU A 66 5.53 5.16 9.75
C LEU A 66 5.53 3.64 9.96
N GLU A 67 4.35 3.10 10.21
CA GLU A 67 4.15 1.68 10.49
C GLU A 67 4.29 0.75 9.31
N GLY A 68 3.87 -0.51 9.51
CA GLY A 68 3.91 -1.56 8.50
C GLY A 68 2.96 -1.36 7.35
N THR A 69 2.83 -0.10 6.95
CA THR A 69 2.08 0.27 5.75
C THR A 69 2.44 -0.57 4.55
N HIS A 70 3.72 -0.84 4.44
CA HIS A 70 4.23 -1.48 3.28
C HIS A 70 3.75 -2.93 3.13
N GLU A 71 3.59 -3.63 4.26
CA GLU A 71 3.17 -4.98 4.29
C GLU A 71 1.73 -5.09 3.83
N PHE A 72 0.94 -4.10 4.22
CA PHE A 72 -0.47 -4.04 3.83
C PHE A 72 -0.53 -3.96 2.32
N PHE A 73 0.24 -3.04 1.76
CA PHE A 73 0.31 -2.85 0.32
C PHE A 73 0.64 -4.14 -0.45
N GLU A 74 1.69 -4.86 -0.09
CA GLU A 74 2.00 -6.09 -0.81
C GLU A 74 0.88 -7.12 -0.62
N ALA A 75 0.34 -7.18 0.59
CA ALA A 75 -0.74 -8.11 0.89
C ALA A 75 -2.06 -7.82 0.14
N ILE A 76 -2.36 -6.55 -0.14
CA ILE A 76 -3.58 -6.22 -0.90
C ILE A 76 -3.41 -6.60 -2.37
N GLY A 77 -2.17 -6.84 -2.79
CA GLY A 77 -1.92 -7.28 -4.15
C GLY A 77 -0.81 -6.55 -4.91
N PHE A 78 0.11 -5.92 -4.20
CA PHE A 78 1.20 -5.22 -4.84
C PHE A 78 2.41 -6.11 -4.93
N GLN A 79 3.28 -5.80 -5.87
CA GLN A 79 4.52 -6.52 -6.06
C GLN A 79 5.62 -5.47 -6.14
N LYS A 80 6.83 -5.88 -5.83
CA LYS A 80 8.00 -5.02 -5.86
C LYS A 80 8.70 -5.31 -7.19
N VAL A 81 9.31 -4.32 -7.82
CA VAL A 81 10.00 -4.56 -9.07
C VAL A 81 11.28 -3.79 -8.94
N LEU A 82 12.20 -4.10 -9.83
CA LEU A 82 13.39 -3.35 -10.08
C LEU A 82 13.09 -2.86 -11.48
N LEU A 83 13.28 -1.57 -11.76
CA LEU A 83 12.97 -1.04 -13.06
C LEU A 83 14.22 -0.84 -13.91
N PRO A 84 14.05 -0.77 -15.24
CA PRO A 84 15.10 -0.60 -16.24
C PRO A 84 15.25 0.87 -16.58
N ALA A 85 15.67 1.67 -15.60
CA ALA A 85 15.82 3.10 -15.80
C ALA A 85 16.94 3.68 -15.00
N GLN A 86 17.35 4.84 -15.46
CA GLN A 86 18.48 5.58 -14.95
C GLN A 86 18.04 6.55 -13.87
N ASP A 87 16.82 6.31 -13.40
CA ASP A 87 16.20 7.09 -12.32
C ASP A 87 16.69 6.53 -10.99
N GLN A 88 17.26 5.33 -11.06
CA GLN A 88 17.74 4.63 -9.88
C GLN A 88 18.92 3.71 -10.23
N GLU A 89 20.12 4.20 -10.00
CA GLU A 89 21.35 3.43 -10.23
C GLU A 89 21.81 2.95 -8.89
N ASP A 90 20.82 2.85 -8.01
CA ASP A 90 21.03 2.38 -6.67
C ASP A 90 19.93 1.38 -6.32
N PRO A 91 20.17 0.54 -5.28
CA PRO A 91 19.19 -0.43 -4.75
C PRO A 91 17.81 0.14 -4.35
N GLU A 92 16.93 0.24 -5.34
CA GLU A 92 15.59 0.74 -5.14
C GLU A 92 14.53 -0.14 -5.77
N GLU A 93 13.33 -0.09 -5.20
CA GLU A 93 12.22 -0.89 -5.70
C GLU A 93 11.01 -0.02 -6.02
N PHE A 94 10.09 -0.58 -6.80
CA PHE A 94 8.84 0.09 -7.12
C PHE A 94 7.74 -0.85 -6.71
N TYR A 95 6.85 -0.39 -5.85
CA TYR A 95 5.68 -1.17 -5.52
C TYR A 95 4.71 -0.82 -6.62
N VAL A 96 4.11 -1.84 -7.20
CA VAL A 96 3.14 -1.66 -8.26
C VAL A 96 2.00 -2.62 -7.99
N LEU A 97 0.78 -2.14 -8.16
CA LEU A 97 -0.39 -3.00 -7.96
C LEU A 97 -0.36 -4.00 -9.11
N SER A 98 -0.28 -5.28 -8.76
CA SER A 98 -0.12 -6.34 -9.76
C SER A 98 -1.37 -6.53 -10.63
N GLU A 99 -1.12 -6.99 -11.85
CA GLU A 99 -2.14 -7.15 -12.89
C GLU A 99 -3.32 -8.03 -12.46
N THR A 100 -3.03 -9.13 -11.78
CA THR A 100 -4.08 -10.06 -11.36
C THR A 100 -5.05 -9.42 -10.37
N THR A 101 -4.60 -8.41 -9.65
CA THR A 101 -5.45 -7.72 -8.70
C THR A 101 -6.24 -6.60 -9.39
N LEU A 102 -5.67 -6.08 -10.47
CA LEU A 102 -6.37 -5.06 -11.25
C LEU A 102 -7.58 -5.74 -11.91
N ALA A 103 -7.36 -6.99 -12.31
CA ALA A 103 -8.41 -7.80 -12.90
C ALA A 103 -9.56 -8.06 -11.92
N GLN A 104 -9.28 -7.97 -10.62
CA GLN A 104 -10.28 -8.13 -9.59
C GLN A 104 -10.32 -6.93 -8.64
N PRO A 105 -10.91 -5.81 -9.08
CA PRO A 105 -10.91 -4.56 -8.34
C PRO A 105 -11.77 -4.61 -7.08
N GLN A 106 -12.67 -5.58 -7.00
CA GLN A 106 -13.51 -5.74 -5.84
C GLN A 106 -12.70 -6.19 -4.63
N SER A 107 -11.60 -6.89 -4.85
CA SER A 107 -10.75 -7.32 -3.75
C SER A 107 -10.08 -6.08 -3.16
N LEU A 108 -9.56 -5.24 -4.05
CA LEU A 108 -8.92 -3.99 -3.64
C LEU A 108 -9.90 -3.09 -2.89
N GLU A 109 -11.12 -3.03 -3.39
CA GLU A 109 -12.16 -2.27 -2.72
C GLU A 109 -12.34 -2.77 -1.30
N ARG A 110 -12.42 -4.09 -1.11
CA ARG A 110 -12.57 -4.65 0.23
C ARG A 110 -11.37 -4.33 1.09
N HIS A 111 -10.17 -4.39 0.54
CA HIS A 111 -8.99 -4.09 1.27
C HIS A 111 -9.00 -2.63 1.75
N LYS A 112 -9.42 -1.72 0.89
CA LYS A 112 -9.51 -0.30 1.25
C LYS A 112 -10.55 -0.11 2.36
N GLU A 113 -11.67 -0.80 2.26
CA GLU A 113 -12.72 -0.70 3.19
C GLU A 113 -12.30 -1.31 4.54
N GLN A 114 -11.53 -2.38 4.48
CA GLN A 114 -11.00 -3.04 5.67
C GLN A 114 -10.10 -2.07 6.40
N LEU A 115 -9.33 -1.34 5.62
CA LEU A 115 -8.38 -0.39 6.16
C LEU A 115 -9.12 0.72 6.89
N LEU A 116 -10.21 1.19 6.29
CA LEU A 116 -11.03 2.23 6.92
C LEU A 116 -11.71 1.71 8.17
N ALA A 117 -12.04 0.42 8.18
CA ALA A 117 -12.68 -0.23 9.33
C ALA A 117 -11.72 -0.39 10.52
N ALA A 118 -10.42 -0.25 10.26
CA ALA A 118 -9.35 -0.34 11.26
C ALA A 118 -9.23 -1.71 12.00
N GLU A 119 -9.88 -2.72 11.44
CA GLU A 119 -9.90 -4.10 11.98
C GLU A 119 -10.45 -4.23 13.41
N GLY A 1 -4.56 -21.99 5.39
CA GLY A 1 -3.96 -20.96 4.51
C GLY A 1 -3.54 -19.75 5.30
N SER A 2 -3.08 -18.71 4.62
CA SER A 2 -2.63 -17.48 5.29
C SER A 2 -1.55 -17.78 6.34
N HIS A 3 -1.39 -16.94 7.33
CA HIS A 3 -0.37 -17.19 8.36
C HIS A 3 -0.95 -17.94 9.56
N MET A 4 -2.18 -17.60 9.95
CA MET A 4 -2.86 -18.27 11.08
C MET A 4 -4.33 -18.42 10.71
N SER A 5 -4.58 -18.76 9.44
CA SER A 5 -5.90 -18.78 8.79
C SER A 5 -6.35 -17.34 8.56
N THR A 6 -6.23 -16.50 9.58
CA THR A 6 -6.33 -15.06 9.44
C THR A 6 -5.11 -14.67 8.76
N ASP A 7 -5.37 -13.53 8.19
CA ASP A 7 -4.76 -13.17 7.03
C ASP A 7 -3.98 -11.87 7.08
N PRO A 8 -3.09 -11.67 6.10
CA PRO A 8 -2.21 -10.49 6.12
C PRO A 8 -2.75 -9.12 6.24
N VAL A 9 -3.89 -8.80 5.65
CA VAL A 9 -4.13 -7.46 5.42
C VAL A 9 -4.68 -7.14 6.75
N ALA A 10 -5.52 -8.03 7.27
CA ALA A 10 -6.19 -7.78 8.50
C ALA A 10 -5.10 -7.57 9.57
N ALA A 11 -4.15 -8.50 9.59
CA ALA A 11 -3.03 -8.45 10.52
C ALA A 11 -2.23 -7.15 10.40
N SER A 12 -2.00 -6.67 9.19
CA SER A 12 -1.33 -5.39 9.06
C SER A 12 -2.22 -4.18 9.37
N ILE A 13 -3.50 -4.20 9.08
CA ILE A 13 -4.35 -3.08 9.50
C ILE A 13 -4.29 -2.98 11.02
N MET A 14 -4.32 -4.13 11.69
CA MET A 14 -4.16 -4.17 13.13
C MET A 14 -2.90 -3.45 13.61
N LYS A 15 -1.71 -3.81 13.13
CA LYS A 15 -0.52 -3.23 13.66
C LYS A 15 -0.43 -1.78 13.28
N ILE A 16 -0.86 -1.41 12.08
CA ILE A 16 -0.65 -0.04 11.65
C ILE A 16 -1.39 0.94 12.57
N TYR A 17 -2.61 0.59 12.94
CA TYR A 17 -3.41 1.45 13.82
C TYR A 17 -2.98 1.41 15.29
N THR A 18 -2.42 0.30 15.75
CA THR A 18 -2.12 0.14 17.18
C THR A 18 -0.67 0.26 17.65
N PHE A 19 0.31 0.00 16.80
CA PHE A 19 1.70 0.02 17.23
C PHE A 19 2.25 1.43 17.28
N ASN A 20 1.76 2.31 16.42
CA ASN A 20 2.27 3.67 16.40
C ASN A 20 1.64 4.47 17.54
N LYS A 21 2.50 5.03 18.39
CA LYS A 21 2.04 5.81 19.55
C LYS A 21 1.30 7.06 19.11
N ASP A 22 1.61 7.56 17.92
CA ASP A 22 0.92 8.73 17.39
C ASP A 22 0.31 8.46 16.10
N GLN A 23 -0.82 9.11 16.05
CA GLN A 23 -1.82 8.77 15.17
C GLN A 23 -1.97 9.70 14.00
N ASP A 24 -1.35 10.88 14.11
CA ASP A 24 -1.30 11.81 13.03
C ASP A 24 -0.68 11.03 11.86
N ARG A 25 0.34 10.27 12.19
CA ARG A 25 1.05 9.41 11.24
C ARG A 25 0.25 8.21 10.75
N VAL A 26 -0.57 7.61 11.60
CA VAL A 26 -1.44 6.51 11.14
C VAL A 26 -2.31 7.08 10.03
N LYS A 27 -2.90 8.23 10.33
CA LYS A 27 -3.83 8.90 9.41
C LYS A 27 -3.15 9.43 8.16
N LEU A 28 -1.87 9.77 8.25
CA LEU A 28 -1.11 10.27 7.15
C LEU A 28 -0.82 9.12 6.19
N GLY A 29 -0.67 7.93 6.77
CA GLY A 29 -0.46 6.73 5.98
C GLY A 29 -1.73 6.41 5.22
N VAL A 30 -2.83 6.29 5.95
CA VAL A 30 -4.13 6.01 5.32
C VAL A 30 -4.47 7.05 4.25
N ASP A 31 -4.24 8.33 4.55
CA ASP A 31 -4.46 9.39 3.57
C ASP A 31 -3.72 9.10 2.27
N THR A 32 -2.45 8.79 2.36
CA THR A 32 -1.65 8.55 1.17
C THR A 32 -2.11 7.28 0.42
N ILE A 33 -2.36 6.19 1.14
CA ILE A 33 -2.76 4.93 0.48
C ILE A 33 -4.15 5.02 -0.15
N ALA A 34 -5.13 5.51 0.60
CA ALA A 34 -6.49 5.60 0.08
C ALA A 34 -6.49 6.47 -1.17
N LYS A 35 -5.73 7.56 -1.12
CA LYS A 35 -5.60 8.48 -2.26
C LYS A 35 -4.91 7.86 -3.46
N TYR A 36 -3.85 7.11 -3.23
CA TYR A 36 -3.17 6.41 -4.30
C TYR A 36 -4.15 5.49 -5.01
N LEU A 37 -4.93 4.75 -4.24
CA LEU A 37 -5.91 3.83 -4.81
C LEU A 37 -7.05 4.59 -5.48
N ASP A 38 -7.39 5.74 -4.95
CA ASP A 38 -8.45 6.59 -5.53
C ASP A 38 -8.01 7.04 -6.90
N ASN A 39 -6.77 7.48 -7.05
CA ASN A 39 -6.27 7.95 -8.34
C ASN A 39 -6.42 6.86 -9.40
N ILE A 40 -6.12 5.64 -9.01
CA ILE A 40 -6.26 4.46 -9.87
C ILE A 40 -7.74 4.15 -10.18
N HIS A 41 -8.62 4.36 -9.21
CA HIS A 41 -10.05 4.12 -9.38
C HIS A 41 -10.77 5.22 -10.19
N LEU A 42 -10.53 6.48 -9.86
CA LEU A 42 -11.23 7.61 -10.50
C LEU A 42 -10.75 7.84 -11.94
N HIS A 43 -9.49 7.56 -12.22
CA HIS A 43 -8.96 7.60 -13.57
C HIS A 43 -8.53 6.17 -13.95
N PRO A 44 -9.49 5.29 -14.30
CA PRO A 44 -9.08 3.93 -14.64
C PRO A 44 -8.33 3.86 -15.97
N GLU A 45 -8.47 4.90 -16.78
CA GLU A 45 -7.79 5.00 -18.06
C GLU A 45 -6.29 5.22 -17.85
N GLU A 46 -5.95 5.84 -16.73
CA GLU A 46 -4.56 6.16 -16.43
C GLU A 46 -3.88 5.03 -15.66
N GLU A 47 -3.82 3.89 -16.30
CA GLU A 47 -3.20 2.71 -15.76
C GLU A 47 -1.79 2.94 -15.32
N LYS A 48 -1.12 3.93 -15.92
CA LYS A 48 0.22 4.28 -15.60
C LYS A 48 0.38 4.72 -14.14
N TYR A 49 -0.71 5.09 -13.47
CA TYR A 49 -0.64 5.54 -12.08
C TYR A 49 -0.41 4.44 -11.05
N ARG A 50 -0.61 3.17 -11.44
CA ARG A 50 -0.48 2.01 -10.53
C ARG A 50 0.93 1.71 -10.05
N LYS A 51 1.76 2.74 -10.01
CA LYS A 51 3.15 2.67 -9.63
C LYS A 51 3.48 3.58 -8.43
N ILE A 52 4.21 3.04 -7.48
CA ILE A 52 4.65 3.79 -6.31
C ILE A 52 6.12 3.51 -6.03
N LYS A 53 7.01 4.40 -6.45
CA LYS A 53 8.43 4.26 -6.11
C LYS A 53 8.45 4.65 -4.64
N LEU A 54 9.39 4.18 -3.86
CA LEU A 54 9.46 4.58 -2.45
C LEU A 54 10.22 5.90 -2.27
N GLN A 55 10.99 6.30 -3.29
CA GLN A 55 11.83 7.49 -3.22
C GLN A 55 11.12 8.81 -3.44
N ASN A 56 10.35 9.15 -2.44
CA ASN A 56 9.57 10.40 -2.44
C ASN A 56 9.74 11.14 -1.13
N LYS A 57 9.62 12.46 -1.16
CA LYS A 57 9.69 13.21 0.10
C LYS A 57 8.52 12.82 1.01
N VAL A 58 7.35 12.57 0.43
CA VAL A 58 6.18 12.16 1.22
C VAL A 58 6.49 10.85 1.95
N PHE A 59 7.17 9.95 1.28
CA PHE A 59 7.57 8.70 1.89
C PHE A 59 8.63 8.97 2.97
N GLN A 60 9.69 9.68 2.60
CA GLN A 60 10.81 10.01 3.49
C GLN A 60 10.44 10.79 4.76
N GLU A 61 9.40 11.60 4.69
CA GLU A 61 8.95 12.34 5.88
C GLU A 61 8.02 11.51 6.76
N ARG A 62 7.29 10.59 6.14
CA ARG A 62 6.20 9.88 6.83
C ARG A 62 6.22 8.36 6.80
N ILE A 63 6.07 7.79 5.62
CA ILE A 63 5.87 6.34 5.45
C ILE A 63 7.12 5.51 5.78
N ASN A 64 8.28 6.09 5.59
CA ASN A 64 9.54 5.47 5.86
C ASN A 64 9.79 5.24 7.34
N CYS A 65 9.02 5.93 8.17
CA CYS A 65 9.20 5.90 9.61
C CYS A 65 7.84 5.63 10.21
N LEU A 66 7.06 4.89 9.45
CA LEU A 66 5.71 4.51 9.85
C LEU A 66 5.73 3.01 10.11
N GLU A 67 4.56 2.47 10.37
CA GLU A 67 4.39 1.06 10.71
C GLU A 67 4.51 0.10 9.53
N GLY A 68 3.92 -1.09 9.67
CA GLY A 68 3.86 -2.08 8.60
C GLY A 68 2.95 -1.67 7.45
N THR A 69 2.97 -0.40 7.13
CA THR A 69 2.21 0.13 6.01
C THR A 69 2.57 -0.54 4.71
N HIS A 70 3.79 -1.01 4.60
CA HIS A 70 4.27 -1.62 3.39
C HIS A 70 3.76 -3.06 3.23
N GLU A 71 3.56 -3.77 4.34
CA GLU A 71 3.10 -5.10 4.35
C GLU A 71 1.66 -5.13 3.86
N PHE A 72 0.92 -4.09 4.23
CA PHE A 72 -0.46 -3.92 3.80
C PHE A 72 -0.49 -3.86 2.28
N PHE A 73 0.32 -2.99 1.72
CA PHE A 73 0.44 -2.83 0.27
C PHE A 73 0.74 -4.15 -0.45
N GLU A 74 1.75 -4.90 0.01
CA GLU A 74 2.06 -6.17 -0.66
C GLU A 74 0.87 -7.12 -0.55
N ALA A 75 0.25 -7.15 0.63
CA ALA A 75 -0.89 -8.01 0.88
C ALA A 75 -2.11 -7.70 0.02
N ILE A 76 -2.38 -6.42 -0.23
CA ILE A 76 -3.55 -6.06 -1.02
C ILE A 76 -3.30 -6.43 -2.49
N GLY A 77 -2.05 -6.67 -2.85
CA GLY A 77 -1.71 -7.12 -4.18
C GLY A 77 -0.61 -6.38 -4.91
N PHE A 78 0.29 -5.72 -4.20
CA PHE A 78 1.36 -5.00 -4.84
C PHE A 78 2.61 -5.84 -4.90
N GLN A 79 3.36 -5.67 -5.97
CA GLN A 79 4.60 -6.38 -6.18
C GLN A 79 5.71 -5.34 -6.20
N LYS A 80 6.91 -5.77 -5.86
CA LYS A 80 8.09 -4.91 -5.77
C LYS A 80 9.01 -5.19 -6.95
N VAL A 81 9.69 -4.19 -7.49
CA VAL A 81 10.58 -4.40 -8.63
C VAL A 81 11.72 -3.44 -8.33
N LEU A 82 12.81 -3.56 -9.04
CA LEU A 82 13.87 -2.56 -9.05
C LEU A 82 14.15 -2.41 -10.54
N LEU A 83 14.36 -1.20 -11.01
CA LEU A 83 14.53 -0.94 -12.41
C LEU A 83 15.97 -0.61 -12.80
N PRO A 84 16.32 -0.72 -14.11
CA PRO A 84 17.61 -0.42 -14.73
C PRO A 84 17.95 1.08 -14.73
N ALA A 85 18.11 1.63 -13.53
CA ALA A 85 18.37 3.05 -13.35
C ALA A 85 19.09 3.26 -12.13
N GLN A 86 19.74 4.36 -12.26
CA GLN A 86 20.82 4.75 -11.48
C GLN A 86 20.29 5.61 -10.34
N ASP A 87 18.98 5.50 -10.20
CA ASP A 87 18.24 6.07 -9.09
C ASP A 87 18.15 4.97 -8.04
N GLN A 88 18.40 3.74 -8.51
CA GLN A 88 18.21 2.54 -7.70
C GLN A 88 19.44 1.65 -7.75
N GLU A 89 20.61 2.26 -7.64
CA GLU A 89 21.87 1.51 -7.58
C GLU A 89 22.19 1.25 -6.11
N ASP A 90 21.11 1.25 -5.36
CA ASP A 90 21.06 0.90 -3.97
C ASP A 90 19.76 0.11 -3.86
N PRO A 91 19.59 -0.65 -2.77
CA PRO A 91 18.37 -1.47 -2.65
C PRO A 91 17.09 -0.69 -2.33
N GLU A 92 16.51 -0.23 -3.41
CA GLU A 92 15.26 0.51 -3.43
C GLU A 92 14.31 -0.18 -4.39
N GLU A 93 13.01 0.12 -4.30
CA GLU A 93 12.00 -0.60 -5.06
C GLU A 93 10.89 0.27 -5.67
N PHE A 94 10.14 -0.31 -6.59
CA PHE A 94 8.98 0.32 -7.18
C PHE A 94 7.85 -0.63 -6.84
N TYR A 95 6.80 -0.13 -6.22
CA TYR A 95 5.66 -0.96 -5.91
C TYR A 95 4.67 -0.77 -7.03
N VAL A 96 4.00 -1.84 -7.40
CA VAL A 96 3.03 -1.80 -8.48
C VAL A 96 1.85 -2.67 -8.16
N LEU A 97 0.64 -2.18 -8.42
CA LEU A 97 -0.58 -2.97 -8.19
C LEU A 97 -0.58 -4.02 -9.29
N SER A 98 -0.48 -5.28 -8.89
CA SER A 98 -0.32 -6.39 -9.82
C SER A 98 -1.63 -6.89 -10.43
N GLU A 99 -1.50 -7.58 -11.56
CA GLU A 99 -2.61 -8.08 -12.35
C GLU A 99 -3.57 -8.97 -11.56
N THR A 100 -3.03 -9.72 -10.61
CA THR A 100 -3.85 -10.64 -9.80
C THR A 100 -4.99 -9.92 -9.08
N THR A 101 -4.81 -8.65 -8.74
CA THR A 101 -5.85 -7.88 -8.07
C THR A 101 -6.54 -6.94 -9.04
N LEU A 102 -5.87 -6.61 -10.13
CA LEU A 102 -6.49 -5.79 -11.17
C LEU A 102 -7.67 -6.57 -11.76
N ALA A 103 -7.45 -7.87 -11.94
CA ALA A 103 -8.46 -8.78 -12.46
C ALA A 103 -9.60 -9.00 -11.44
N GLN A 104 -9.33 -8.71 -10.18
CA GLN A 104 -10.30 -8.87 -9.12
C GLN A 104 -10.49 -7.56 -8.35
N PRO A 105 -11.29 -6.64 -8.90
CA PRO A 105 -11.44 -5.31 -8.28
C PRO A 105 -12.09 -5.35 -6.92
N GLN A 106 -12.89 -6.38 -6.67
CA GLN A 106 -13.57 -6.53 -5.40
C GLN A 106 -12.59 -6.89 -4.28
N SER A 107 -11.42 -7.40 -4.64
CA SER A 107 -10.39 -7.70 -3.66
C SER A 107 -9.85 -6.35 -3.17
N LEU A 108 -9.51 -5.48 -4.10
CA LEU A 108 -9.03 -4.14 -3.76
C LEU A 108 -10.10 -3.39 -2.99
N GLU A 109 -11.35 -3.57 -3.40
CA GLU A 109 -12.48 -2.93 -2.75
C GLU A 109 -12.48 -3.27 -1.28
N ARG A 110 -12.49 -4.57 -0.96
CA ARG A 110 -12.52 -5.00 0.43
C ARG A 110 -11.28 -4.57 1.19
N HIS A 111 -10.10 -4.66 0.59
CA HIS A 111 -8.89 -4.26 1.24
C HIS A 111 -8.90 -2.77 1.59
N LYS A 112 -9.44 -1.95 0.71
CA LYS A 112 -9.54 -0.52 0.96
C LYS A 112 -10.52 -0.26 2.10
N GLU A 113 -11.64 -0.98 2.10
CA GLU A 113 -12.66 -0.79 3.04
C GLU A 113 -12.22 -1.28 4.42
N GLN A 114 -11.47 -2.37 4.45
CA GLN A 114 -10.94 -2.92 5.69
C GLN A 114 -10.07 -1.88 6.37
N LEU A 115 -9.29 -1.20 5.55
CA LEU A 115 -8.35 -0.22 6.01
C LEU A 115 -9.06 0.99 6.61
N LEU A 116 -10.13 1.43 5.96
CA LEU A 116 -10.92 2.56 6.46
C LEU A 116 -11.69 2.17 7.71
N ALA A 117 -12.11 0.91 7.76
CA ALA A 117 -12.88 0.38 8.89
C ALA A 117 -12.06 0.21 10.16
N ALA A 118 -10.74 0.11 10.00
CA ALA A 118 -9.83 -0.29 11.07
C ALA A 118 -10.33 -1.66 11.54
N GLU A 119 -10.51 -2.52 10.53
CA GLU A 119 -11.01 -3.82 10.56
C GLU A 119 -12.28 -4.17 11.33
N GLY A 1 -1.39 -32.33 8.07
CA GLY A 1 -2.41 -31.27 8.27
C GLY A 1 -1.88 -29.92 7.90
N SER A 2 -2.63 -28.86 8.14
CA SER A 2 -2.20 -27.49 7.85
C SER A 2 -2.97 -26.61 8.84
N HIS A 3 -2.51 -25.39 9.05
CA HIS A 3 -3.15 -24.47 9.99
C HIS A 3 -2.90 -23.04 9.52
N MET A 4 -3.91 -22.20 9.62
CA MET A 4 -3.81 -20.79 9.22
C MET A 4 -4.87 -20.04 10.01
N SER A 5 -4.68 -18.74 10.22
CA SER A 5 -5.63 -17.90 10.95
C SER A 5 -5.31 -16.45 10.65
N THR A 6 -6.35 -15.62 10.62
CA THR A 6 -6.25 -14.16 10.43
C THR A 6 -5.71 -13.70 9.08
N ASP A 7 -6.51 -12.86 8.43
CA ASP A 7 -6.13 -12.29 7.15
C ASP A 7 -4.92 -11.37 7.31
N PRO A 8 -4.04 -11.33 6.30
CA PRO A 8 -2.82 -10.52 6.33
C PRO A 8 -3.00 -9.08 6.22
N VAL A 9 -4.03 -8.67 5.54
CA VAL A 9 -4.03 -7.38 5.05
C VAL A 9 -4.58 -6.75 6.29
N ALA A 10 -5.57 -7.45 6.85
CA ALA A 10 -6.25 -7.03 8.03
C ALA A 10 -5.26 -6.96 9.20
N ALA A 11 -4.42 -7.99 9.29
CA ALA A 11 -3.39 -8.09 10.32
C ALA A 11 -2.31 -7.03 10.11
N SER A 12 -2.14 -6.53 8.91
CA SER A 12 -1.36 -5.30 8.78
C SER A 12 -2.12 -4.00 9.04
N ILE A 13 -3.42 -3.91 8.85
CA ILE A 13 -4.11 -2.67 9.25
C ILE A 13 -3.95 -2.50 10.77
N MET A 14 -4.12 -3.59 11.51
CA MET A 14 -4.08 -3.53 12.98
C MET A 14 -2.80 -2.93 13.55
N LYS A 15 -1.66 -3.48 13.17
CA LYS A 15 -0.38 -3.05 13.65
C LYS A 15 -0.19 -1.59 13.37
N ILE A 16 -0.72 -1.10 12.26
CA ILE A 16 -0.42 0.26 11.91
C ILE A 16 -0.95 1.19 13.00
N TYR A 17 -2.15 0.88 13.46
CA TYR A 17 -2.85 1.67 14.45
C TYR A 17 -2.34 1.45 15.87
N THR A 18 -1.85 0.25 16.15
CA THR A 18 -1.47 -0.12 17.52
C THR A 18 0.01 -0.05 17.89
N PHE A 19 0.90 -0.42 16.97
CA PHE A 19 2.32 -0.42 17.26
C PHE A 19 2.92 0.97 17.06
N ASN A 20 2.22 1.81 16.32
CA ASN A 20 2.72 3.14 16.04
C ASN A 20 2.50 4.11 17.20
N LYS A 21 3.61 4.50 17.79
CA LYS A 21 3.65 5.47 18.89
C LYS A 21 3.05 6.82 18.49
N ASP A 22 3.00 7.09 17.20
CA ASP A 22 2.56 8.38 16.67
C ASP A 22 1.22 8.24 15.97
N GLN A 23 0.16 8.57 16.68
CA GLN A 23 -1.21 8.44 16.18
C GLN A 23 -1.56 9.43 15.08
N ASP A 24 -0.85 10.56 15.03
CA ASP A 24 -1.07 11.49 13.93
C ASP A 24 -0.59 10.75 12.70
N ARG A 25 0.61 10.18 12.78
CA ARG A 25 1.18 9.43 11.66
C ARG A 25 0.35 8.24 11.25
N VAL A 26 -0.39 7.62 12.16
CA VAL A 26 -1.29 6.53 11.75
C VAL A 26 -2.26 7.08 10.72
N LYS A 27 -2.96 8.14 11.09
CA LYS A 27 -3.97 8.71 10.20
C LYS A 27 -3.34 9.41 8.99
N LEU A 28 -2.12 9.90 9.12
CA LEU A 28 -1.39 10.51 8.04
C LEU A 28 -1.01 9.44 7.01
N GLY A 29 -0.80 8.24 7.51
CA GLY A 29 -0.51 7.09 6.66
C GLY A 29 -1.76 6.75 5.89
N VAL A 30 -2.88 6.64 6.59
CA VAL A 30 -4.16 6.35 5.95
C VAL A 30 -4.48 7.37 4.88
N ASP A 31 -4.27 8.65 5.17
CA ASP A 31 -4.45 9.71 4.17
C ASP A 31 -3.64 9.41 2.91
N THR A 32 -2.37 9.11 3.08
CA THR A 32 -1.51 8.85 1.95
C THR A 32 -1.96 7.60 1.16
N ILE A 33 -2.38 6.55 1.84
CA ILE A 33 -2.89 5.34 1.17
C ILE A 33 -4.15 5.67 0.40
N ALA A 34 -5.07 6.39 1.02
CA ALA A 34 -6.31 6.77 0.37
C ALA A 34 -6.00 7.63 -0.86
N LYS A 35 -5.02 8.50 -0.75
CA LYS A 35 -4.61 9.33 -1.86
C LYS A 35 -3.94 8.58 -3.01
N TYR A 36 -3.30 7.45 -2.74
CA TYR A 36 -2.75 6.66 -3.79
C TYR A 36 -3.89 5.98 -4.52
N LEU A 37 -4.87 5.49 -3.78
CA LEU A 37 -6.03 4.84 -4.37
C LEU A 37 -6.85 5.82 -5.17
N ASP A 38 -6.97 7.04 -4.67
CA ASP A 38 -7.72 8.12 -5.33
C ASP A 38 -7.37 8.20 -6.80
N ASN A 39 -6.10 8.40 -7.11
CA ASN A 39 -5.67 8.57 -8.50
C ASN A 39 -5.96 7.34 -9.37
N ILE A 40 -5.79 6.15 -8.80
CA ILE A 40 -6.08 4.90 -9.52
C ILE A 40 -7.59 4.69 -9.73
N HIS A 41 -8.39 5.10 -8.75
CA HIS A 41 -9.84 4.95 -8.81
C HIS A 41 -10.56 6.01 -9.66
N LEU A 42 -10.17 7.28 -9.54
CA LEU A 42 -10.83 8.35 -10.29
C LEU A 42 -10.51 8.32 -11.77
N HIS A 43 -9.30 7.87 -12.09
CA HIS A 43 -8.88 7.72 -13.47
C HIS A 43 -8.46 6.25 -13.66
N PRO A 44 -9.43 5.33 -13.81
CA PRO A 44 -9.04 3.93 -13.95
C PRO A 44 -8.37 3.63 -15.29
N GLU A 45 -8.52 4.52 -16.25
CA GLU A 45 -7.89 4.38 -17.55
C GLU A 45 -6.39 4.65 -17.42
N GLU A 46 -6.02 5.46 -16.43
CA GLU A 46 -4.63 5.81 -16.23
C GLU A 46 -3.93 4.79 -15.36
N GLU A 47 -3.78 3.61 -15.93
CA GLU A 47 -3.07 2.50 -15.34
C GLU A 47 -1.69 2.88 -14.86
N LYS A 48 -1.13 3.91 -15.49
CA LYS A 48 0.17 4.43 -15.18
C LYS A 48 0.27 4.88 -13.72
N TYR A 49 -0.85 5.10 -13.03
CA TYR A 49 -0.83 5.49 -11.62
C TYR A 49 -0.59 4.32 -10.64
N ARG A 50 -0.76 3.09 -11.10
CA ARG A 50 -0.64 1.88 -10.23
C ARG A 50 0.69 1.73 -9.50
N LYS A 51 1.64 2.50 -9.97
CA LYS A 51 3.04 2.49 -9.52
C LYS A 51 3.29 3.40 -8.32
N ILE A 52 3.91 2.83 -7.30
CA ILE A 52 4.27 3.55 -6.09
C ILE A 52 5.73 3.20 -5.75
N LYS A 53 6.65 4.11 -6.01
CA LYS A 53 8.06 3.87 -5.70
C LYS A 53 8.26 3.95 -4.19
N LEU A 54 9.36 3.41 -3.67
CA LEU A 54 9.65 3.48 -2.24
C LEU A 54 10.28 4.81 -1.80
N GLN A 55 10.80 5.63 -2.70
CA GLN A 55 11.39 6.91 -2.34
C GLN A 55 10.81 8.03 -3.15
N ASN A 56 9.91 8.65 -2.45
CA ASN A 56 9.18 9.85 -2.89
C ASN A 56 9.33 10.77 -1.72
N LYS A 57 9.22 12.07 -1.89
CA LYS A 57 9.32 12.93 -0.71
C LYS A 57 8.20 12.65 0.27
N VAL A 58 7.00 12.32 -0.21
CA VAL A 58 5.90 11.99 0.70
C VAL A 58 6.25 10.75 1.53
N PHE A 59 6.89 9.78 0.89
CA PHE A 59 7.36 8.58 1.56
C PHE A 59 8.37 8.94 2.64
N GLN A 60 9.32 9.78 2.27
CA GLN A 60 10.39 10.22 3.17
C GLN A 60 9.92 11.17 4.28
N GLU A 61 8.72 11.73 4.14
CA GLU A 61 8.16 12.60 5.18
C GLU A 61 7.32 11.79 6.17
N ARG A 62 6.65 10.75 5.70
CA ARG A 62 5.73 9.99 6.55
C ARG A 62 6.00 8.49 6.68
N ILE A 63 5.95 7.79 5.56
CA ILE A 63 6.00 6.32 5.52
C ILE A 63 7.32 5.76 6.07
N ASN A 64 8.39 6.49 5.87
CA ASN A 64 9.71 6.12 6.34
C ASN A 64 9.83 6.07 7.87
N CYS A 65 8.86 6.64 8.58
CA CYS A 65 8.88 6.66 10.05
C CYS A 65 7.58 6.04 10.56
N LEU A 66 6.95 5.27 9.69
CA LEU A 66 5.63 4.71 9.96
C LEU A 66 5.69 3.19 10.12
N GLU A 67 4.54 2.60 10.33
CA GLU A 67 4.39 1.17 10.58
C GLU A 67 4.35 0.28 9.36
N GLY A 68 3.92 -0.96 9.58
CA GLY A 68 3.81 -1.97 8.54
C GLY A 68 2.73 -1.70 7.50
N THR A 69 2.57 -0.43 7.15
CA THR A 69 1.66 -0.06 6.07
C THR A 69 2.20 -0.60 4.74
N HIS A 70 3.49 -0.93 4.71
CA HIS A 70 4.11 -1.53 3.53
C HIS A 70 3.61 -2.95 3.33
N GLU A 71 3.48 -3.71 4.41
CA GLU A 71 3.03 -5.05 4.37
C GLU A 71 1.58 -5.09 3.95
N PHE A 72 0.82 -4.08 4.36
CA PHE A 72 -0.59 -3.97 3.99
C PHE A 72 -0.65 -3.88 2.47
N PHE A 73 0.08 -2.93 1.91
CA PHE A 73 0.15 -2.73 0.46
C PHE A 73 0.60 -3.95 -0.35
N GLU A 74 1.60 -4.69 0.10
CA GLU A 74 2.02 -5.86 -0.66
C GLU A 74 0.92 -6.93 -0.58
N ALA A 75 0.36 -7.08 0.62
CA ALA A 75 -0.67 -8.09 0.86
C ALA A 75 -2.00 -7.83 0.13
N ILE A 76 -2.33 -6.58 -0.21
CA ILE A 76 -3.55 -6.32 -0.98
C ILE A 76 -3.36 -6.76 -2.44
N GLY A 77 -2.11 -6.98 -2.83
CA GLY A 77 -1.82 -7.45 -4.18
C GLY A 77 -0.84 -6.60 -4.96
N PHE A 78 0.15 -6.01 -4.31
CA PHE A 78 1.17 -5.25 -5.00
C PHE A 78 2.41 -6.10 -5.06
N GLN A 79 3.22 -5.85 -6.07
CA GLN A 79 4.47 -6.55 -6.25
C GLN A 79 5.56 -5.52 -6.37
N LYS A 80 6.74 -5.88 -5.92
CA LYS A 80 7.91 -5.04 -5.96
C LYS A 80 8.65 -5.36 -7.25
N VAL A 81 9.26 -4.39 -7.91
CA VAL A 81 9.97 -4.65 -9.15
C VAL A 81 11.27 -3.88 -8.99
N LEU A 82 12.21 -4.23 -9.83
CA LEU A 82 13.44 -3.53 -10.01
C LEU A 82 13.45 -3.18 -11.48
N LEU A 83 13.80 -1.95 -11.85
CA LEU A 83 13.82 -1.54 -13.23
C LEU A 83 15.25 -1.33 -13.73
N PRO A 84 15.45 -1.36 -15.06
CA PRO A 84 16.74 -1.21 -15.74
C PRO A 84 16.97 0.26 -16.06
N ALA A 85 17.11 1.06 -15.01
CA ALA A 85 17.24 2.51 -15.13
C ALA A 85 17.77 3.08 -13.91
N GLN A 86 18.31 4.20 -14.25
CA GLN A 86 19.22 4.91 -13.48
C GLN A 86 18.43 5.92 -12.65
N ASP A 87 17.14 5.65 -12.60
CA ASP A 87 16.15 6.29 -11.76
C ASP A 87 16.25 5.64 -10.40
N GLN A 88 16.90 4.49 -10.39
CA GLN A 88 17.06 3.67 -9.19
C GLN A 88 18.38 2.92 -9.27
N GLU A 89 19.48 3.68 -9.28
CA GLU A 89 20.82 3.11 -9.32
C GLU A 89 21.35 3.01 -7.90
N ASP A 90 20.39 2.93 -7.00
CA ASP A 90 20.63 2.72 -5.59
C ASP A 90 19.51 1.77 -5.15
N PRO A 91 19.65 1.14 -3.97
CA PRO A 91 18.62 0.26 -3.38
C PRO A 91 17.19 0.86 -3.34
N GLU A 92 16.42 0.57 -4.37
CA GLU A 92 15.06 1.07 -4.53
C GLU A 92 14.22 0.01 -5.20
N GLU A 93 12.90 0.15 -5.10
CA GLU A 93 11.97 -0.79 -5.71
C GLU A 93 10.74 0.00 -6.16
N PHE A 94 9.90 -0.60 -7.00
CA PHE A 94 8.64 0.01 -7.37
C PHE A 94 7.54 -0.95 -6.98
N TYR A 95 6.63 -0.51 -6.15
CA TYR A 95 5.48 -1.31 -5.82
C TYR A 95 4.51 -1.02 -6.95
N VAL A 96 3.85 -2.03 -7.46
CA VAL A 96 2.86 -1.84 -8.52
C VAL A 96 1.68 -2.73 -8.22
N LEU A 97 0.48 -2.22 -8.44
CA LEU A 97 -0.73 -3.02 -8.26
C LEU A 97 -0.61 -4.07 -9.37
N SER A 98 -0.43 -5.32 -8.96
CA SER A 98 -0.09 -6.40 -9.89
C SER A 98 -1.25 -6.84 -10.79
N GLU A 99 -0.90 -7.40 -11.94
CA GLU A 99 -1.87 -7.89 -12.92
C GLU A 99 -2.73 -9.01 -12.33
N THR A 100 -2.20 -9.73 -11.34
CA THR A 100 -2.93 -10.81 -10.69
C THR A 100 -4.10 -10.24 -9.90
N THR A 101 -3.92 -9.02 -9.41
CA THR A 101 -4.94 -8.31 -8.65
C THR A 101 -5.83 -7.51 -9.57
N LEU A 102 -5.30 -7.11 -10.72
CA LEU A 102 -6.11 -6.41 -11.72
C LEU A 102 -7.16 -7.39 -12.23
N ALA A 103 -6.73 -8.63 -12.43
CA ALA A 103 -7.61 -9.70 -12.87
C ALA A 103 -8.62 -10.06 -11.78
N GLN A 104 -8.31 -9.74 -10.53
CA GLN A 104 -9.17 -10.03 -9.40
C GLN A 104 -9.50 -8.76 -8.60
N PRO A 105 -10.45 -7.95 -9.09
CA PRO A 105 -10.81 -6.67 -8.47
C PRO A 105 -11.41 -6.82 -7.08
N GLN A 106 -11.83 -8.03 -6.75
CA GLN A 106 -12.39 -8.31 -5.42
C GLN A 106 -11.34 -8.04 -4.34
N SER A 107 -10.07 -8.24 -4.64
CA SER A 107 -9.01 -7.98 -3.67
C SER A 107 -8.85 -6.47 -3.42
N LEU A 108 -9.05 -5.68 -4.47
CA LEU A 108 -8.98 -4.23 -4.34
C LEU A 108 -10.17 -3.71 -3.56
N GLU A 109 -11.33 -4.28 -3.81
CA GLU A 109 -12.51 -3.93 -3.05
C GLU A 109 -12.31 -4.32 -1.58
N ARG A 110 -11.67 -5.45 -1.33
CA ARG A 110 -11.38 -5.87 0.05
C ARG A 110 -10.43 -4.88 0.72
N HIS A 111 -9.42 -4.41 0.00
CA HIS A 111 -8.53 -3.37 0.51
C HIS A 111 -9.31 -2.16 0.98
N LYS A 112 -10.17 -1.66 0.09
CA LYS A 112 -11.00 -0.51 0.38
C LYS A 112 -11.81 -0.70 1.64
N GLU A 113 -12.61 -1.75 1.69
CA GLU A 113 -13.52 -2.00 2.76
C GLU A 113 -12.81 -2.23 4.09
N GLN A 114 -11.72 -2.99 4.08
CA GLN A 114 -10.98 -3.25 5.32
C GLN A 114 -10.47 -1.95 5.91
N LEU A 115 -9.84 -1.15 5.06
CA LEU A 115 -9.27 0.09 5.50
C LEU A 115 -10.32 1.16 5.88
N LEU A 116 -11.46 1.18 5.20
CA LEU A 116 -12.54 2.13 5.53
C LEU A 116 -13.05 1.88 6.95
N ALA A 117 -13.09 0.62 7.35
CA ALA A 117 -13.57 0.20 8.66
C ALA A 117 -12.62 0.59 9.81
N ALA A 118 -11.38 0.94 9.48
CA ALA A 118 -10.37 1.23 10.46
C ALA A 118 -10.46 2.62 11.14
N GLU A 119 -11.26 2.72 12.20
CA GLU A 119 -11.36 3.95 12.99
C GLU A 119 -10.06 4.21 13.77
N GLY A 1 -6.55 -13.08 1.32
CA GLY A 1 -7.79 -13.80 1.02
C GLY A 1 -7.70 -15.25 1.44
N SER A 2 -8.68 -15.72 2.21
CA SER A 2 -8.73 -17.09 2.77
C SER A 2 -7.65 -17.33 3.82
N HIS A 3 -8.08 -17.78 5.00
CA HIS A 3 -7.21 -17.92 6.15
C HIS A 3 -7.82 -18.88 7.15
N MET A 4 -7.04 -19.26 8.15
CA MET A 4 -7.52 -20.11 9.24
C MET A 4 -8.00 -19.26 10.41
N SER A 5 -7.60 -17.99 10.42
CA SER A 5 -7.96 -17.07 11.51
C SER A 5 -8.32 -15.68 10.98
N THR A 6 -7.31 -14.94 10.51
CA THR A 6 -7.51 -13.60 9.95
C THR A 6 -6.68 -13.44 8.70
N ASP A 7 -7.11 -12.54 7.86
CA ASP A 7 -6.46 -12.25 6.59
C ASP A 7 -5.27 -11.31 6.83
N PRO A 8 -4.25 -11.35 5.96
CA PRO A 8 -3.06 -10.51 6.15
C PRO A 8 -3.24 -9.06 6.11
N VAL A 9 -4.28 -8.62 5.44
CA VAL A 9 -4.27 -7.31 5.02
C VAL A 9 -4.86 -6.69 6.24
N ALA A 10 -5.87 -7.39 6.78
CA ALA A 10 -6.59 -6.92 7.92
C ALA A 10 -5.59 -6.85 9.08
N ALA A 11 -4.81 -7.91 9.20
CA ALA A 11 -3.77 -8.01 10.23
C ALA A 11 -2.76 -6.88 10.06
N SER A 12 -2.42 -6.52 8.83
CA SER A 12 -1.57 -5.35 8.64
C SER A 12 -2.24 -3.99 8.87
N ILE A 13 -3.54 -3.83 8.70
CA ILE A 13 -4.15 -2.55 9.10
C ILE A 13 -3.96 -2.45 10.61
N MET A 14 -4.18 -3.56 11.29
CA MET A 14 -3.99 -3.59 12.74
C MET A 14 -2.58 -3.18 13.19
N LYS A 15 -1.49 -3.64 12.55
CA LYS A 15 -0.21 -3.32 13.07
C LYS A 15 0.03 -1.83 12.83
N ILE A 16 -0.51 -1.27 11.75
CA ILE A 16 -0.26 0.13 11.49
C ILE A 16 -0.85 0.98 12.61
N TYR A 17 -2.06 0.62 13.03
CA TYR A 17 -2.75 1.33 14.10
C TYR A 17 -2.16 1.13 15.50
N THR A 18 -1.51 -0.01 15.73
CA THR A 18 -1.03 -0.35 17.08
C THR A 18 0.47 -0.25 17.33
N PHE A 19 1.29 -0.18 16.29
CA PHE A 19 2.73 -0.13 16.48
C PHE A 19 3.17 1.24 16.96
N ASN A 20 2.73 2.30 16.27
CA ASN A 20 3.10 3.65 16.67
C ASN A 20 2.25 4.05 17.86
N LYS A 21 2.72 5.02 18.64
CA LYS A 21 1.98 5.49 19.81
C LYS A 21 1.32 6.83 19.48
N ASP A 22 1.77 7.44 18.40
CA ASP A 22 1.14 8.64 17.87
C ASP A 22 0.41 8.26 16.67
N GLN A 23 -0.70 8.91 16.68
CA GLN A 23 -1.80 8.50 15.92
C GLN A 23 -1.97 9.40 14.71
N ASP A 24 -1.34 10.57 14.72
CA ASP A 24 -1.36 11.41 13.53
C ASP A 24 -0.57 10.65 12.47
N ARG A 25 0.44 9.92 12.92
CA ARG A 25 1.21 9.04 12.04
C ARG A 25 0.39 7.87 11.50
N VAL A 26 -0.61 7.44 12.25
CA VAL A 26 -1.52 6.40 11.75
C VAL A 26 -2.31 7.05 10.61
N LYS A 27 -2.84 8.23 10.85
CA LYS A 27 -3.65 8.97 9.86
C LYS A 27 -2.85 9.23 8.59
N LEU A 28 -1.58 9.58 8.76
CA LEU A 28 -0.64 9.81 7.68
C LEU A 28 -0.61 8.57 6.80
N GLY A 29 -0.38 7.44 7.45
CA GLY A 29 -0.28 6.16 6.75
C GLY A 29 -1.56 5.84 6.00
N VAL A 30 -2.67 5.80 6.71
CA VAL A 30 -3.98 5.48 6.11
C VAL A 30 -4.35 6.44 4.98
N ASP A 31 -4.11 7.73 5.17
CA ASP A 31 -4.37 8.73 4.14
C ASP A 31 -3.64 8.39 2.85
N THR A 32 -2.34 8.15 2.95
CA THR A 32 -1.55 7.87 1.77
C THR A 32 -2.06 6.63 1.03
N ILE A 33 -2.36 5.56 1.78
CA ILE A 33 -2.87 4.34 1.16
C ILE A 33 -4.22 4.57 0.47
N ALA A 34 -5.18 5.13 1.18
CA ALA A 34 -6.52 5.33 0.64
C ALA A 34 -6.47 6.22 -0.60
N LYS A 35 -5.66 7.27 -0.53
CA LYS A 35 -5.54 8.24 -1.62
C LYS A 35 -4.93 7.67 -2.88
N TYR A 36 -3.87 6.88 -2.74
CA TYR A 36 -3.28 6.25 -3.89
C TYR A 36 -4.29 5.35 -4.57
N LEU A 37 -5.02 4.58 -3.78
CA LEU A 37 -6.01 3.68 -4.33
C LEU A 37 -7.16 4.46 -4.96
N ASP A 38 -7.52 5.58 -4.37
CA ASP A 38 -8.56 6.42 -4.93
C ASP A 38 -8.20 6.79 -6.35
N ASN A 39 -6.99 7.28 -6.56
CA ASN A 39 -6.54 7.73 -7.89
C ASN A 39 -6.66 6.62 -8.95
N ILE A 40 -6.41 5.39 -8.54
CA ILE A 40 -6.52 4.22 -9.42
C ILE A 40 -7.97 3.85 -9.74
N HIS A 41 -8.82 3.89 -8.74
CA HIS A 41 -10.22 3.47 -8.90
C HIS A 41 -11.10 4.54 -9.49
N LEU A 42 -10.80 5.79 -9.16
CA LEU A 42 -11.60 6.92 -9.68
C LEU A 42 -11.34 7.08 -11.18
N HIS A 43 -10.09 6.93 -11.59
CA HIS A 43 -9.72 6.92 -12.98
C HIS A 43 -9.03 5.58 -13.33
N PRO A 44 -9.82 4.54 -13.66
CA PRO A 44 -9.19 3.27 -14.02
C PRO A 44 -8.37 3.34 -15.30
N GLU A 45 -8.63 4.37 -16.09
CA GLU A 45 -7.90 4.62 -17.34
C GLU A 45 -6.47 5.07 -17.05
N GLU A 46 -6.25 5.63 -15.88
CA GLU A 46 -4.95 6.14 -15.49
C GLU A 46 -4.12 5.02 -14.87
N GLU A 47 -3.87 3.99 -15.66
CA GLU A 47 -3.09 2.86 -15.27
C GLU A 47 -1.70 3.26 -14.78
N LYS A 48 -1.23 4.41 -15.25
CA LYS A 48 0.04 4.94 -14.89
C LYS A 48 0.12 5.27 -13.40
N TYR A 49 -1.01 5.36 -12.69
CA TYR A 49 -1.01 5.68 -11.26
C TYR A 49 -0.72 4.49 -10.34
N ARG A 50 -0.85 3.28 -10.85
CA ARG A 50 -0.71 2.04 -10.05
C ARG A 50 0.70 1.73 -9.57
N LYS A 51 1.50 2.77 -9.40
CA LYS A 51 2.89 2.70 -9.04
C LYS A 51 3.21 3.61 -7.86
N ILE A 52 4.01 3.11 -6.93
CA ILE A 52 4.43 3.85 -5.74
C ILE A 52 5.94 3.67 -5.58
N LYS A 53 6.73 4.72 -5.72
CA LYS A 53 8.18 4.59 -5.50
C LYS A 53 8.45 4.90 -4.05
N LEU A 54 9.42 4.22 -3.45
CA LEU A 54 9.78 4.47 -2.05
C LEU A 54 10.78 5.63 -1.91
N GLN A 55 11.47 5.95 -2.99
CA GLN A 55 12.55 6.92 -2.97
C GLN A 55 12.14 8.31 -3.44
N ASN A 56 11.45 8.98 -2.53
CA ASN A 56 10.97 10.34 -2.74
C ASN A 56 11.03 11.04 -1.40
N LYS A 57 11.17 12.36 -1.39
CA LYS A 57 11.28 13.09 -0.11
C LYS A 57 10.14 12.79 0.84
N VAL A 58 8.91 12.99 0.40
CA VAL A 58 7.75 12.77 1.26
C VAL A 58 7.71 11.32 1.75
N PHE A 59 8.12 10.40 0.91
CA PHE A 59 8.13 9.00 1.29
C PHE A 59 9.20 8.72 2.34
N GLN A 60 10.37 9.32 2.21
CA GLN A 60 11.39 9.12 3.23
C GLN A 60 10.98 9.81 4.53
N GLU A 61 10.33 10.97 4.43
CA GLU A 61 9.87 11.72 5.61
C GLU A 61 8.88 10.95 6.49
N ARG A 62 7.91 10.28 5.88
CA ARG A 62 6.83 9.62 6.66
C ARG A 62 6.22 8.35 6.13
N ILE A 63 6.86 7.73 5.19
CA ILE A 63 6.42 6.39 4.73
C ILE A 63 7.47 5.34 5.07
N ASN A 64 8.73 5.68 4.85
CA ASN A 64 9.86 4.81 5.16
C ASN A 64 10.11 4.89 6.66
N CYS A 65 9.53 5.91 7.28
CA CYS A 65 9.65 6.16 8.70
C CYS A 65 8.30 5.92 9.37
N LEU A 66 7.54 4.99 8.79
CA LEU A 66 6.21 4.65 9.26
C LEU A 66 6.12 3.14 9.45
N GLU A 67 4.95 2.68 9.86
CA GLU A 67 4.68 1.27 10.17
C GLU A 67 4.59 0.36 8.96
N GLY A 68 3.87 -0.74 9.12
CA GLY A 68 3.63 -1.69 8.04
C GLY A 68 2.72 -1.16 6.95
N THR A 69 2.85 0.12 6.64
CA THR A 69 2.10 0.73 5.54
C THR A 69 2.30 -0.03 4.24
N HIS A 70 3.55 -0.29 3.92
CA HIS A 70 3.85 -0.91 2.66
C HIS A 70 3.54 -2.41 2.65
N GLU A 71 3.57 -3.05 3.82
CA GLU A 71 3.23 -4.41 3.98
C GLU A 71 1.76 -4.61 3.66
N PHE A 72 0.93 -3.66 4.06
CA PHE A 72 -0.50 -3.72 3.76
C PHE A 72 -0.69 -3.68 2.26
N PHE A 73 0.01 -2.77 1.59
CA PHE A 73 -0.02 -2.67 0.15
C PHE A 73 0.38 -3.98 -0.52
N GLU A 74 1.48 -4.59 -0.09
CA GLU A 74 1.89 -5.86 -0.69
C GLU A 74 0.79 -6.90 -0.46
N ALA A 75 0.24 -6.91 0.74
CA ALA A 75 -0.83 -7.84 1.09
C ALA A 75 -2.16 -7.60 0.34
N ILE A 76 -2.48 -6.37 -0.06
CA ILE A 76 -3.70 -6.13 -0.85
C ILE A 76 -3.51 -6.65 -2.26
N GLY A 77 -2.25 -6.91 -2.63
CA GLY A 77 -1.95 -7.43 -3.96
C GLY A 77 -0.91 -6.67 -4.75
N PHE A 78 0.04 -6.01 -4.08
CA PHE A 78 1.08 -5.29 -4.77
C PHE A 78 2.35 -6.12 -4.80
N GLN A 79 3.27 -5.71 -5.66
CA GLN A 79 4.57 -6.34 -5.79
C GLN A 79 5.59 -5.24 -5.88
N LYS A 80 6.85 -5.56 -5.66
CA LYS A 80 7.95 -4.60 -5.73
C LYS A 80 8.84 -4.96 -6.91
N VAL A 81 9.51 -3.97 -7.50
CA VAL A 81 10.32 -4.22 -8.68
C VAL A 81 11.58 -3.38 -8.49
N LEU A 82 12.56 -3.66 -9.31
CA LEU A 82 13.75 -2.88 -9.47
C LEU A 82 13.69 -2.53 -10.96
N LEU A 83 14.03 -1.31 -11.36
CA LEU A 83 13.97 -0.94 -12.76
C LEU A 83 15.30 -1.20 -13.49
N PRO A 84 15.25 -1.34 -14.84
CA PRO A 84 16.36 -1.66 -15.72
C PRO A 84 17.00 -0.41 -16.34
N ALA A 85 17.60 0.40 -15.48
CA ALA A 85 18.19 1.67 -15.90
C ALA A 85 19.23 2.10 -14.97
N GLN A 86 20.01 2.86 -15.66
CA GLN A 86 21.30 3.25 -15.29
C GLN A 86 21.23 4.59 -14.56
N ASP A 87 20.01 4.85 -14.13
CA ASP A 87 19.62 6.02 -13.35
C ASP A 87 19.41 5.52 -11.92
N GLN A 88 19.27 4.19 -11.81
CA GLN A 88 18.94 3.51 -10.56
C GLN A 88 20.20 2.92 -9.93
N GLU A 89 21.25 3.71 -9.88
CA GLU A 89 22.53 3.23 -9.34
C GLU A 89 22.57 3.37 -7.81
N ASP A 90 21.38 3.35 -7.22
CA ASP A 90 21.21 3.32 -5.78
C ASP A 90 19.90 2.58 -5.53
N PRO A 91 19.70 2.01 -4.33
CA PRO A 91 18.49 1.30 -3.91
C PRO A 91 17.13 2.02 -4.15
N GLU A 92 16.53 1.80 -5.31
CA GLU A 92 15.20 2.31 -5.61
C GLU A 92 14.28 1.11 -5.89
N GLU A 93 13.10 1.10 -5.28
CA GLU A 93 12.12 0.05 -5.51
C GLU A 93 10.79 0.71 -5.88
N PHE A 94 10.00 0.01 -6.69
CA PHE A 94 8.70 0.52 -7.10
C PHE A 94 7.65 -0.50 -6.70
N TYR A 95 6.67 -0.08 -5.94
CA TYR A 95 5.55 -0.94 -5.60
C TYR A 95 4.55 -0.74 -6.70
N VAL A 96 3.95 -1.82 -7.16
CA VAL A 96 2.98 -1.77 -8.25
C VAL A 96 1.83 -2.70 -7.94
N LEU A 97 0.62 -2.30 -8.30
CA LEU A 97 -0.55 -3.16 -8.10
C LEU A 97 -0.38 -4.29 -9.13
N SER A 98 -0.30 -5.52 -8.65
CA SER A 98 -0.03 -6.65 -9.53
C SER A 98 -1.27 -7.11 -10.31
N GLU A 99 -1.02 -7.62 -11.52
CA GLU A 99 -2.08 -8.09 -12.41
C GLU A 99 -2.87 -9.25 -11.81
N THR A 100 -2.25 -9.99 -10.92
CA THR A 100 -2.91 -11.11 -10.25
C THR A 100 -4.08 -10.62 -9.41
N THR A 101 -4.01 -9.36 -8.99
CA THR A 101 -5.07 -8.72 -8.23
C THR A 101 -6.00 -7.96 -9.14
N LEU A 102 -5.44 -7.35 -10.18
CA LEU A 102 -6.23 -6.58 -11.15
C LEU A 102 -7.29 -7.46 -11.80
N ALA A 103 -6.94 -8.71 -12.07
CA ALA A 103 -7.85 -9.68 -12.67
C ALA A 103 -9.12 -9.90 -11.84
N GLN A 104 -9.02 -9.67 -10.53
CA GLN A 104 -10.13 -9.80 -9.61
C GLN A 104 -10.29 -8.50 -8.83
N PRO A 105 -10.98 -7.52 -9.42
CA PRO A 105 -11.13 -6.18 -8.83
C PRO A 105 -11.89 -6.18 -7.52
N GLN A 106 -12.68 -7.22 -7.31
CA GLN A 106 -13.43 -7.38 -6.06
C GLN A 106 -12.50 -7.49 -4.85
N SER A 107 -11.27 -7.93 -5.08
CA SER A 107 -10.29 -8.04 -4.00
C SER A 107 -9.90 -6.63 -3.56
N LEU A 108 -9.54 -5.82 -4.54
CA LEU A 108 -9.14 -4.43 -4.30
C LEU A 108 -10.29 -3.67 -3.66
N GLU A 109 -11.48 -3.97 -4.13
CA GLU A 109 -12.68 -3.36 -3.61
C GLU A 109 -12.89 -3.64 -2.13
N ARG A 110 -12.54 -4.81 -1.64
CA ARG A 110 -12.64 -5.03 -0.19
C ARG A 110 -11.49 -4.33 0.50
N HIS A 111 -10.30 -4.40 -0.06
CA HIS A 111 -9.15 -3.85 0.56
C HIS A 111 -9.13 -2.34 0.83
N LYS A 112 -9.63 -1.46 -0.05
CA LYS A 112 -9.50 -0.03 0.30
C LYS A 112 -10.55 0.21 1.40
N GLU A 113 -11.65 -0.53 1.32
CA GLU A 113 -12.74 -0.42 2.26
C GLU A 113 -12.30 -0.90 3.63
N GLN A 114 -11.51 -1.96 3.67
CA GLN A 114 -10.95 -2.48 4.92
C GLN A 114 -10.21 -1.36 5.60
N LEU A 115 -9.44 -0.65 4.80
CA LEU A 115 -8.55 0.39 5.27
C LEU A 115 -9.33 1.59 5.79
N LEU A 116 -10.46 1.90 5.16
CA LEU A 116 -11.30 3.02 5.61
C LEU A 116 -12.04 2.64 6.90
N ALA A 117 -12.47 1.39 7.00
CA ALA A 117 -13.20 0.88 8.15
C ALA A 117 -12.29 0.56 9.36
N ALA A 118 -11.00 0.38 9.07
CA ALA A 118 -9.96 0.08 10.04
C ALA A 118 -10.16 -1.24 10.85
N GLU A 119 -10.65 -2.27 10.17
CA GLU A 119 -10.84 -3.60 10.73
C GLU A 119 -9.82 -4.60 10.21
N GLY A 1 0.92 -16.45 4.30
CA GLY A 1 0.11 -17.61 3.88
C GLY A 1 0.72 -18.90 4.34
N SER A 2 -0.04 -20.00 4.29
CA SER A 2 0.40 -21.33 4.74
C SER A 2 0.92 -21.32 6.18
N HIS A 3 0.40 -20.38 6.96
CA HIS A 3 0.75 -20.19 8.36
C HIS A 3 -0.32 -19.24 8.86
N MET A 4 -0.71 -19.40 10.13
CA MET A 4 -1.74 -18.57 10.79
C MET A 4 -3.17 -18.78 10.21
N SER A 5 -4.18 -18.58 11.06
CA SER A 5 -5.58 -18.74 10.66
C SER A 5 -6.13 -17.42 10.11
N THR A 6 -5.54 -16.33 10.58
CA THR A 6 -5.86 -14.98 10.14
C THR A 6 -4.78 -14.56 9.30
N ASP A 7 -5.19 -13.51 8.66
CA ASP A 7 -4.70 -13.23 7.42
C ASP A 7 -4.01 -11.88 7.36
N PRO A 8 -3.14 -11.70 6.36
CA PRO A 8 -2.29 -10.50 6.32
C PRO A 8 -2.84 -9.11 6.31
N VAL A 9 -3.97 -8.87 5.69
CA VAL A 9 -4.23 -7.55 5.34
C VAL A 9 -4.80 -7.09 6.64
N ALA A 10 -5.65 -7.94 7.21
CA ALA A 10 -6.36 -7.61 8.39
C ALA A 10 -5.33 -7.43 9.52
N ALA A 11 -4.40 -8.37 9.57
CA ALA A 11 -3.32 -8.35 10.55
C ALA A 11 -2.50 -7.07 10.43
N SER A 12 -2.28 -6.60 9.22
CA SER A 12 -1.56 -5.32 9.11
C SER A 12 -2.42 -4.13 9.51
N ILE A 13 -3.72 -4.10 9.27
CA ILE A 13 -4.51 -2.96 9.77
C ILE A 13 -4.34 -2.93 11.27
N MET A 14 -4.40 -4.09 11.90
CA MET A 14 -4.20 -4.19 13.33
C MET A 14 -2.85 -3.58 13.79
N LYS A 15 -1.70 -3.96 13.21
CA LYS A 15 -0.45 -3.51 13.74
C LYS A 15 -0.33 -2.02 13.49
N ILE A 16 -0.81 -1.55 12.34
CA ILE A 16 -0.63 -0.16 11.99
C ILE A 16 -1.35 0.72 13.03
N TYR A 17 -2.50 0.25 13.45
CA TYR A 17 -3.33 0.96 14.41
C TYR A 17 -2.88 0.98 15.86
N THR A 18 -2.46 -0.17 16.37
CA THR A 18 -2.14 -0.29 17.80
C THR A 18 -0.81 0.35 18.15
N PHE A 19 0.11 0.41 17.20
CA PHE A 19 1.38 1.04 17.39
C PHE A 19 1.26 2.54 17.09
N ASN A 20 0.17 3.13 17.56
CA ASN A 20 -0.12 4.56 17.36
C ASN A 20 0.75 5.52 18.21
N LYS A 21 2.03 5.24 18.30
CA LYS A 21 2.99 6.10 19.02
C LYS A 21 3.06 7.47 18.37
N ASP A 22 2.61 7.56 17.13
CA ASP A 22 2.53 8.81 16.39
C ASP A 22 1.20 8.79 15.66
N GLN A 23 0.18 9.30 16.34
CA GLN A 23 -1.18 9.28 15.83
C GLN A 23 -1.33 10.08 14.55
N ASP A 24 -0.57 11.17 14.43
CA ASP A 24 -0.62 11.98 13.22
C ASP A 24 -0.19 11.10 12.07
N ARG A 25 0.96 10.45 12.21
CA ARG A 25 1.44 9.57 11.17
C ARG A 25 0.54 8.38 10.86
N VAL A 26 -0.20 7.84 11.83
CA VAL A 26 -1.16 6.78 11.52
C VAL A 26 -2.17 7.33 10.51
N LYS A 27 -2.71 8.51 10.79
CA LYS A 27 -3.71 9.10 9.91
C LYS A 27 -3.12 9.57 8.57
N LEU A 28 -1.86 9.97 8.57
CA LEU A 28 -1.17 10.41 7.42
C LEU A 28 -0.86 9.23 6.52
N GLY A 29 -0.72 8.05 7.12
CA GLY A 29 -0.52 6.84 6.37
C GLY A 29 -1.79 6.55 5.59
N VAL A 30 -2.93 6.63 6.25
CA VAL A 30 -4.23 6.43 5.59
C VAL A 30 -4.41 7.45 4.46
N ASP A 31 -4.09 8.70 4.74
CA ASP A 31 -4.13 9.77 3.72
C ASP A 31 -3.31 9.40 2.49
N THR A 32 -2.13 8.86 2.70
CA THR A 32 -1.25 8.49 1.60
C THR A 32 -1.79 7.29 0.81
N ILE A 33 -2.21 6.23 1.49
CA ILE A 33 -2.71 5.03 0.81
C ILE A 33 -4.02 5.31 0.07
N ALA A 34 -4.97 5.97 0.72
CA ALA A 34 -6.26 6.24 0.10
C ALA A 34 -6.05 7.06 -1.18
N LYS A 35 -5.13 8.00 -1.12
CA LYS A 35 -4.81 8.84 -2.26
C LYS A 35 -4.19 8.09 -3.43
N TYR A 36 -3.25 7.20 -3.15
CA TYR A 36 -2.66 6.39 -4.16
C TYR A 36 -3.74 5.57 -4.87
N LEU A 37 -4.67 5.03 -4.10
CA LEU A 37 -5.75 4.23 -4.67
C LEU A 37 -6.70 5.12 -5.47
N ASP A 38 -6.96 6.32 -4.98
CA ASP A 38 -7.84 7.27 -5.66
C ASP A 38 -7.28 7.57 -7.04
N ASN A 39 -6.00 7.88 -7.10
CA ASN A 39 -5.33 8.23 -8.36
C ASN A 39 -5.50 7.15 -9.43
N ILE A 40 -5.53 5.90 -9.01
CA ILE A 40 -5.74 4.76 -9.92
C ILE A 40 -7.23 4.59 -10.25
N HIS A 41 -8.09 4.83 -9.26
CA HIS A 41 -9.54 4.72 -9.45
C HIS A 41 -10.16 5.84 -10.30
N LEU A 42 -9.73 7.08 -10.07
CA LEU A 42 -10.29 8.23 -10.78
C LEU A 42 -9.84 8.31 -12.24
N HIS A 43 -8.64 7.84 -12.52
CA HIS A 43 -8.13 7.72 -13.85
C HIS A 43 -7.99 6.23 -14.24
N PRO A 44 -9.12 5.53 -14.45
CA PRO A 44 -8.95 4.09 -14.75
C PRO A 44 -8.41 3.84 -16.15
N GLU A 45 -8.50 4.86 -17.00
CA GLU A 45 -8.01 4.76 -18.37
C GLU A 45 -6.49 4.79 -18.40
N GLU A 46 -5.89 5.33 -17.35
CA GLU A 46 -4.44 5.45 -17.30
C GLU A 46 -3.81 4.48 -16.32
N GLU A 47 -3.79 3.23 -16.73
CA GLU A 47 -3.20 2.15 -15.99
C GLU A 47 -1.74 2.39 -15.63
N LYS A 48 -1.10 3.22 -16.43
CA LYS A 48 0.27 3.62 -16.20
C LYS A 48 0.48 4.27 -14.83
N TYR A 49 -0.59 4.69 -14.17
CA TYR A 49 -0.50 5.29 -12.83
C TYR A 49 -0.30 4.27 -11.70
N ARG A 50 -0.53 2.99 -11.95
CA ARG A 50 -0.40 1.90 -10.95
C ARG A 50 1.01 1.66 -10.43
N LYS A 51 1.87 2.67 -10.52
CA LYS A 51 3.25 2.62 -10.13
C LYS A 51 3.55 3.65 -9.05
N ILE A 52 4.31 3.25 -8.04
CA ILE A 52 4.67 4.14 -6.94
C ILE A 52 6.14 3.86 -6.57
N LYS A 53 6.98 4.88 -6.51
CA LYS A 53 8.40 4.66 -6.18
C LYS A 53 8.64 5.07 -4.73
N LEU A 54 9.62 4.44 -4.09
CA LEU A 54 9.94 4.71 -2.68
C LEU A 54 10.80 5.98 -2.45
N GLN A 55 11.45 6.48 -3.50
CA GLN A 55 12.38 7.63 -3.40
C GLN A 55 11.70 8.99 -3.28
N ASN A 56 10.84 9.14 -2.28
CA ASN A 56 9.99 10.33 -2.20
C ASN A 56 9.80 10.75 -0.78
N LYS A 57 9.71 12.05 -0.55
CA LYS A 57 9.52 12.55 0.82
C LYS A 57 8.18 12.12 1.38
N VAL A 58 7.19 11.88 0.53
CA VAL A 58 5.89 11.39 1.00
C VAL A 58 6.12 10.02 1.63
N PHE A 59 6.81 9.14 0.90
CA PHE A 59 7.17 7.83 1.42
C PHE A 59 8.00 7.91 2.68
N GLN A 60 9.07 8.68 2.62
CA GLN A 60 9.99 8.82 3.74
C GLN A 60 9.32 9.33 5.02
N GLU A 61 8.43 10.30 4.91
CA GLU A 61 7.77 10.86 6.10
C GLU A 61 6.53 10.12 6.57
N ARG A 62 5.77 9.53 5.66
CA ARG A 62 4.46 8.94 6.04
C ARG A 62 4.38 7.43 6.00
N ILE A 63 5.36 6.79 5.36
CA ILE A 63 5.37 5.32 5.26
C ILE A 63 6.62 4.74 5.93
N ASN A 64 7.80 5.19 5.54
CA ASN A 64 9.06 4.67 6.09
C ASN A 64 9.28 5.08 7.55
N CYS A 65 8.56 6.11 7.97
CA CYS A 65 8.62 6.62 9.34
C CYS A 65 7.54 5.95 10.21
N LEU A 66 6.59 5.35 9.54
CA LEU A 66 5.41 4.77 10.16
C LEU A 66 5.54 3.25 10.35
N GLU A 67 4.40 2.62 10.62
CA GLU A 67 4.28 1.20 10.88
C GLU A 67 4.40 0.32 9.65
N GLY A 68 4.01 -0.95 9.80
CA GLY A 68 4.02 -1.93 8.72
C GLY A 68 3.00 -1.65 7.62
N THR A 69 2.83 -0.38 7.32
CA THR A 69 1.97 0.06 6.22
C THR A 69 2.15 -0.69 4.92
N HIS A 70 3.39 -0.99 4.58
CA HIS A 70 3.65 -1.58 3.28
C HIS A 70 3.19 -3.04 3.15
N GLU A 71 3.11 -3.76 4.26
CA GLU A 71 2.70 -5.12 4.27
C GLU A 71 1.22 -5.22 3.90
N PHE A 72 0.47 -4.19 4.26
CA PHE A 72 -0.96 -4.11 3.97
C PHE A 72 -1.13 -4.19 2.44
N PHE A 73 -0.33 -3.39 1.74
CA PHE A 73 -0.23 -3.34 0.28
C PHE A 73 0.34 -4.60 -0.38
N GLU A 74 1.43 -5.16 0.13
CA GLU A 74 2.00 -6.36 -0.49
C GLU A 74 1.00 -7.49 -0.38
N ALA A 75 0.26 -7.50 0.71
CA ALA A 75 -0.76 -8.51 0.94
C ALA A 75 -1.91 -8.46 -0.07
N ILE A 76 -2.28 -7.26 -0.52
CA ILE A 76 -3.40 -7.16 -1.44
C ILE A 76 -2.91 -7.57 -2.83
N GLY A 77 -1.59 -7.62 -2.98
CA GLY A 77 -0.98 -8.03 -4.23
C GLY A 77 -0.02 -7.05 -4.86
N PHE A 78 0.51 -6.08 -4.12
CA PHE A 78 1.47 -5.17 -4.70
C PHE A 78 2.80 -5.88 -4.75
N GLN A 79 3.55 -5.58 -5.78
CA GLN A 79 4.83 -6.22 -6.01
C GLN A 79 5.89 -5.17 -6.16
N LYS A 80 7.09 -5.54 -5.76
CA LYS A 80 8.28 -4.68 -5.85
C LYS A 80 8.97 -5.05 -7.15
N VAL A 81 9.56 -4.07 -7.85
CA VAL A 81 10.17 -4.35 -9.13
C VAL A 81 11.47 -3.55 -9.12
N LEU A 82 12.31 -3.89 -10.07
CA LEU A 82 13.48 -3.15 -10.41
C LEU A 82 13.22 -2.81 -11.87
N LEU A 83 13.46 -1.58 -12.29
CA LEU A 83 13.22 -1.19 -13.66
C LEU A 83 14.51 -0.85 -14.39
N PRO A 84 14.50 -0.88 -15.72
CA PRO A 84 15.62 -0.58 -16.61
C PRO A 84 15.57 0.91 -16.94
N ALA A 85 15.76 1.71 -15.91
CA ALA A 85 15.63 3.16 -16.03
C ALA A 85 16.35 3.85 -14.99
N GLN A 86 16.75 4.96 -15.53
CA GLN A 86 17.68 5.83 -15.00
C GLN A 86 16.97 6.86 -14.14
N ASP A 87 15.74 6.49 -13.79
CA ASP A 87 14.89 7.20 -12.86
C ASP A 87 15.32 6.73 -11.47
N GLN A 88 16.05 5.62 -11.47
CA GLN A 88 16.56 5.01 -10.25
C GLN A 88 17.96 4.41 -10.54
N GLU A 89 18.97 5.26 -10.57
CA GLU A 89 20.36 4.83 -10.85
C GLU A 89 21.01 4.30 -9.58
N ASP A 90 20.18 3.81 -8.68
CA ASP A 90 20.63 3.25 -7.44
C ASP A 90 19.67 2.14 -7.01
N PRO A 91 20.14 1.22 -6.13
CA PRO A 91 19.34 0.12 -5.54
C PRO A 91 18.05 0.53 -4.81
N GLU A 92 17.00 0.72 -5.57
CA GLU A 92 15.69 1.07 -5.07
C GLU A 92 14.60 0.30 -5.80
N GLU A 93 13.39 0.36 -5.29
CA GLU A 93 12.27 -0.40 -5.85
C GLU A 93 11.09 0.47 -6.29
N PHE A 94 10.21 -0.12 -7.08
CA PHE A 94 8.97 0.51 -7.48
C PHE A 94 7.92 -0.47 -7.00
N TYR A 95 6.82 0.03 -6.46
CA TYR A 95 5.72 -0.80 -6.02
C TYR A 95 4.65 -0.63 -7.06
N VAL A 96 3.98 -1.71 -7.40
CA VAL A 96 2.96 -1.68 -8.43
C VAL A 96 1.76 -2.52 -8.05
N LEU A 97 0.57 -2.08 -8.44
CA LEU A 97 -0.64 -2.87 -8.24
C LEU A 97 -0.54 -3.93 -9.33
N SER A 98 -0.29 -5.18 -8.91
CA SER A 98 -0.07 -6.26 -9.86
C SER A 98 -1.37 -6.75 -10.50
N GLU A 99 -1.23 -7.33 -11.69
CA GLU A 99 -2.34 -7.76 -12.51
C GLU A 99 -3.20 -8.83 -11.84
N THR A 100 -2.61 -9.58 -10.93
CA THR A 100 -3.32 -10.63 -10.21
C THR A 100 -4.48 -10.04 -9.39
N THR A 101 -4.27 -8.85 -8.85
CA THR A 101 -5.29 -8.18 -8.06
C THR A 101 -6.22 -7.38 -8.97
N LEU A 102 -5.68 -6.92 -10.10
CA LEU A 102 -6.47 -6.18 -11.07
C LEU A 102 -7.58 -7.12 -11.58
N ALA A 103 -7.23 -8.37 -11.79
CA ALA A 103 -8.17 -9.40 -12.25
C ALA A 103 -9.30 -9.64 -11.23
N GLN A 104 -9.06 -9.33 -9.97
CA GLN A 104 -10.05 -9.48 -8.92
C GLN A 104 -10.24 -8.14 -8.18
N PRO A 105 -11.04 -7.23 -8.75
CA PRO A 105 -11.18 -5.86 -8.21
C PRO A 105 -11.84 -5.81 -6.85
N GLN A 106 -12.53 -6.88 -6.47
CA GLN A 106 -13.15 -6.95 -5.15
C GLN A 106 -12.08 -6.98 -4.04
N SER A 107 -10.87 -7.42 -4.38
CA SER A 107 -9.77 -7.41 -3.40
C SER A 107 -9.39 -5.96 -3.11
N LEU A 108 -9.29 -5.16 -4.17
CA LEU A 108 -8.98 -3.74 -4.04
C LEU A 108 -10.10 -3.02 -3.30
N GLU A 109 -11.31 -3.42 -3.60
CA GLU A 109 -12.49 -2.86 -2.95
C GLU A 109 -12.47 -3.15 -1.45
N ARG A 110 -12.25 -4.40 -1.08
CA ARG A 110 -12.22 -4.78 0.34
C ARG A 110 -11.01 -4.19 1.05
N HIS A 111 -9.87 -4.07 0.37
CA HIS A 111 -8.70 -3.38 0.96
C HIS A 111 -9.09 -2.02 1.56
N LYS A 112 -9.80 -1.23 0.77
CA LYS A 112 -10.28 0.09 1.18
C LYS A 112 -11.29 -0.05 2.32
N GLU A 113 -12.20 -1.00 2.19
CA GLU A 113 -13.27 -1.19 3.14
C GLU A 113 -12.80 -1.73 4.50
N GLN A 114 -11.85 -2.67 4.49
CA GLN A 114 -11.30 -3.25 5.71
C GLN A 114 -10.71 -2.14 6.54
N LEU A 115 -10.02 -1.24 5.86
CA LEU A 115 -9.34 -0.14 6.50
C LEU A 115 -10.30 0.83 7.17
N LEU A 116 -11.47 1.04 6.56
CA LEU A 116 -12.48 1.91 7.13
C LEU A 116 -13.14 1.24 8.34
N ALA A 117 -13.34 -0.07 8.24
CA ALA A 117 -13.95 -0.85 9.31
C ALA A 117 -12.98 -1.13 10.48
N ALA A 118 -11.69 -0.93 10.20
CA ALA A 118 -10.59 -1.18 11.13
C ALA A 118 -10.59 -2.63 11.65
N GLU A 119 -10.83 -3.56 10.74
CA GLU A 119 -10.85 -5.00 11.05
C GLU A 119 -9.44 -5.60 10.92
N GLY A 1 -7.07 -25.12 9.83
CA GLY A 1 -6.67 -23.86 10.50
C GLY A 1 -7.22 -23.80 11.90
N SER A 2 -7.28 -22.61 12.50
CA SER A 2 -7.87 -22.47 13.83
C SER A 2 -9.37 -22.39 13.64
N HIS A 3 -10.10 -22.19 14.74
CA HIS A 3 -11.57 -22.13 14.70
C HIS A 3 -12.13 -20.95 13.90
N MET A 4 -11.30 -19.96 13.62
CA MET A 4 -11.73 -18.78 12.86
C MET A 4 -10.68 -18.40 11.81
N SER A 5 -9.49 -18.08 12.29
CA SER A 5 -8.33 -17.69 11.47
C SER A 5 -8.43 -16.30 10.84
N THR A 6 -7.28 -15.67 10.72
CA THR A 6 -7.13 -14.33 10.13
C THR A 6 -5.95 -14.39 9.30
N ASP A 7 -5.82 -13.26 8.67
CA ASP A 7 -5.20 -13.23 7.44
C ASP A 7 -4.39 -11.94 7.30
N PRO A 8 -3.49 -11.87 6.31
CA PRO A 8 -2.55 -10.75 6.15
C PRO A 8 -3.02 -9.34 6.19
N VAL A 9 -4.09 -9.01 5.50
CA VAL A 9 -4.36 -7.65 5.33
C VAL A 9 -4.91 -7.32 6.66
N ALA A 10 -5.75 -8.22 7.17
CA ALA A 10 -6.48 -7.94 8.35
C ALA A 10 -5.45 -7.70 9.48
N ALA A 11 -4.43 -8.56 9.47
CA ALA A 11 -3.32 -8.51 10.41
C ALA A 11 -2.54 -7.21 10.28
N SER A 12 -2.24 -6.78 9.07
CA SER A 12 -1.54 -5.52 8.94
C SER A 12 -2.40 -4.30 9.27
N ILE A 13 -3.68 -4.31 9.00
CA ILE A 13 -4.52 -3.18 9.43
C ILE A 13 -4.42 -3.07 10.94
N MET A 14 -4.42 -4.21 11.61
CA MET A 14 -4.27 -4.23 13.05
C MET A 14 -2.93 -3.63 13.52
N LYS A 15 -1.77 -4.00 12.96
CA LYS A 15 -0.54 -3.55 13.50
C LYS A 15 -0.40 -2.06 13.25
N ILE A 16 -0.87 -1.58 12.11
CA ILE A 16 -0.63 -0.19 11.78
C ILE A 16 -1.17 0.76 12.85
N TYR A 17 -2.38 0.51 13.30
CA TYR A 17 -3.00 1.36 14.32
C TYR A 17 -2.58 1.04 15.74
N THR A 18 -2.27 -0.22 16.04
CA THR A 18 -1.89 -0.58 17.41
C THR A 18 -0.46 -0.11 17.73
N PHE A 19 0.45 -0.20 16.77
CA PHE A 19 1.79 0.24 16.95
C PHE A 19 1.89 1.71 16.50
N ASN A 20 0.92 2.51 16.94
CA ASN A 20 0.85 3.93 16.60
C ASN A 20 2.03 4.68 17.20
N LYS A 21 3.06 4.86 16.39
CA LYS A 21 4.24 5.62 16.82
C LYS A 21 3.89 7.10 16.91
N ASP A 22 3.05 7.55 15.99
CA ASP A 22 2.61 8.94 15.93
C ASP A 22 1.29 9.02 15.19
N GLN A 23 0.31 9.65 15.81
CA GLN A 23 -1.03 9.76 15.23
C GLN A 23 -1.02 10.48 13.90
N ASP A 24 -0.16 11.49 13.76
CA ASP A 24 -0.10 12.24 12.51
C ASP A 24 0.38 11.30 11.42
N ARG A 25 1.59 10.78 11.56
CA ARG A 25 2.18 9.91 10.53
C ARG A 25 1.34 8.69 10.18
N VAL A 26 0.67 8.07 11.13
CA VAL A 26 -0.21 6.94 10.80
C VAL A 26 -1.32 7.36 9.87
N LYS A 27 -1.98 8.46 10.19
CA LYS A 27 -3.11 8.92 9.39
C LYS A 27 -2.65 9.58 8.09
N LEU A 28 -1.40 10.04 8.06
CA LEU A 28 -0.78 10.61 6.90
C LEU A 28 -0.49 9.49 5.91
N GLY A 29 -0.19 8.33 6.45
CA GLY A 29 0.03 7.14 5.65
C GLY A 29 -1.28 6.77 4.99
N VAL A 30 -2.31 6.59 5.80
CA VAL A 30 -3.64 6.24 5.29
C VAL A 30 -4.13 7.23 4.23
N ASP A 31 -3.93 8.52 4.44
CA ASP A 31 -4.29 9.52 3.44
C ASP A 31 -3.67 9.20 2.09
N THR A 32 -2.39 8.90 2.09
CA THR A 32 -1.68 8.60 0.86
C THR A 32 -2.17 7.28 0.24
N ILE A 33 -2.31 6.24 1.06
CA ILE A 33 -2.74 4.92 0.58
C ILE A 33 -4.16 4.94 0.04
N ALA A 34 -5.11 5.43 0.82
CA ALA A 34 -6.52 5.42 0.41
C ALA A 34 -6.70 6.18 -0.90
N LYS A 35 -6.00 7.29 -1.02
CA LYS A 35 -6.07 8.12 -2.22
C LYS A 35 -5.48 7.46 -3.45
N TYR A 36 -4.36 6.78 -3.25
CA TYR A 36 -3.77 6.02 -4.34
C TYR A 36 -4.76 4.98 -4.83
N LEU A 37 -5.39 4.29 -3.91
CA LEU A 37 -6.34 3.25 -4.26
C LEU A 37 -7.58 3.84 -4.88
N ASP A 38 -7.98 5.03 -4.46
CA ASP A 38 -9.11 5.74 -5.08
C ASP A 38 -8.82 5.92 -6.55
N ASN A 39 -7.72 6.57 -6.85
CA ASN A 39 -7.37 6.90 -8.23
C ASN A 39 -7.26 5.68 -9.13
N ILE A 40 -6.70 4.59 -8.61
CA ILE A 40 -6.61 3.34 -9.38
C ILE A 40 -7.97 2.65 -9.49
N HIS A 41 -8.76 2.66 -8.44
CA HIS A 41 -10.08 2.03 -8.48
C HIS A 41 -11.03 2.75 -9.44
N LEU A 42 -11.02 4.08 -9.43
CA LEU A 42 -11.89 4.84 -10.33
C LEU A 42 -11.40 4.79 -11.78
N HIS A 43 -10.10 4.88 -12.02
CA HIS A 43 -9.54 4.72 -13.33
C HIS A 43 -8.55 3.53 -13.37
N PRO A 44 -9.05 2.29 -13.47
CA PRO A 44 -8.11 1.16 -13.52
C PRO A 44 -7.29 1.11 -14.81
N GLU A 45 -7.81 1.76 -15.84
CA GLU A 45 -7.23 1.86 -17.12
C GLU A 45 -5.99 2.75 -17.15
N GLU A 46 -5.87 3.61 -16.16
CA GLU A 46 -4.76 4.55 -16.10
C GLU A 46 -3.61 3.93 -15.35
N GLU A 47 -2.87 3.08 -16.04
CA GLU A 47 -1.74 2.39 -15.51
C GLU A 47 -0.71 3.34 -14.92
N LYS A 48 -0.68 4.57 -15.43
CA LYS A 48 0.22 5.58 -14.98
C LYS A 48 0.04 5.92 -13.50
N TYR A 49 -1.07 5.51 -12.88
CA TYR A 49 -1.28 5.77 -11.46
C TYR A 49 -0.66 4.71 -10.54
N ARG A 50 -0.41 3.52 -11.06
CA ARG A 50 -0.01 2.37 -10.22
C ARG A 50 1.47 2.38 -9.82
N LYS A 51 2.01 3.58 -9.64
CA LYS A 51 3.44 3.79 -9.40
C LYS A 51 3.83 4.31 -8.01
N ILE A 52 4.59 3.54 -7.26
CA ILE A 52 5.13 3.98 -5.96
C ILE A 52 6.63 3.71 -5.86
N LYS A 53 7.45 4.63 -6.33
CA LYS A 53 8.89 4.52 -6.17
C LYS A 53 9.23 4.92 -4.74
N LEU A 54 10.22 4.29 -4.16
CA LEU A 54 10.63 4.58 -2.78
C LEU A 54 11.44 5.88 -2.68
N GLN A 55 11.97 6.35 -3.81
CA GLN A 55 12.87 7.53 -3.86
C GLN A 55 12.19 8.91 -3.70
N ASN A 56 11.26 8.98 -2.77
CA ASN A 56 10.41 10.16 -2.66
C ASN A 56 10.14 10.45 -1.20
N LYS A 57 10.32 11.70 -0.78
CA LYS A 57 10.13 12.06 0.62
C LYS A 57 8.78 11.65 1.19
N VAL A 58 7.72 11.82 0.42
CA VAL A 58 6.38 11.45 0.89
C VAL A 58 6.32 9.95 1.20
N PHE A 59 6.83 9.14 0.30
CA PHE A 59 6.80 7.71 0.49
C PHE A 59 7.79 7.27 1.56
N GLN A 60 8.94 7.92 1.60
CA GLN A 60 9.96 7.62 2.59
C GLN A 60 9.40 7.83 4.00
N GLU A 61 8.75 8.94 4.24
CA GLU A 61 8.30 9.27 5.59
C GLU A 61 6.93 8.71 6.01
N ARG A 62 5.94 8.80 5.13
CA ARG A 62 4.57 8.41 5.49
C ARG A 62 4.28 6.95 5.35
N ILE A 63 5.15 6.27 4.61
CA ILE A 63 4.96 4.84 4.33
C ILE A 63 6.15 3.95 4.72
N ASN A 64 7.34 4.25 4.23
CA ASN A 64 8.51 3.38 4.45
C ASN A 64 9.14 3.53 5.83
N CYS A 65 9.04 4.72 6.40
CA CYS A 65 9.55 4.99 7.75
C CYS A 65 8.35 5.13 8.67
N LEU A 66 7.34 4.31 8.41
CA LEU A 66 6.12 4.29 9.19
C LEU A 66 5.85 2.83 9.53
N GLU A 67 4.64 2.52 9.97
CA GLU A 67 4.25 1.16 10.34
C GLU A 67 4.11 0.22 9.16
N GLY A 68 3.52 -0.95 9.41
CA GLY A 68 3.31 -1.99 8.42
C GLY A 68 2.35 -1.65 7.30
N THR A 69 2.40 -0.40 6.89
CA THR A 69 1.66 0.07 5.72
C THR A 69 2.13 -0.66 4.52
N HIS A 70 3.39 -1.01 4.53
CA HIS A 70 3.97 -1.54 3.38
C HIS A 70 3.50 -2.98 3.19
N GLU A 71 3.38 -3.68 4.31
CA GLU A 71 2.85 -4.99 4.38
C GLU A 71 1.38 -5.01 3.98
N PHE A 72 0.64 -3.97 4.36
CA PHE A 72 -0.75 -3.82 3.93
C PHE A 72 -0.80 -3.77 2.42
N PHE A 73 0.00 -2.91 1.83
CA PHE A 73 0.12 -2.79 0.39
C PHE A 73 0.45 -4.13 -0.29
N GLU A 74 1.45 -4.84 0.21
CA GLU A 74 1.81 -6.14 -0.37
C GLU A 74 0.64 -7.12 -0.24
N ALA A 75 0.00 -7.11 0.93
CA ALA A 75 -1.14 -8.00 1.18
C ALA A 75 -2.36 -7.70 0.31
N ILE A 76 -2.60 -6.43 -0.01
CA ILE A 76 -3.76 -6.08 -0.83
C ILE A 76 -3.50 -6.45 -2.29
N GLY A 77 -2.24 -6.67 -2.65
CA GLY A 77 -1.90 -7.07 -4.01
C GLY A 77 -0.82 -6.27 -4.72
N PHE A 78 0.12 -5.68 -4.00
CA PHE A 78 1.19 -4.92 -4.63
C PHE A 78 2.45 -5.76 -4.71
N GLN A 79 3.24 -5.47 -5.72
CA GLN A 79 4.48 -6.17 -5.98
C GLN A 79 5.59 -5.11 -5.99
N LYS A 80 6.82 -5.55 -5.85
CA LYS A 80 7.99 -4.69 -5.81
C LYS A 80 8.86 -5.08 -7.02
N VAL A 81 9.55 -4.13 -7.66
CA VAL A 81 10.29 -4.45 -8.87
C VAL A 81 11.57 -3.66 -8.80
N LEU A 82 12.51 -4.07 -9.63
CA LEU A 82 13.75 -3.39 -9.86
C LEU A 82 13.74 -3.12 -11.37
N LEU A 83 14.12 -1.94 -11.80
CA LEU A 83 14.10 -1.59 -13.22
C LEU A 83 15.52 -1.55 -13.82
N PRO A 84 15.59 -1.65 -15.18
CA PRO A 84 16.83 -1.62 -15.97
C PRO A 84 17.07 -0.18 -16.41
N ALA A 85 17.32 0.66 -15.44
CA ALA A 85 17.43 2.11 -15.64
C ALA A 85 18.15 2.73 -14.57
N GLN A 86 18.57 3.85 -15.06
CA GLN A 86 19.54 4.65 -14.48
C GLN A 86 18.81 5.70 -13.64
N ASP A 87 17.55 5.37 -13.42
CA ASP A 87 16.63 6.11 -12.57
C ASP A 87 16.94 5.65 -11.16
N GLN A 88 17.65 4.53 -11.07
CA GLN A 88 18.03 3.92 -9.80
C GLN A 88 19.47 3.37 -9.83
N GLU A 89 20.44 4.28 -9.77
CA GLU A 89 21.86 3.90 -9.70
C GLU A 89 22.23 3.91 -8.22
N ASP A 90 21.19 3.69 -7.44
CA ASP A 90 21.25 3.58 -6.01
C ASP A 90 20.19 2.57 -5.62
N PRO A 91 20.30 1.98 -4.41
CA PRO A 91 19.30 1.05 -3.85
C PRO A 91 17.86 1.57 -3.87
N GLU A 92 17.12 1.23 -4.93
CA GLU A 92 15.74 1.67 -5.10
C GLU A 92 14.86 0.56 -5.62
N GLU A 93 13.55 0.76 -5.53
CA GLU A 93 12.56 -0.25 -5.90
C GLU A 93 11.28 0.48 -6.29
N PHE A 94 10.38 -0.24 -6.93
CA PHE A 94 9.11 0.35 -7.34
C PHE A 94 7.99 -0.54 -6.88
N TYR A 95 7.09 -0.01 -6.08
CA TYR A 95 5.91 -0.74 -5.67
C TYR A 95 4.90 -0.48 -6.76
N VAL A 96 4.19 -1.52 -7.15
CA VAL A 96 3.22 -1.45 -8.22
C VAL A 96 2.01 -2.30 -7.87
N LEU A 97 0.81 -1.83 -8.17
CA LEU A 97 -0.39 -2.64 -7.95
C LEU A 97 -0.36 -3.66 -9.09
N SER A 98 -0.30 -4.94 -8.73
CA SER A 98 -0.13 -6.01 -9.70
C SER A 98 -1.37 -6.31 -10.54
N GLU A 99 -1.13 -6.84 -11.73
CA GLU A 99 -2.20 -7.17 -12.68
C GLU A 99 -3.12 -8.25 -12.14
N THR A 100 -2.59 -9.10 -11.26
CA THR A 100 -3.38 -10.17 -10.68
C THR A 100 -4.51 -9.60 -9.84
N THR A 101 -4.26 -8.46 -9.20
CA THR A 101 -5.25 -7.79 -8.39
C THR A 101 -6.16 -6.93 -9.26
N LEU A 102 -5.63 -6.43 -10.37
CA LEU A 102 -6.43 -5.64 -11.30
C LEU A 102 -7.50 -6.56 -11.90
N ALA A 103 -7.13 -7.80 -12.16
CA ALA A 103 -8.04 -8.81 -12.70
C ALA A 103 -9.19 -9.10 -11.73
N GLN A 104 -8.97 -8.87 -10.45
CA GLN A 104 -10.01 -9.06 -9.43
C GLN A 104 -10.14 -7.77 -8.59
N PRO A 105 -10.86 -6.77 -9.11
CA PRO A 105 -10.96 -5.46 -8.45
C PRO A 105 -11.68 -5.52 -7.12
N GLN A 106 -12.48 -6.57 -6.92
CA GLN A 106 -13.22 -6.74 -5.67
C GLN A 106 -12.28 -7.05 -4.50
N SER A 107 -11.04 -7.44 -4.82
CA SER A 107 -10.05 -7.67 -3.78
C SER A 107 -9.73 -6.32 -3.16
N LEU A 108 -9.36 -5.37 -4.02
CA LEU A 108 -9.04 -4.01 -3.58
C LEU A 108 -10.24 -3.34 -2.92
N GLU A 109 -11.39 -3.55 -3.52
CA GLU A 109 -12.67 -3.02 -3.02
C GLU A 109 -12.87 -3.42 -1.56
N ARG A 110 -12.63 -4.69 -1.27
CA ARG A 110 -12.73 -5.18 0.10
C ARG A 110 -11.65 -4.60 0.99
N HIS A 111 -10.42 -4.61 0.52
CA HIS A 111 -9.30 -4.18 1.30
C HIS A 111 -9.33 -2.71 1.70
N LYS A 112 -9.85 -1.83 0.85
CA LYS A 112 -9.97 -0.42 1.25
C LYS A 112 -11.11 -0.27 2.27
N GLU A 113 -12.16 -1.07 2.17
CA GLU A 113 -13.25 -1.07 3.14
C GLU A 113 -12.71 -1.57 4.48
N GLN A 114 -11.87 -2.59 4.42
CA GLN A 114 -11.23 -3.15 5.62
C GLN A 114 -10.48 -2.06 6.36
N LEU A 115 -9.82 -1.21 5.59
CA LEU A 115 -9.01 -0.14 6.12
C LEU A 115 -9.86 0.97 6.74
N LEU A 116 -11.00 1.27 6.11
CA LEU A 116 -11.91 2.32 6.59
C LEU A 116 -12.65 1.91 7.85
N ALA A 117 -12.84 0.62 8.03
CA ALA A 117 -13.53 0.07 9.21
C ALA A 117 -12.77 0.30 10.52
N ALA A 118 -11.49 0.65 10.42
CA ALA A 118 -10.65 0.85 11.58
C ALA A 118 -11.03 2.09 12.41
N GLU A 119 -11.80 1.86 13.47
CA GLU A 119 -12.18 2.87 14.42
C GLU A 119 -10.99 3.50 15.17
N GLY A 1 -7.55 -20.29 13.55
CA GLY A 1 -7.40 -21.69 14.07
C GLY A 1 -6.29 -22.42 13.35
N SER A 2 -6.02 -23.69 13.68
CA SER A 2 -4.94 -24.45 13.01
C SER A 2 -3.64 -23.64 13.04
N HIS A 3 -3.22 -23.29 14.25
CA HIS A 3 -2.07 -22.41 14.55
C HIS A 3 -2.35 -20.94 14.19
N MET A 4 -2.77 -20.66 12.95
CA MET A 4 -3.09 -19.29 12.53
C MET A 4 -4.38 -19.20 11.71
N SER A 5 -4.30 -19.54 10.42
CA SER A 5 -5.42 -19.40 9.46
C SER A 5 -5.93 -17.95 9.42
N THR A 6 -4.99 -17.03 9.53
CA THR A 6 -5.20 -15.59 9.47
C THR A 6 -4.09 -15.14 8.67
N ASP A 7 -4.30 -13.91 8.31
CA ASP A 7 -3.75 -13.49 7.12
C ASP A 7 -3.14 -12.09 7.20
N PRO A 8 -2.27 -11.75 6.24
CA PRO A 8 -1.51 -10.49 6.31
C PRO A 8 -2.15 -9.17 6.42
N VAL A 9 -3.26 -8.92 5.75
CA VAL A 9 -3.58 -7.59 5.54
C VAL A 9 -4.25 -7.31 6.84
N ALA A 10 -5.06 -8.27 7.28
CA ALA A 10 -5.84 -8.07 8.46
C ALA A 10 -4.85 -7.87 9.63
N ALA A 11 -3.83 -8.72 9.64
CA ALA A 11 -2.78 -8.67 10.66
C ALA A 11 -2.10 -7.30 10.69
N SER A 12 -1.81 -6.75 9.52
CA SER A 12 -1.26 -5.39 9.50
C SER A 12 -2.24 -4.25 9.76
N ILE A 13 -3.47 -4.31 9.30
CA ILE A 13 -4.41 -3.25 9.66
C ILE A 13 -4.47 -3.19 11.19
N MET A 14 -4.51 -4.35 11.82
CA MET A 14 -4.44 -4.43 13.26
C MET A 14 -3.19 -3.77 13.87
N LYS A 15 -1.96 -4.12 13.47
CA LYS A 15 -0.80 -3.60 14.12
C LYS A 15 -0.68 -2.12 13.89
N ILE A 16 -1.12 -1.64 12.73
CA ILE A 16 -0.95 -0.22 12.46
C ILE A 16 -1.77 0.56 13.49
N TYR A 17 -2.97 0.07 13.75
CA TYR A 17 -3.91 0.74 14.63
C TYR A 17 -3.63 0.75 16.12
N THR A 18 -3.09 -0.31 16.69
CA THR A 18 -2.77 -0.29 18.13
C THR A 18 -1.64 0.68 18.39
N PHE A 19 -0.81 0.83 17.39
CA PHE A 19 0.30 1.75 17.41
C PHE A 19 -0.08 3.14 16.90
N ASN A 20 -1.37 3.47 16.88
CA ASN A 20 -1.87 4.78 16.43
C ASN A 20 -1.60 5.91 17.43
N LYS A 21 -0.54 5.74 18.21
CA LYS A 21 -0.15 6.69 19.24
C LYS A 21 0.13 8.04 18.55
N ASP A 22 0.68 7.98 17.36
CA ASP A 22 0.82 9.18 16.53
C ASP A 22 -0.34 9.16 15.54
N GLN A 23 -1.45 9.74 15.97
CA GLN A 23 -2.67 9.77 15.19
C GLN A 23 -2.47 10.48 13.85
N ASP A 24 -1.65 11.52 13.84
CA ASP A 24 -1.48 12.30 12.62
C ASP A 24 -0.80 11.47 11.56
N ARG A 25 0.23 10.72 11.93
CA ARG A 25 0.95 9.87 10.97
C ARG A 25 0.08 8.73 10.46
N VAL A 26 -0.75 8.12 11.31
CA VAL A 26 -1.65 7.06 10.82
C VAL A 26 -2.58 7.67 9.80
N LYS A 27 -3.18 8.80 10.15
CA LYS A 27 -4.06 9.52 9.23
C LYS A 27 -3.36 9.86 7.92
N LEU A 28 -2.08 10.21 7.99
CA LEU A 28 -1.31 10.61 6.86
C LEU A 28 -0.98 9.42 5.98
N GLY A 29 -0.81 8.27 6.62
CA GLY A 29 -0.57 7.03 5.91
C GLY A 29 -1.80 6.69 5.11
N VAL A 30 -2.94 6.59 5.79
CA VAL A 30 -4.19 6.24 5.11
C VAL A 30 -4.52 7.23 4.01
N ASP A 31 -4.33 8.52 4.28
CA ASP A 31 -4.55 9.56 3.27
C ASP A 31 -3.79 9.24 1.99
N THR A 32 -2.53 8.89 2.12
CA THR A 32 -1.71 8.59 0.97
C THR A 32 -2.15 7.30 0.27
N ILE A 33 -2.40 6.25 1.05
CA ILE A 33 -2.77 4.94 0.48
C ILE A 33 -4.12 5.00 -0.23
N ALA A 34 -5.14 5.53 0.45
CA ALA A 34 -6.48 5.56 -0.11
C ALA A 34 -6.50 6.35 -1.40
N LYS A 35 -5.80 7.48 -1.40
CA LYS A 35 -5.71 8.35 -2.58
C LYS A 35 -5.01 7.70 -3.74
N TYR A 36 -3.92 6.99 -3.47
CA TYR A 36 -3.22 6.28 -4.52
C TYR A 36 -4.16 5.29 -5.18
N LEU A 37 -4.89 4.54 -4.37
CA LEU A 37 -5.81 3.53 -4.89
C LEU A 37 -7.00 4.20 -5.57
N ASP A 38 -7.42 5.35 -5.06
CA ASP A 38 -8.51 6.09 -5.63
C ASP A 38 -8.12 6.57 -7.04
N ASN A 39 -6.92 7.09 -7.18
CA ASN A 39 -6.49 7.59 -8.48
C ASN A 39 -6.42 6.46 -9.53
N ILE A 40 -6.44 5.23 -9.06
CA ILE A 40 -6.49 4.05 -9.92
C ILE A 40 -7.95 3.55 -10.12
N HIS A 41 -8.79 3.69 -9.11
CA HIS A 41 -10.20 3.29 -9.18
C HIS A 41 -11.10 4.29 -9.94
N LEU A 42 -11.31 5.49 -9.40
CA LEU A 42 -12.13 6.53 -10.00
C LEU A 42 -11.73 6.83 -11.43
N HIS A 43 -10.42 6.90 -11.60
CA HIS A 43 -9.78 7.19 -12.82
C HIS A 43 -9.07 5.94 -13.38
N PRO A 44 -9.81 4.98 -13.98
CA PRO A 44 -9.16 3.76 -14.45
C PRO A 44 -8.20 3.95 -15.62
N GLU A 45 -8.32 5.08 -16.30
CA GLU A 45 -7.45 5.42 -17.42
C GLU A 45 -6.04 5.75 -16.92
N GLU A 46 -5.92 6.06 -15.63
CA GLU A 46 -4.64 6.45 -15.06
C GLU A 46 -3.82 5.24 -14.61
N GLU A 47 -3.58 4.33 -15.53
CA GLU A 47 -2.79 3.16 -15.31
C GLU A 47 -1.36 3.55 -14.92
N LYS A 48 -0.99 4.73 -15.40
CA LYS A 48 0.26 5.40 -15.08
C LYS A 48 0.45 5.64 -13.59
N TYR A 49 -0.63 5.59 -12.84
CA TYR A 49 -0.55 5.73 -11.37
C TYR A 49 -0.40 4.43 -10.58
N ARG A 50 -0.65 3.27 -11.18
CA ARG A 50 -0.52 1.95 -10.50
C ARG A 50 0.85 1.72 -9.88
N LYS A 51 1.77 2.53 -10.33
CA LYS A 51 3.17 2.49 -9.96
C LYS A 51 3.49 3.46 -8.81
N ILE A 52 4.17 2.96 -7.80
CA ILE A 52 4.55 3.74 -6.63
C ILE A 52 6.04 3.43 -6.37
N LYS A 53 6.87 4.43 -6.16
CA LYS A 53 8.31 4.17 -5.94
C LYS A 53 8.67 4.43 -4.48
N LEU A 54 9.69 3.76 -3.97
CA LEU A 54 10.11 3.89 -2.58
C LEU A 54 10.87 5.19 -2.31
N GLN A 55 11.55 5.71 -3.33
CA GLN A 55 12.42 6.89 -3.21
C GLN A 55 11.74 8.25 -3.08
N ASN A 56 10.84 8.36 -2.12
CA ASN A 56 9.98 9.55 -2.02
C ASN A 56 9.78 10.02 -0.60
N LYS A 57 9.80 11.33 -0.41
CA LYS A 57 9.65 11.93 0.92
C LYS A 57 8.34 11.57 1.59
N VAL A 58 7.26 11.48 0.83
CA VAL A 58 5.96 11.13 1.40
C VAL A 58 6.05 9.73 1.98
N PHE A 59 6.63 8.80 1.24
CA PHE A 59 6.82 7.46 1.73
C PHE A 59 7.72 7.46 2.96
N GLN A 60 8.88 8.08 2.86
CA GLN A 60 9.84 8.12 3.96
C GLN A 60 9.23 8.61 5.28
N GLU A 61 8.47 9.69 5.24
CA GLU A 61 7.91 10.28 6.45
C GLU A 61 6.63 9.64 6.99
N ARG A 62 5.79 9.12 6.10
CA ARG A 62 4.40 8.78 6.46
C ARG A 62 4.06 7.31 6.37
N ILE A 63 4.90 6.58 5.66
CA ILE A 63 4.71 5.13 5.49
C ILE A 63 5.92 4.35 6.05
N ASN A 64 7.12 4.80 5.72
CA ASN A 64 8.35 4.14 6.17
C ASN A 64 8.67 4.52 7.62
N CYS A 65 8.26 5.71 8.02
CA CYS A 65 8.45 6.16 9.40
C CYS A 65 7.12 6.01 10.13
N LEU A 66 6.41 4.95 9.81
CA LEU A 66 5.12 4.65 10.41
C LEU A 66 5.13 3.13 10.59
N GLU A 67 3.96 2.56 10.85
CA GLU A 67 3.83 1.13 11.13
C GLU A 67 3.87 0.22 9.92
N GLY A 68 3.38 -1.00 10.08
CA GLY A 68 3.32 -2.00 9.03
C GLY A 68 2.41 -1.67 7.86
N THR A 69 2.29 -0.40 7.54
CA THR A 69 1.53 0.01 6.36
C THR A 69 2.25 -0.45 5.08
N HIS A 70 3.54 -0.76 5.19
CA HIS A 70 4.29 -1.29 4.06
C HIS A 70 3.90 -2.73 3.76
N GLU A 71 3.74 -3.53 4.81
CA GLU A 71 3.28 -4.87 4.72
C GLU A 71 1.88 -4.92 4.12
N PHE A 72 1.05 -3.97 4.54
CA PHE A 72 -0.32 -3.84 4.03
C PHE A 72 -0.31 -3.71 2.50
N PHE A 73 0.43 -2.73 2.01
CA PHE A 73 0.55 -2.46 0.57
C PHE A 73 0.98 -3.65 -0.27
N GLU A 74 1.88 -4.48 0.24
CA GLU A 74 2.33 -5.65 -0.53
C GLU A 74 1.24 -6.69 -0.50
N ALA A 75 0.69 -6.89 0.68
CA ALA A 75 -0.36 -7.88 0.91
C ALA A 75 -1.63 -7.67 0.10
N ILE A 76 -1.99 -6.42 -0.18
CA ILE A 76 -3.20 -6.15 -0.98
C ILE A 76 -2.97 -6.58 -2.45
N GLY A 77 -1.73 -6.81 -2.84
CA GLY A 77 -1.45 -7.32 -4.17
C GLY A 77 -0.43 -6.56 -4.99
N PHE A 78 0.51 -5.88 -4.33
CA PHE A 78 1.52 -5.15 -5.06
C PHE A 78 2.77 -5.99 -5.19
N GLN A 79 3.43 -5.83 -6.32
CA GLN A 79 4.64 -6.56 -6.62
C GLN A 79 5.78 -5.57 -6.67
N LYS A 80 6.95 -6.04 -6.29
CA LYS A 80 8.16 -5.22 -6.21
C LYS A 80 8.90 -5.45 -7.53
N VAL A 81 9.55 -4.45 -8.11
CA VAL A 81 10.25 -4.66 -9.38
C VAL A 81 11.47 -3.77 -9.26
N LEU A 82 12.41 -3.96 -10.16
CA LEU A 82 13.53 -3.07 -10.37
C LEU A 82 13.50 -2.95 -11.89
N LEU A 83 13.81 -1.78 -12.44
CA LEU A 83 13.63 -1.53 -13.84
C LEU A 83 14.91 -1.09 -14.55
N PRO A 84 14.92 -1.15 -15.90
CA PRO A 84 16.01 -0.73 -16.78
C PRO A 84 16.22 0.79 -16.75
N ALA A 85 16.88 1.26 -15.71
CA ALA A 85 17.12 2.68 -15.49
C ALA A 85 18.34 2.86 -14.71
N GLN A 86 18.70 4.12 -14.78
CA GLN A 86 19.99 4.57 -14.50
C GLN A 86 19.87 5.70 -13.48
N ASP A 87 18.73 5.65 -12.82
CA ASP A 87 18.33 6.62 -11.81
C ASP A 87 18.42 5.96 -10.45
N GLN A 88 18.49 4.64 -10.47
CA GLN A 88 18.49 3.80 -9.27
C GLN A 88 19.91 3.39 -8.91
N GLU A 89 20.74 4.38 -8.62
CA GLU A 89 22.13 4.14 -8.24
C GLU A 89 22.22 4.01 -6.73
N ASP A 90 21.09 3.60 -6.17
CA ASP A 90 20.96 3.31 -4.77
C ASP A 90 19.91 2.21 -4.67
N PRO A 91 19.88 1.46 -3.55
CA PRO A 91 18.88 0.41 -3.32
C PRO A 91 17.45 0.90 -3.57
N GLU A 92 16.82 0.41 -4.62
CA GLU A 92 15.50 0.86 -5.03
C GLU A 92 14.62 -0.24 -5.57
N GLU A 93 13.31 0.04 -5.55
CA GLU A 93 12.30 -0.87 -6.08
C GLU A 93 11.11 -0.01 -6.52
N PHE A 94 10.25 -0.59 -7.32
CA PHE A 94 9.01 0.07 -7.72
C PHE A 94 7.95 -0.89 -7.26
N TYR A 95 6.86 -0.36 -6.75
CA TYR A 95 5.74 -1.16 -6.36
C TYR A 95 4.70 -0.92 -7.40
N VAL A 96 4.06 -1.99 -7.81
CA VAL A 96 3.03 -1.91 -8.84
C VAL A 96 1.87 -2.78 -8.44
N LEU A 97 0.66 -2.26 -8.61
CA LEU A 97 -0.54 -3.05 -8.34
C LEU A 97 -0.56 -4.13 -9.42
N SER A 98 -0.44 -5.37 -9.01
CA SER A 98 -0.30 -6.49 -9.93
C SER A 98 -1.63 -6.98 -10.49
N GLU A 99 -1.55 -7.71 -11.60
CA GLU A 99 -2.71 -8.23 -12.32
C GLU A 99 -3.63 -9.07 -11.44
N THR A 100 -3.07 -9.70 -10.42
CA THR A 100 -3.82 -10.55 -9.51
C THR A 100 -4.97 -9.81 -8.85
N THR A 101 -4.80 -8.51 -8.63
CA THR A 101 -5.84 -7.69 -8.01
C THR A 101 -6.39 -6.67 -9.01
N LEU A 102 -5.64 -6.41 -10.07
CA LEU A 102 -6.12 -5.52 -11.14
C LEU A 102 -7.39 -6.12 -11.74
N ALA A 103 -7.35 -7.43 -11.96
CA ALA A 103 -8.49 -8.17 -12.49
C ALA A 103 -9.71 -8.16 -11.55
N GLN A 104 -9.48 -7.84 -10.28
CA GLN A 104 -10.55 -7.76 -9.29
C GLN A 104 -10.50 -6.44 -8.54
N PRO A 105 -11.09 -5.38 -9.11
CA PRO A 105 -11.05 -4.06 -8.45
C PRO A 105 -11.80 -4.09 -7.13
N GLN A 106 -12.78 -4.98 -7.03
CA GLN A 106 -13.55 -5.15 -5.81
C GLN A 106 -12.68 -5.63 -4.65
N SER A 107 -11.56 -6.28 -4.94
CA SER A 107 -10.66 -6.72 -3.89
C SER A 107 -9.89 -5.53 -3.36
N LEU A 108 -9.46 -4.64 -4.26
CA LEU A 108 -8.76 -3.42 -3.86
C LEU A 108 -9.69 -2.53 -3.05
N GLU A 109 -10.93 -2.47 -3.50
CA GLU A 109 -11.95 -1.71 -2.81
C GLU A 109 -12.09 -2.27 -1.40
N ARG A 110 -12.18 -3.59 -1.26
CA ARG A 110 -12.26 -4.18 0.06
C ARG A 110 -11.03 -3.88 0.89
N HIS A 111 -9.84 -4.03 0.33
CA HIS A 111 -8.64 -3.77 1.06
C HIS A 111 -8.61 -2.34 1.61
N LYS A 112 -9.07 -1.39 0.81
CA LYS A 112 -9.16 -0.01 1.28
C LYS A 112 -10.16 0.13 2.42
N GLU A 113 -11.35 -0.42 2.25
CA GLU A 113 -12.38 -0.37 3.24
C GLU A 113 -11.97 -1.11 4.53
N GLN A 114 -11.20 -2.20 4.39
CA GLN A 114 -10.71 -2.95 5.56
C GLN A 114 -9.86 -2.02 6.41
N LEU A 115 -9.05 -1.24 5.71
CA LEU A 115 -8.11 -0.32 6.32
C LEU A 115 -8.85 0.80 7.05
N LEU A 116 -10.00 1.17 6.49
CA LEU A 116 -10.85 2.22 7.07
C LEU A 116 -11.67 1.65 8.25
N ALA A 117 -12.04 0.39 8.15
CA ALA A 117 -12.84 -0.31 9.18
C ALA A 117 -12.00 -0.73 10.40
N ALA A 118 -10.69 -0.72 10.24
CA ALA A 118 -9.72 -1.14 11.26
C ALA A 118 -9.89 -2.61 11.69
N GLU A 119 -10.16 -3.48 10.71
CA GLU A 119 -10.28 -4.93 10.95
C GLU A 119 -9.02 -5.67 10.51
N GLY A 1 -16.01 -20.90 11.65
CA GLY A 1 -14.73 -21.58 11.35
C GLY A 1 -14.46 -21.61 9.88
N SER A 2 -13.20 -21.66 9.48
CA SER A 2 -12.83 -21.62 8.07
C SER A 2 -11.45 -22.28 7.97
N HIS A 3 -10.91 -22.39 6.76
CA HIS A 3 -9.59 -23.01 6.55
C HIS A 3 -8.47 -22.22 7.26
N MET A 4 -8.71 -20.93 7.46
CA MET A 4 -7.79 -20.06 8.16
C MET A 4 -8.68 -19.18 9.02
N SER A 5 -8.14 -18.62 10.09
CA SER A 5 -8.95 -17.78 10.98
C SER A 5 -8.90 -16.32 10.53
N THR A 6 -7.69 -15.86 10.29
CA THR A 6 -7.41 -14.48 9.88
C THR A 6 -6.27 -14.55 9.02
N ASP A 7 -6.07 -13.38 8.49
CA ASP A 7 -5.48 -13.29 7.26
C ASP A 7 -4.62 -12.03 7.22
N PRO A 8 -3.72 -11.92 6.24
CA PRO A 8 -2.79 -10.79 6.20
C PRO A 8 -3.24 -9.37 6.22
N VAL A 9 -4.34 -9.02 5.59
CA VAL A 9 -4.48 -7.68 5.28
C VAL A 9 -5.06 -7.21 6.57
N ALA A 10 -6.01 -8.01 7.07
CA ALA A 10 -6.73 -7.63 8.24
C ALA A 10 -5.72 -7.52 9.38
N ALA A 11 -4.81 -8.50 9.42
CA ALA A 11 -3.76 -8.55 10.43
C ALA A 11 -2.92 -7.28 10.38
N SER A 12 -2.49 -6.84 9.21
CA SER A 12 -1.77 -5.56 9.20
C SER A 12 -2.56 -4.27 9.41
N ILE A 13 -3.83 -4.24 9.10
CA ILE A 13 -4.63 -3.09 9.55
C ILE A 13 -4.46 -2.93 11.07
N MET A 14 -4.58 -4.02 11.82
CA MET A 14 -4.32 -3.96 13.26
C MET A 14 -2.86 -3.52 13.53
N LYS A 15 -1.91 -4.06 12.78
CA LYS A 15 -0.52 -3.67 12.84
C LYS A 15 -0.30 -2.17 12.72
N ILE A 16 -0.90 -1.52 11.74
CA ILE A 16 -0.64 -0.11 11.52
C ILE A 16 -1.13 0.73 12.70
N TYR A 17 -2.32 0.43 13.21
CA TYR A 17 -2.84 1.19 14.34
C TYR A 17 -2.12 0.89 15.65
N THR A 18 -1.80 -0.37 15.91
CA THR A 18 -1.19 -0.75 17.19
C THR A 18 0.29 -0.42 17.34
N PHE A 19 1.10 -0.60 16.31
CA PHE A 19 2.52 -0.34 16.40
C PHE A 19 2.86 1.12 16.11
N ASN A 20 1.86 1.99 16.15
CA ASN A 20 2.04 3.39 15.78
C ASN A 20 3.17 4.07 16.54
N LYS A 21 4.20 4.49 15.81
CA LYS A 21 5.30 5.25 16.41
C LYS A 21 4.89 6.72 16.50
N ASP A 22 3.91 7.09 15.66
CA ASP A 22 3.39 8.45 15.59
C ASP A 22 1.99 8.44 15.00
N GLN A 23 1.02 8.92 15.78
CA GLN A 23 -0.37 8.98 15.37
C GLN A 23 -0.61 9.87 14.15
N ASP A 24 0.11 10.98 14.06
CA ASP A 24 -0.12 11.88 12.94
C ASP A 24 0.39 11.24 11.68
N ARG A 25 1.43 10.43 11.80
CA ARG A 25 1.95 9.70 10.64
C ARG A 25 1.03 8.58 10.19
N VAL A 26 0.30 7.96 11.10
CA VAL A 26 -0.71 6.99 10.70
C VAL A 26 -1.75 7.74 9.87
N LYS A 27 -2.21 8.87 10.40
CA LYS A 27 -3.18 9.73 9.71
C LYS A 27 -2.69 10.18 8.32
N LEU A 28 -1.41 10.52 8.23
CA LEU A 28 -0.79 10.98 7.02
C LEU A 28 -0.71 9.83 6.02
N GLY A 29 -0.46 8.64 6.54
CA GLY A 29 -0.41 7.44 5.73
C GLY A 29 -1.77 7.18 5.12
N VAL A 30 -2.80 7.09 5.96
CA VAL A 30 -4.16 6.82 5.48
C VAL A 30 -4.59 7.77 4.37
N ASP A 31 -4.30 9.06 4.50
CA ASP A 31 -4.63 10.04 3.46
C ASP A 31 -4.05 9.62 2.11
N THR A 32 -2.77 9.28 2.10
CA THR A 32 -2.07 8.90 0.87
C THR A 32 -2.62 7.58 0.31
N ILE A 33 -2.80 6.60 1.17
CA ILE A 33 -3.28 5.28 0.76
C ILE A 33 -4.70 5.36 0.21
N ALA A 34 -5.61 5.98 0.96
CA ALA A 34 -7.00 6.08 0.55
C ALA A 34 -7.09 6.74 -0.81
N LYS A 35 -6.36 7.84 -0.99
CA LYS A 35 -6.35 8.54 -2.27
C LYS A 35 -5.80 7.70 -3.41
N TYR A 36 -4.74 6.95 -3.17
CA TYR A 36 -4.18 6.12 -4.23
C TYR A 36 -5.20 5.12 -4.71
N LEU A 37 -5.88 4.47 -3.77
CA LEU A 37 -6.87 3.48 -4.13
C LEU A 37 -8.03 4.16 -4.82
N ASP A 38 -8.34 5.38 -4.41
CA ASP A 38 -9.39 6.16 -5.02
C ASP A 38 -9.02 6.61 -6.44
N ASN A 39 -7.75 6.53 -6.81
CA ASN A 39 -7.38 6.87 -8.18
C ASN A 39 -7.14 5.63 -9.04
N ILE A 40 -6.97 4.49 -8.42
CA ILE A 40 -6.81 3.23 -9.16
C ILE A 40 -8.14 2.52 -9.40
N HIS A 41 -9.05 2.57 -8.44
CA HIS A 41 -10.35 1.88 -8.58
C HIS A 41 -11.37 2.67 -9.44
N LEU A 42 -11.76 3.85 -8.97
CA LEU A 42 -12.76 4.71 -9.60
C LEU A 42 -12.39 5.12 -11.00
N HIS A 43 -11.13 5.48 -11.15
CA HIS A 43 -10.53 5.91 -12.36
C HIS A 43 -9.57 4.84 -12.94
N PRO A 44 -10.11 3.73 -13.46
CA PRO A 44 -9.17 2.68 -13.90
C PRO A 44 -8.36 3.01 -15.14
N GLU A 45 -8.77 4.04 -15.87
CA GLU A 45 -8.08 4.46 -17.09
C GLU A 45 -6.67 4.96 -16.78
N GLU A 46 -6.47 5.55 -15.62
CA GLU A 46 -5.16 6.08 -15.28
C GLU A 46 -4.27 5.06 -14.57
N GLU A 47 -4.01 3.96 -15.26
CA GLU A 47 -3.17 2.89 -14.81
C GLU A 47 -1.79 3.41 -14.38
N LYS A 48 -1.39 4.53 -14.97
CA LYS A 48 -0.15 5.22 -14.65
C LYS A 48 -0.03 5.57 -13.15
N TYR A 49 -1.11 5.55 -12.40
CA TYR A 49 -1.08 5.84 -10.96
C TYR A 49 -0.67 4.66 -10.09
N ARG A 50 -0.72 3.45 -10.63
CA ARG A 50 -0.48 2.20 -9.87
C ARG A 50 0.97 1.97 -9.46
N LYS A 51 1.70 3.05 -9.29
CA LYS A 51 3.11 3.05 -9.00
C LYS A 51 3.52 3.92 -7.82
N ILE A 52 4.40 3.39 -6.98
CA ILE A 52 4.98 4.13 -5.84
C ILE A 52 6.49 3.91 -5.81
N LYS A 53 7.28 4.97 -5.86
CA LYS A 53 8.75 4.86 -5.77
C LYS A 53 9.15 5.27 -4.36
N LEU A 54 10.08 4.53 -3.79
CA LEU A 54 10.54 4.78 -2.42
C LEU A 54 11.43 6.04 -2.27
N GLN A 55 11.95 6.56 -3.38
CA GLN A 55 12.84 7.76 -3.38
C GLN A 55 12.13 9.07 -3.14
N ASN A 56 10.94 9.02 -2.57
CA ASN A 56 10.09 10.20 -2.57
C ASN A 56 9.83 10.53 -1.13
N LYS A 57 10.24 11.71 -0.68
CA LYS A 57 10.22 12.06 0.75
C LYS A 57 8.87 11.80 1.34
N VAL A 58 7.89 12.26 0.63
CA VAL A 58 6.49 12.10 1.05
C VAL A 58 6.18 10.63 1.34
N PHE A 59 6.49 9.73 0.42
CA PHE A 59 6.21 8.33 0.64
C PHE A 59 7.08 7.76 1.75
N GLN A 60 8.29 8.24 1.85
CA GLN A 60 9.19 7.81 2.90
C GLN A 60 8.64 8.20 4.28
N GLU A 61 8.26 9.45 4.43
CA GLU A 61 7.77 10.01 5.69
C GLU A 61 6.38 9.49 6.10
N ARG A 62 5.51 9.25 5.12
CA ARG A 62 4.13 8.84 5.40
C ARG A 62 3.90 7.34 5.41
N ILE A 63 4.69 6.63 4.64
CA ILE A 63 4.49 5.18 4.46
C ILE A 63 5.73 4.30 4.74
N ASN A 64 6.85 4.54 4.10
CA ASN A 64 8.01 3.63 4.25
C ASN A 64 8.67 3.64 5.64
N CYS A 65 8.58 4.75 6.35
CA CYS A 65 9.13 4.86 7.70
C CYS A 65 7.99 4.83 8.71
N LEU A 66 6.86 4.32 8.27
CA LEU A 66 5.65 4.21 9.08
C LEU A 66 5.52 2.71 9.38
N GLU A 67 4.36 2.25 9.85
CA GLU A 67 4.18 0.84 10.20
C GLU A 67 4.09 -0.13 9.03
N GLY A 68 3.44 -1.27 9.27
CA GLY A 68 3.25 -2.30 8.25
C GLY A 68 2.29 -1.91 7.15
N THR A 69 2.27 -0.63 6.81
CA THR A 69 1.43 -0.17 5.71
C THR A 69 1.98 -0.66 4.36
N HIS A 70 3.28 -0.97 4.30
CA HIS A 70 3.85 -1.54 3.08
C HIS A 70 3.44 -3.02 2.96
N GLU A 71 3.35 -3.72 4.07
CA GLU A 71 2.93 -5.07 4.11
C GLU A 71 1.46 -5.18 3.70
N PHE A 72 0.68 -4.17 4.06
CA PHE A 72 -0.74 -4.07 3.67
C PHE A 72 -0.81 -4.16 2.14
N PHE A 73 -0.09 -3.27 1.50
CA PHE A 73 0.04 -3.18 0.07
C PHE A 73 0.55 -4.48 -0.58
N GLU A 74 1.59 -5.10 -0.05
CA GLU A 74 2.10 -6.35 -0.63
C GLU A 74 1.06 -7.46 -0.49
N ALA A 75 0.36 -7.48 0.63
CA ALA A 75 -0.66 -8.48 0.89
C ALA A 75 -1.83 -8.37 -0.09
N ILE A 76 -2.14 -7.17 -0.55
CA ILE A 76 -3.26 -7.01 -1.49
C ILE A 76 -2.78 -7.43 -2.88
N GLY A 77 -1.46 -7.50 -3.08
CA GLY A 77 -0.91 -7.90 -4.37
C GLY A 77 0.34 -7.20 -4.84
N PHE A 78 0.68 -6.05 -4.27
CA PHE A 78 1.75 -5.24 -4.81
C PHE A 78 3.09 -5.91 -4.82
N GLN A 79 3.84 -5.62 -5.87
CA GLN A 79 5.15 -6.18 -6.07
C GLN A 79 6.19 -5.08 -6.11
N LYS A 80 7.37 -5.44 -5.65
CA LYS A 80 8.54 -4.56 -5.65
C LYS A 80 9.33 -4.90 -6.91
N VAL A 81 9.96 -3.93 -7.56
CA VAL A 81 10.71 -4.19 -8.77
C VAL A 81 11.97 -3.37 -8.60
N LEU A 82 12.98 -3.72 -9.37
CA LEU A 82 14.20 -2.97 -9.49
C LEU A 82 14.25 -2.57 -10.96
N LEU A 83 14.58 -1.32 -11.26
CA LEU A 83 14.65 -0.89 -12.64
C LEU A 83 16.06 -1.08 -13.25
N PRO A 84 16.15 -1.15 -14.59
CA PRO A 84 17.37 -1.35 -15.38
C PRO A 84 17.94 -0.02 -15.88
N ALA A 85 18.42 0.80 -14.95
CA ALA A 85 18.89 2.14 -15.27
C ALA A 85 19.90 2.62 -14.35
N GLN A 86 20.56 3.52 -15.01
CA GLN A 86 21.80 4.08 -14.66
C GLN A 86 21.54 5.35 -13.85
N ASP A 87 20.28 5.42 -13.42
CA ASP A 87 19.72 6.44 -12.56
C ASP A 87 19.55 5.77 -11.20
N GLN A 88 19.60 4.44 -11.23
CA GLN A 88 19.32 3.60 -10.08
C GLN A 88 20.47 2.63 -9.82
N GLU A 89 21.64 3.18 -9.53
CA GLU A 89 22.80 2.36 -9.17
C GLU A 89 22.86 2.28 -7.66
N ASP A 90 21.68 2.43 -7.08
CA ASP A 90 21.47 2.30 -5.67
C ASP A 90 20.34 1.32 -5.40
N PRO A 91 20.29 0.75 -4.18
CA PRO A 91 19.23 -0.20 -3.86
C PRO A 91 17.92 0.47 -3.50
N GLU A 92 17.14 0.65 -4.53
CA GLU A 92 15.83 1.29 -4.47
C GLU A 92 14.80 0.50 -5.25
N GLU A 93 13.54 0.66 -4.90
CA GLU A 93 12.47 -0.15 -5.48
C GLU A 93 11.28 0.66 -5.98
N PHE A 94 10.46 0.02 -6.80
CA PHE A 94 9.21 0.61 -7.25
C PHE A 94 8.15 -0.37 -6.85
N TYR A 95 7.07 0.11 -6.27
CA TYR A 95 5.96 -0.74 -5.90
C TYR A 95 4.90 -0.57 -6.96
N VAL A 96 4.30 -1.68 -7.38
CA VAL A 96 3.31 -1.67 -8.45
C VAL A 96 2.15 -2.60 -8.16
N LEU A 97 0.95 -2.21 -8.57
CA LEU A 97 -0.24 -3.06 -8.39
C LEU A 97 -0.20 -4.16 -9.45
N SER A 98 -0.20 -5.41 -9.00
CA SER A 98 -0.07 -6.57 -9.84
C SER A 98 -1.34 -6.99 -10.57
N GLU A 99 -1.14 -7.84 -11.57
CA GLU A 99 -2.23 -8.41 -12.36
C GLU A 99 -3.14 -9.31 -11.52
N THR A 100 -2.60 -9.89 -10.46
CA THR A 100 -3.37 -10.82 -9.63
C THR A 100 -4.52 -10.09 -8.94
N THR A 101 -4.30 -8.84 -8.56
CA THR A 101 -5.33 -8.03 -7.94
C THR A 101 -6.21 -7.41 -9.00
N LEU A 102 -5.65 -7.16 -10.18
CA LEU A 102 -6.40 -6.58 -11.28
C LEU A 102 -7.53 -7.54 -11.67
N ALA A 103 -7.23 -8.84 -11.62
CA ALA A 103 -8.22 -9.88 -11.92
C ALA A 103 -9.42 -9.82 -10.97
N GLN A 104 -9.19 -9.44 -9.71
CA GLN A 104 -10.23 -9.30 -8.72
C GLN A 104 -10.18 -7.88 -8.12
N PRO A 105 -10.77 -6.91 -8.83
CA PRO A 105 -10.69 -5.48 -8.48
C PRO A 105 -11.35 -5.12 -7.16
N GLN A 106 -12.23 -5.99 -6.68
CA GLN A 106 -12.89 -5.76 -5.39
C GLN A 106 -11.87 -5.78 -4.25
N SER A 107 -10.70 -6.36 -4.47
CA SER A 107 -9.67 -6.40 -3.44
C SER A 107 -9.14 -4.99 -3.14
N LEU A 108 -9.12 -4.13 -4.15
CA LEU A 108 -8.66 -2.75 -3.99
C LEU A 108 -9.63 -1.98 -3.14
N GLU A 109 -10.90 -2.20 -3.43
CA GLU A 109 -12.00 -1.60 -2.68
C GLU A 109 -11.95 -2.06 -1.24
N ARG A 110 -11.87 -3.38 -1.09
CA ARG A 110 -11.83 -4.02 0.23
C ARG A 110 -10.68 -3.53 1.09
N HIS A 111 -9.51 -3.32 0.50
CA HIS A 111 -8.37 -2.75 1.23
C HIS A 111 -8.81 -1.47 1.93
N LYS A 112 -9.37 -0.55 1.18
CA LYS A 112 -9.78 0.75 1.73
C LYS A 112 -10.89 0.61 2.76
N GLU A 113 -11.93 -0.11 2.39
CA GLU A 113 -13.07 -0.33 3.25
C GLU A 113 -12.70 -1.00 4.57
N GLN A 114 -11.83 -2.00 4.52
CA GLN A 114 -11.39 -2.67 5.74
C GLN A 114 -10.65 -1.69 6.64
N LEU A 115 -9.83 -0.86 6.02
CA LEU A 115 -9.05 0.11 6.76
C LEU A 115 -9.96 1.14 7.43
N LEU A 116 -11.02 1.52 6.75
CA LEU A 116 -12.00 2.48 7.28
C LEU A 116 -12.76 1.86 8.45
N ALA A 117 -12.95 0.55 8.42
CA ALA A 117 -13.63 -0.18 9.51
C ALA A 117 -12.71 -0.28 10.75
N ALA A 118 -11.41 -0.18 10.52
CA ALA A 118 -10.36 -0.19 11.54
C ALA A 118 -10.24 -1.46 12.42
N GLU A 119 -9.57 -2.46 11.87
CA GLU A 119 -9.26 -3.71 12.58
C GLU A 119 -8.21 -3.44 13.66
N GLY A 1 -8.10 -16.85 7.52
CA GLY A 1 -7.23 -17.79 6.77
C GLY A 1 -7.34 -19.19 7.31
N SER A 2 -7.09 -20.21 6.50
CA SER A 2 -7.22 -21.58 6.96
C SER A 2 -6.14 -21.89 8.00
N HIS A 3 -6.54 -22.57 9.08
CA HIS A 3 -5.70 -22.94 10.24
C HIS A 3 -5.20 -21.75 11.10
N MET A 4 -4.62 -20.75 10.45
CA MET A 4 -4.11 -19.56 11.13
C MET A 4 -5.22 -18.65 11.66
N SER A 5 -6.44 -18.87 11.16
CA SER A 5 -7.67 -18.14 11.53
C SER A 5 -7.71 -16.68 11.02
N THR A 6 -6.71 -15.89 11.35
CA THR A 6 -6.62 -14.50 10.88
C THR A 6 -6.20 -14.48 9.43
N ASP A 7 -6.21 -13.30 8.84
CA ASP A 7 -5.84 -13.15 7.44
C ASP A 7 -4.91 -11.95 7.33
N PRO A 8 -4.02 -11.93 6.33
CA PRO A 8 -2.97 -10.92 6.13
C PRO A 8 -3.30 -9.48 6.10
N VAL A 9 -4.35 -9.10 5.41
CA VAL A 9 -4.50 -7.76 5.09
C VAL A 9 -4.96 -7.26 6.42
N ALA A 10 -5.86 -8.05 7.00
CA ALA A 10 -6.52 -7.71 8.22
C ALA A 10 -5.46 -7.58 9.33
N ALA A 11 -4.58 -8.57 9.37
CA ALA A 11 -3.47 -8.63 10.33
C ALA A 11 -2.60 -7.38 10.21
N SER A 12 -2.33 -6.95 8.99
CA SER A 12 -1.59 -5.69 8.86
C SER A 12 -2.42 -4.45 9.24
N ILE A 13 -3.74 -4.41 9.07
CA ILE A 13 -4.49 -3.26 9.58
C ILE A 13 -4.27 -3.22 11.08
N MET A 14 -4.33 -4.39 11.72
CA MET A 14 -4.09 -4.47 13.14
C MET A 14 -2.70 -3.95 13.57
N LYS A 15 -1.60 -4.29 12.90
CA LYS A 15 -0.33 -3.86 13.39
C LYS A 15 -0.22 -2.36 13.23
N ILE A 16 -0.80 -1.82 12.16
CA ILE A 16 -0.60 -0.42 11.90
C ILE A 16 -1.21 0.41 13.04
N TYR A 17 -2.40 0.03 13.47
CA TYR A 17 -3.08 0.75 14.56
C TYR A 17 -2.60 0.38 15.97
N THR A 18 -2.09 -0.83 16.19
CA THR A 18 -1.62 -1.19 17.53
C THR A 18 -0.25 -0.58 17.83
N PHE A 19 0.62 -0.50 16.85
CA PHE A 19 1.93 0.08 17.01
C PHE A 19 1.88 1.58 16.65
N ASN A 20 0.72 2.19 16.89
CA ASN A 20 0.49 3.60 16.58
C ASN A 20 1.22 4.51 17.58
N LYS A 21 2.46 4.81 17.27
CA LYS A 21 3.30 5.66 18.11
C LYS A 21 3.09 7.14 17.77
N ASP A 22 2.62 7.39 16.57
CA ASP A 22 2.41 8.75 16.07
C ASP A 22 1.07 8.80 15.34
N GLN A 23 0.07 9.33 16.03
CA GLN A 23 -1.30 9.39 15.50
C GLN A 23 -1.39 10.17 14.21
N ASP A 24 -0.63 11.25 14.08
CA ASP A 24 -0.69 12.06 12.88
C ASP A 24 -0.09 11.27 11.75
N ARG A 25 1.06 10.64 11.95
CA ARG A 25 1.66 9.85 10.89
C ARG A 25 0.83 8.67 10.46
N VAL A 26 0.08 8.05 11.35
CA VAL A 26 -0.84 6.99 10.89
C VAL A 26 -1.89 7.62 9.99
N LYS A 27 -2.45 8.77 10.37
CA LYS A 27 -3.42 9.45 9.51
C LYS A 27 -2.79 9.84 8.18
N LEU A 28 -1.57 10.34 8.19
CA LEU A 28 -0.88 10.80 7.06
C LEU A 28 -0.53 9.64 6.13
N GLY A 29 -0.32 8.48 6.72
CA GLY A 29 -0.09 7.26 5.95
C GLY A 29 -1.33 6.94 5.15
N VAL A 30 -2.47 6.85 5.83
CA VAL A 30 -3.75 6.58 5.16
C VAL A 30 -4.04 7.66 4.12
N ASP A 31 -3.74 8.91 4.44
CA ASP A 31 -3.93 10.04 3.54
C ASP A 31 -3.14 9.84 2.24
N THR A 32 -2.05 9.10 2.30
CA THR A 32 -1.25 8.80 1.10
C THR A 32 -1.82 7.59 0.36
N ILE A 33 -2.10 6.53 1.09
CA ILE A 33 -2.63 5.29 0.48
C ILE A 33 -3.97 5.50 -0.18
N ALA A 34 -4.92 6.10 0.54
CA ALA A 34 -6.25 6.30 0.00
C ALA A 34 -6.18 7.12 -1.29
N LYS A 35 -5.30 8.11 -1.31
CA LYS A 35 -5.12 8.96 -2.47
C LYS A 35 -4.55 8.22 -3.68
N TYR A 36 -3.51 7.44 -3.46
CA TYR A 36 -2.92 6.65 -4.50
C TYR A 36 -3.97 5.70 -5.09
N LEU A 37 -4.75 5.08 -4.23
CA LEU A 37 -5.79 4.16 -4.67
C LEU A 37 -6.88 4.89 -5.42
N ASP A 38 -7.20 6.10 -4.99
CA ASP A 38 -8.24 6.90 -5.62
C ASP A 38 -7.93 7.08 -7.09
N ASN A 39 -6.72 7.52 -7.42
CA ASN A 39 -6.37 7.78 -8.82
C ASN A 39 -6.48 6.54 -9.69
N ILE A 40 -6.16 5.39 -9.13
CA ILE A 40 -6.25 4.11 -9.83
C ILE A 40 -7.72 3.64 -9.95
N HIS A 41 -8.50 3.86 -8.91
CA HIS A 41 -9.92 3.49 -8.89
C HIS A 41 -10.80 4.40 -9.75
N LEU A 42 -10.62 5.71 -9.65
CA LEU A 42 -11.44 6.66 -10.39
C LEU A 42 -11.09 6.67 -11.87
N HIS A 43 -9.83 6.42 -12.18
CA HIS A 43 -9.36 6.34 -13.56
C HIS A 43 -8.79 4.93 -13.81
N PRO A 44 -9.66 3.92 -13.99
CA PRO A 44 -9.11 2.59 -14.26
C PRO A 44 -8.49 2.51 -15.64
N GLU A 45 -8.83 3.47 -16.48
CA GLU A 45 -8.27 3.59 -17.82
C GLU A 45 -6.79 3.94 -17.71
N GLU A 46 -6.41 4.57 -16.60
CA GLU A 46 -5.03 4.96 -16.41
C GLU A 46 -4.30 4.09 -15.40
N GLU A 47 -4.09 2.84 -15.81
CA GLU A 47 -3.32 1.89 -15.07
C GLU A 47 -1.94 2.44 -14.70
N LYS A 48 -1.47 3.38 -15.50
CA LYS A 48 -0.22 4.06 -15.29
C LYS A 48 -0.05 4.70 -13.93
N TYR A 49 -1.13 4.89 -13.18
CA TYR A 49 -1.02 5.45 -11.83
C TYR A 49 -0.48 4.45 -10.80
N ARG A 50 -0.49 3.15 -11.14
CA ARG A 50 -0.05 2.06 -10.23
C ARG A 50 1.37 2.17 -9.68
N LYS A 51 2.13 3.03 -10.32
CA LYS A 51 3.56 3.21 -10.03
C LYS A 51 3.83 4.02 -8.77
N ILE A 52 4.30 3.36 -7.74
CA ILE A 52 4.59 4.03 -6.47
C ILE A 52 6.05 3.77 -6.04
N LYS A 53 6.94 4.69 -6.39
CA LYS A 53 8.34 4.58 -5.98
C LYS A 53 8.41 4.73 -4.46
N LEU A 54 9.35 4.07 -3.81
CA LEU A 54 9.52 4.17 -2.36
C LEU A 54 10.28 5.40 -1.88
N GLN A 55 11.06 6.04 -2.75
CA GLN A 55 11.95 7.10 -2.36
C GLN A 55 11.54 8.46 -2.83
N ASN A 56 10.66 9.02 -2.02
CA ASN A 56 10.12 10.37 -2.21
C ASN A 56 10.12 11.02 -0.84
N LYS A 57 10.17 12.35 -0.75
CA LYS A 57 10.13 13.01 0.56
C LYS A 57 8.78 12.74 1.25
N VAL A 58 7.71 12.66 0.46
CA VAL A 58 6.39 12.37 1.02
C VAL A 58 6.43 10.97 1.65
N PHE A 59 6.98 10.01 0.94
CA PHE A 59 7.15 8.68 1.47
C PHE A 59 7.98 8.67 2.74
N GLN A 60 9.09 9.38 2.74
CA GLN A 60 9.97 9.40 3.90
C GLN A 60 9.22 9.85 5.15
N GLU A 61 8.48 10.95 5.04
CA GLU A 61 7.77 11.50 6.20
C GLU A 61 6.53 10.73 6.63
N ARG A 62 5.77 10.19 5.67
CA ARG A 62 4.46 9.61 5.99
C ARG A 62 4.36 8.09 5.98
N ILE A 63 5.34 7.44 5.38
CA ILE A 63 5.34 5.96 5.28
C ILE A 63 6.64 5.30 5.80
N ASN A 64 7.79 5.81 5.41
CA ASN A 64 9.07 5.20 5.80
C ASN A 64 9.35 5.34 7.29
N CYS A 65 8.79 6.39 7.89
CA CYS A 65 8.94 6.64 9.32
C CYS A 65 7.63 6.26 10.02
N LEU A 66 6.93 5.30 9.45
CA LEU A 66 5.65 4.85 9.96
C LEU A 66 5.66 3.33 10.13
N GLU A 67 4.48 2.75 10.33
CA GLU A 67 4.31 1.33 10.57
C GLU A 67 4.40 0.45 9.34
N GLY A 68 4.03 -0.82 9.49
CA GLY A 68 4.02 -1.79 8.39
C GLY A 68 2.93 -1.52 7.38
N THR A 69 2.74 -0.26 7.07
CA THR A 69 1.78 0.17 6.05
C THR A 69 1.98 -0.51 4.72
N HIS A 70 3.21 -0.77 4.34
CA HIS A 70 3.44 -1.31 3.03
C HIS A 70 3.15 -2.81 2.91
N GLU A 71 3.14 -3.53 4.03
CA GLU A 71 2.84 -4.93 4.04
C GLU A 71 1.36 -5.14 3.76
N PHE A 72 0.56 -4.16 4.16
CA PHE A 72 -0.88 -4.16 3.94
C PHE A 72 -1.12 -4.27 2.42
N PHE A 73 -0.38 -3.45 1.69
CA PHE A 73 -0.31 -3.42 0.22
C PHE A 73 0.28 -4.68 -0.41
N GLU A 74 1.39 -5.21 0.10
CA GLU A 74 1.94 -6.42 -0.51
C GLU A 74 0.98 -7.59 -0.30
N ALA A 75 0.27 -7.57 0.82
CA ALA A 75 -0.73 -8.58 1.12
C ALA A 75 -1.91 -8.55 0.15
N ILE A 76 -2.20 -7.40 -0.46
CA ILE A 76 -3.34 -7.34 -1.39
C ILE A 76 -2.85 -7.73 -2.78
N GLY A 77 -1.53 -7.72 -2.97
CA GLY A 77 -0.95 -8.09 -4.25
C GLY A 77 -0.01 -7.08 -4.87
N PHE A 78 0.55 -6.14 -4.10
CA PHE A 78 1.51 -5.21 -4.67
C PHE A 78 2.85 -5.91 -4.70
N GLN A 79 3.65 -5.56 -5.70
CA GLN A 79 4.96 -6.14 -5.86
C GLN A 79 5.99 -5.05 -6.03
N LYS A 80 7.20 -5.33 -5.58
CA LYS A 80 8.34 -4.43 -5.68
C LYS A 80 9.04 -4.73 -6.98
N VAL A 81 9.59 -3.73 -7.67
CA VAL A 81 10.26 -3.98 -8.93
C VAL A 81 11.50 -3.11 -8.89
N LEU A 82 12.41 -3.40 -9.79
CA LEU A 82 13.53 -2.59 -10.11
C LEU A 82 13.28 -2.35 -11.61
N LEU A 83 13.70 -1.22 -12.16
CA LEU A 83 13.38 -0.94 -13.57
C LEU A 83 14.69 -0.33 -14.14
N PRO A 84 15.00 -0.63 -15.42
CA PRO A 84 16.22 -0.10 -16.03
C PRO A 84 16.10 1.35 -16.55
N ALA A 85 16.49 2.30 -15.71
CA ALA A 85 16.51 3.72 -16.09
C ALA A 85 17.51 4.42 -15.32
N GLN A 86 17.95 5.39 -16.07
CA GLN A 86 19.16 6.05 -15.88
C GLN A 86 18.89 7.38 -15.18
N ASP A 87 17.67 7.43 -14.66
CA ASP A 87 17.19 8.54 -13.86
C ASP A 87 17.63 8.29 -12.43
N GLN A 88 18.01 7.04 -12.18
CA GLN A 88 18.40 6.56 -10.86
C GLN A 88 19.50 5.50 -11.00
N GLU A 89 20.74 5.92 -10.81
CA GLU A 89 21.88 4.99 -10.84
C GLU A 89 22.08 4.43 -9.45
N ASP A 90 21.00 4.42 -8.70
CA ASP A 90 20.96 3.86 -7.38
C ASP A 90 19.74 2.94 -7.24
N PRO A 91 19.81 1.96 -6.34
CA PRO A 91 18.72 0.98 -6.22
C PRO A 91 17.49 1.44 -5.45
N GLU A 92 16.50 1.86 -6.22
CA GLU A 92 15.23 2.30 -5.67
C GLU A 92 14.10 1.43 -6.21
N GLU A 93 13.30 0.88 -5.30
CA GLU A 93 12.20 0.02 -5.70
C GLU A 93 10.95 0.81 -6.08
N PHE A 94 10.07 0.18 -6.84
CA PHE A 94 8.77 0.73 -7.17
C PHE A 94 7.76 -0.31 -6.73
N TYR A 95 6.71 0.12 -6.09
CA TYR A 95 5.61 -0.77 -5.76
C TYR A 95 4.62 -0.59 -6.86
N VAL A 96 4.00 -1.68 -7.25
CA VAL A 96 3.00 -1.66 -8.31
C VAL A 96 1.91 -2.63 -7.97
N LEU A 97 0.67 -2.26 -8.27
CA LEU A 97 -0.47 -3.13 -8.06
C LEU A 97 -0.41 -4.18 -9.16
N SER A 98 -0.10 -5.42 -8.78
CA SER A 98 0.10 -6.50 -9.74
C SER A 98 -1.23 -7.06 -10.29
N GLU A 99 -1.11 -7.80 -11.38
CA GLU A 99 -2.28 -8.35 -12.08
C GLU A 99 -3.16 -9.24 -11.22
N THR A 100 -2.57 -9.85 -10.21
CA THR A 100 -3.30 -10.76 -9.33
C THR A 100 -4.50 -10.08 -8.66
N THR A 101 -4.40 -8.78 -8.40
CA THR A 101 -5.50 -8.04 -7.81
C THR A 101 -6.25 -7.23 -8.85
N LEU A 102 -5.58 -6.88 -9.95
CA LEU A 102 -6.23 -6.12 -11.02
C LEU A 102 -7.40 -6.92 -11.59
N ALA A 103 -7.22 -8.23 -11.67
CA ALA A 103 -8.25 -9.13 -12.17
C ALA A 103 -9.51 -9.11 -11.30
N GLN A 104 -9.35 -8.76 -10.02
CA GLN A 104 -10.43 -8.71 -9.08
C GLN A 104 -10.49 -7.35 -8.36
N PRO A 105 -11.14 -6.37 -8.99
CA PRO A 105 -11.23 -5.01 -8.44
C PRO A 105 -11.98 -4.96 -7.11
N GLN A 106 -12.80 -5.97 -6.86
CA GLN A 106 -13.51 -6.09 -5.58
C GLN A 106 -12.54 -6.21 -4.41
N SER A 107 -11.36 -6.75 -4.65
CA SER A 107 -10.36 -6.91 -3.61
C SER A 107 -9.69 -5.57 -3.32
N LEU A 108 -9.55 -4.74 -4.34
CA LEU A 108 -9.00 -3.40 -4.17
C LEU A 108 -10.00 -2.56 -3.38
N GLU A 109 -11.27 -2.72 -3.70
CA GLU A 109 -12.32 -2.05 -2.98
C GLU A 109 -12.33 -2.51 -1.53
N ARG A 110 -12.26 -3.81 -1.28
CA ARG A 110 -12.24 -4.33 0.09
C ARG A 110 -11.02 -3.85 0.86
N HIS A 111 -9.87 -3.76 0.22
CA HIS A 111 -8.67 -3.20 0.87
C HIS A 111 -8.97 -1.84 1.52
N LYS A 112 -9.61 -0.95 0.77
CA LYS A 112 -9.97 0.38 1.26
C LYS A 112 -11.03 0.25 2.36
N GLU A 113 -12.01 -0.60 2.14
CA GLU A 113 -13.13 -0.74 3.03
C GLU A 113 -12.74 -1.34 4.37
N GLN A 114 -11.85 -2.33 4.36
CA GLN A 114 -11.39 -2.97 5.59
C GLN A 114 -10.72 -1.94 6.47
N LEU A 115 -9.95 -1.08 5.83
CA LEU A 115 -9.19 -0.08 6.52
C LEU A 115 -10.11 0.92 7.22
N LEU A 116 -11.25 1.22 6.62
CA LEU A 116 -12.22 2.13 7.21
C LEU A 116 -12.85 1.50 8.46
N ALA A 117 -13.03 0.18 8.44
CA ALA A 117 -13.60 -0.55 9.57
C ALA A 117 -12.53 -0.81 10.65
N ALA A 118 -11.26 -0.72 10.23
CA ALA A 118 -10.10 -0.98 11.07
C ALA A 118 -10.07 -2.40 11.69
N GLU A 119 -10.46 -3.39 10.90
CA GLU A 119 -10.48 -4.80 11.34
C GLU A 119 -9.45 -5.65 10.60
#